data_8GME
#
_entry.id   8GME
#
_cell.length_a   109.862
_cell.length_b   114.353
_cell.length_c   147.379
_cell.angle_alpha   90.000
_cell.angle_beta   90.000
_cell.angle_gamma   90.000
#
_symmetry.space_group_name_H-M   'P 21 21 21'
#
loop_
_entity.id
_entity.type
_entity.pdbx_description
1 polymer gp32
2 polymer 'Dda helicase'
3 polymer dT17
4 non-polymer 'ZINC ION'
#
loop_
_entity_poly.entity_id
_entity_poly.type
_entity_poly.pdbx_seq_one_letter_code
_entity_poly.pdbx_strand_id
1 'polypeptide(L)'
;MFKRKSTAELAAQMAKLNGNKGFSSEDKGEWKLKLDNAGNGQAVIRFLPSKNDEQAPFAILVNHGFKKNGKWYIETCSST
HGDYDSCPVCQYISKNDLYNTDNKEYSLVKRKTSYWANILVVKDPAAPENEGKVFKYRFGKKIWDKINAMIAVDVEMGET
PVDVTCPWEGANFVLKVKQVSGFSNYDESKFLNQSAIPNIDDESFQKELFEQMVDLSEMTSKDKFKSFEELNTKFGQVMG
TAVMGGAAATAAKKADKVADDLDAFNVDDFNTKTEDDFMSSSSGSSSSADDTDLDDLLNDL
;
A,B
2 'polypeptide(L)'
;MGSSHHHHHHSSGLVPRGSHMTFDDLTEGQKNAFNIVMKAIKEKKHHVTINGPAGTGATTLTKFIIEALISTGETGIILA
APTHAAKKILSKLSGKEASTIHSILKINPVTYEENVLFEQKEVPDLAKCRVLICDEVSMYDRKLFKILLSTIPPWCTIIG
IGDNKQIRPVDPGENTAYISPFFTHKDFYQCELTEVKRSNAPIIDVATDVRNGKWIYDKVVDGHGVRGFTGDTALRDFMV
NYFSIVKSLDDLFENRVMAFTNKSVDKLNSIIRKKIFETDKDFIVGEIIVMQEPLFKTYKIDGKPVSEIIFNNGQLVRII
EAEYTSTFVKARGVPGEYLIRHWDLTVETYGDDEYYREKIKIISSDEELYKFNLFLGKTAETYKNWNKGGKAPWSDFWDA
KSQFSKVKALPASTFHKAQGMSVDRAFIYTPCIHYADVELAQQLLYVGVTRGRYDVFYV
;
C,D
3 'polydeoxyribonucleotide' (DT)(DT)(DT)(DT)(DT)(DT)(DT)(DT)(DT)(DT)(DT)(DT)(DT)(DT)(DT)(DT)(DT) P,Q
#
loop_
_chem_comp.id
_chem_comp.type
_chem_comp.name
_chem_comp.formula
DT DNA linking THYMIDINE-5'-MONOPHOSPHATE 'C10 H15 N2 O8 P'
ZN non-polymer 'ZINC ION' 'Zn 2'
#
# COMPACT_ATOMS: atom_id res chain seq x y z
N SER A 24 -11.66 -20.56 -17.37
CA SER A 24 -13.04 -20.26 -17.02
C SER A 24 -13.19 -18.86 -16.44
N SER A 25 -14.27 -18.67 -15.69
CA SER A 25 -14.59 -17.42 -15.00
C SER A 25 -15.08 -17.63 -13.58
N GLU A 26 -15.63 -18.80 -13.26
CA GLU A 26 -16.22 -19.10 -11.96
C GLU A 26 -15.23 -18.93 -10.81
N ASP A 27 -13.94 -19.21 -11.04
CA ASP A 27 -12.96 -19.07 -9.98
C ASP A 27 -12.84 -17.62 -9.52
N LYS A 28 -13.01 -16.67 -10.44
CA LYS A 28 -13.07 -15.26 -10.08
C LYS A 28 -14.41 -14.87 -9.49
N GLY A 29 -15.36 -15.80 -9.46
CA GLY A 29 -16.67 -15.60 -8.89
C GLY A 29 -17.74 -15.16 -9.86
N GLU A 30 -17.43 -15.13 -11.16
CA GLU A 30 -18.37 -14.72 -12.20
C GLU A 30 -18.66 -15.91 -13.11
N TRP A 31 -19.92 -16.14 -13.42
CA TRP A 31 -20.28 -17.23 -14.32
C TRP A 31 -20.05 -16.83 -15.78
N LYS A 32 -19.59 -17.79 -16.58
CA LYS A 32 -19.54 -17.63 -18.03
C LYS A 32 -20.01 -18.93 -18.67
N LEU A 33 -20.26 -18.85 -19.97
CA LEU A 33 -20.85 -19.97 -20.68
C LEU A 33 -19.78 -20.97 -21.10
N LYS A 34 -20.09 -22.25 -20.94
CA LYS A 34 -19.31 -23.32 -21.56
C LYS A 34 -19.68 -23.38 -23.03
N LEU A 35 -18.83 -22.79 -23.87
CA LEU A 35 -19.08 -22.71 -25.30
C LEU A 35 -18.97 -24.08 -25.96
N ASP A 36 -19.85 -24.32 -26.94
CA ASP A 36 -19.82 -25.53 -27.75
C ASP A 36 -18.65 -25.48 -28.72
N ASN A 37 -18.52 -26.56 -29.49
CA ASN A 37 -17.55 -26.57 -30.58
C ASN A 37 -17.83 -25.43 -31.55
N ALA A 38 -19.10 -25.21 -31.90
CA ALA A 38 -19.48 -24.01 -32.65
C ALA A 38 -19.38 -22.75 -31.80
N GLY A 39 -19.19 -22.88 -30.49
CA GLY A 39 -19.22 -21.77 -29.57
C GLY A 39 -20.60 -21.45 -29.06
N ASN A 40 -21.61 -22.14 -29.55
CA ASN A 40 -23.00 -21.91 -29.18
C ASN A 40 -23.27 -22.40 -27.76
N GLY A 41 -24.27 -21.79 -27.12
CA GLY A 41 -24.62 -22.17 -25.78
C GLY A 41 -25.96 -21.62 -25.33
N GLN A 42 -26.72 -22.41 -24.57
CA GLN A 42 -28.00 -21.97 -24.03
C GLN A 42 -28.04 -22.17 -22.52
N ALA A 43 -28.66 -21.22 -21.83
CA ALA A 43 -28.74 -21.22 -20.38
C ALA A 43 -29.96 -20.44 -19.94
N VAL A 44 -30.48 -20.76 -18.76
CA VAL A 44 -31.71 -20.19 -18.24
C VAL A 44 -31.40 -19.64 -16.86
N ILE A 45 -31.67 -18.35 -16.64
CA ILE A 45 -31.33 -17.70 -15.38
C ILE A 45 -32.39 -16.68 -14.98
N ARG A 46 -32.44 -16.40 -13.69
CA ARG A 46 -33.25 -15.33 -13.10
C ARG A 46 -32.31 -14.33 -12.43
N PHE A 47 -32.78 -13.10 -12.31
CA PHE A 47 -31.94 -11.98 -11.91
C PHE A 47 -32.11 -11.68 -10.43
N LEU A 48 -31.38 -10.67 -9.97
CA LEU A 48 -31.49 -10.20 -8.60
C LEU A 48 -31.84 -8.72 -8.58
N PRO A 49 -32.65 -8.27 -7.62
CA PRO A 49 -33.04 -6.85 -7.61
C PRO A 49 -31.90 -5.95 -7.13
N SER A 50 -32.20 -5.12 -6.13
CA SER A 50 -31.24 -4.20 -5.55
C SER A 50 -30.82 -4.75 -4.19
N LYS A 51 -29.51 -4.89 -4.00
CA LYS A 51 -29.01 -5.41 -2.73
C LYS A 51 -29.34 -4.46 -1.59
N ASN A 52 -29.09 -3.16 -1.78
CA ASN A 52 -29.50 -2.15 -0.82
C ASN A 52 -30.88 -1.56 -1.15
N ASP A 53 -31.49 -0.97 -0.14
CA ASP A 53 -32.82 -0.40 -0.25
C ASP A 53 -32.83 0.85 -1.12
N GLU A 54 -33.73 0.89 -2.09
CA GLU A 54 -33.99 2.05 -2.94
C GLU A 54 -32.76 2.50 -3.73
N GLN A 55 -31.71 1.68 -3.79
CA GLN A 55 -30.51 2.05 -4.54
C GLN A 55 -29.78 0.79 -4.96
N ALA A 56 -28.80 0.97 -5.83
CA ALA A 56 -27.92 -0.10 -6.29
C ALA A 56 -28.63 -1.35 -6.82
N PRO A 57 -29.48 -1.20 -7.86
CA PRO A 57 -30.02 -2.40 -8.51
C PRO A 57 -29.00 -3.07 -9.41
N PHE A 58 -28.21 -2.27 -10.13
CA PHE A 58 -27.25 -2.81 -11.11
C PHE A 58 -26.00 -1.93 -11.12
N ALA A 59 -25.11 -2.19 -12.06
CA ALA A 59 -23.86 -1.46 -12.21
C ALA A 59 -23.52 -1.29 -13.68
N ILE A 60 -22.69 -0.27 -13.97
CA ILE A 60 -22.23 0.02 -15.32
C ILE A 60 -20.75 0.34 -15.25
N LEU A 61 -19.92 -0.44 -15.95
CA LEU A 61 -18.47 -0.33 -15.88
C LEU A 61 -17.90 0.17 -17.20
N VAL A 62 -16.95 1.10 -17.12
CA VAL A 62 -16.22 1.63 -18.26
C VAL A 62 -14.76 1.26 -18.14
N ASN A 63 -14.19 0.69 -19.20
CA ASN A 63 -12.80 0.26 -19.22
C ASN A 63 -12.21 0.43 -20.61
N HIS A 64 -11.13 1.21 -20.74
CA HIS A 64 -10.39 1.24 -22.03
C HIS A 64 -9.54 -0.03 -22.09
N GLY A 65 -9.64 -0.79 -23.18
CA GLY A 65 -8.88 -2.01 -23.29
C GLY A 65 -8.24 -2.19 -24.65
N PHE A 66 -6.93 -2.41 -24.68
CA PHE A 66 -6.23 -2.53 -25.95
C PHE A 66 -4.92 -3.27 -25.70
N LYS A 67 -4.29 -3.66 -26.80
CA LYS A 67 -3.00 -4.32 -26.77
C LYS A 67 -2.15 -3.71 -27.86
N LYS A 68 -0.96 -3.25 -27.51
CA LYS A 68 -0.09 -2.75 -28.56
C LYS A 68 1.35 -2.84 -28.09
N ASN A 69 2.26 -3.05 -29.05
CA ASN A 69 3.65 -3.34 -28.78
C ASN A 69 3.82 -4.54 -27.84
N GLY A 70 2.86 -5.47 -27.90
CA GLY A 70 2.81 -6.56 -26.95
C GLY A 70 2.33 -6.10 -25.58
N LYS A 71 2.62 -4.85 -25.25
CA LYS A 71 2.13 -4.27 -24.01
C LYS A 71 0.61 -4.23 -24.01
N TRP A 72 0.05 -4.18 -22.81
CA TRP A 72 -1.37 -4.35 -22.59
C TRP A 72 -1.90 -3.25 -21.68
N TYR A 73 -3.22 -3.05 -21.74
CA TYR A 73 -3.91 -2.18 -20.80
C TYR A 73 -5.33 -2.67 -20.60
N ILE A 74 -5.65 -3.07 -19.37
CA ILE A 74 -7.01 -3.45 -18.99
C ILE A 74 -7.28 -2.88 -17.60
N GLU A 75 -7.72 -1.62 -17.56
CA GLU A 75 -8.06 -0.95 -16.31
C GLU A 75 -9.25 -0.01 -16.53
N THR A 76 -9.80 0.47 -15.43
CA THR A 76 -11.06 1.18 -15.42
C THR A 76 -10.90 2.62 -15.94
N CYS A 77 -12.03 3.33 -16.04
CA CYS A 77 -12.07 4.73 -16.40
C CYS A 77 -12.94 5.53 -15.43
N SER A 78 -12.45 6.72 -15.09
CA SER A 78 -13.14 7.64 -14.20
C SER A 78 -14.21 8.45 -14.91
N SER A 79 -14.19 8.50 -16.25
CA SER A 79 -15.31 9.10 -16.95
C SER A 79 -16.57 8.28 -16.77
N THR A 80 -16.45 7.11 -16.13
CA THR A 80 -17.62 6.33 -15.73
C THR A 80 -18.55 7.18 -14.89
N HIS A 81 -17.98 7.98 -13.98
CA HIS A 81 -18.75 8.93 -13.18
C HIS A 81 -18.69 10.34 -13.79
N GLY A 82 -18.41 10.43 -15.09
CA GLY A 82 -18.36 11.68 -15.81
C GLY A 82 -17.03 12.40 -15.76
N ASP A 83 -16.06 11.89 -15.01
CA ASP A 83 -14.75 12.53 -14.90
C ASP A 83 -13.90 12.14 -16.10
N TYR A 84 -14.12 12.87 -17.21
CA TYR A 84 -13.26 12.70 -18.38
C TYR A 84 -11.82 13.10 -18.09
N ASP A 85 -11.59 13.92 -17.06
CA ASP A 85 -10.26 14.46 -16.81
C ASP A 85 -9.33 13.47 -16.10
N SER A 86 -9.85 12.71 -15.13
CA SER A 86 -9.01 11.81 -14.33
C SER A 86 -8.72 10.47 -15.00
N CYS A 87 -8.43 10.50 -16.29
CA CYS A 87 -8.09 9.36 -17.13
C CYS A 87 -7.23 9.74 -18.34
N PRO A 88 -5.94 9.37 -18.34
CA PRO A 88 -5.08 9.76 -19.47
C PRO A 88 -5.50 9.17 -20.79
N VAL A 89 -6.29 8.09 -20.79
CA VAL A 89 -6.81 7.56 -22.04
C VAL A 89 -7.96 8.41 -22.57
N CYS A 90 -8.60 9.17 -21.69
CA CYS A 90 -9.71 10.07 -22.03
C CYS A 90 -9.13 11.39 -22.57
N GLN A 91 -8.14 11.92 -21.84
CA GLN A 91 -7.59 13.25 -22.21
C GLN A 91 -6.94 13.23 -23.59
N TYR A 92 -6.07 12.26 -23.87
CA TYR A 92 -5.34 12.30 -25.14
C TYR A 92 -6.30 12.27 -26.34
N ILE A 93 -7.47 11.64 -26.19
CA ILE A 93 -8.47 11.71 -27.26
C ILE A 93 -8.90 13.14 -27.50
N SER A 94 -9.29 13.85 -26.44
CA SER A 94 -9.84 15.19 -26.62
C SER A 94 -8.81 16.17 -27.19
N LYS A 95 -7.53 15.98 -26.89
CA LYS A 95 -6.51 16.85 -27.46
C LYS A 95 -6.44 16.68 -28.97
N ASN A 96 -6.37 15.44 -29.45
CA ASN A 96 -6.26 15.19 -30.88
C ASN A 96 -7.59 14.83 -31.56
N ASP A 97 -8.66 14.59 -30.80
CA ASP A 97 -9.93 14.10 -31.32
C ASP A 97 -9.71 12.93 -32.27
N LEU A 98 -9.13 11.84 -31.73
CA LEU A 98 -8.83 10.67 -32.53
C LEU A 98 -10.08 10.09 -33.17
N TYR A 99 -11.27 10.44 -32.67
CA TYR A 99 -12.51 9.93 -33.26
C TYR A 99 -12.56 10.19 -34.76
N ASN A 100 -12.01 11.32 -35.21
CA ASN A 100 -11.82 11.58 -36.62
C ASN A 100 -10.37 11.76 -37.03
N THR A 101 -9.49 12.14 -36.10
CA THR A 101 -8.07 12.35 -36.43
C THR A 101 -7.40 11.05 -36.83
N ASP A 102 -7.66 9.99 -36.08
CA ASP A 102 -7.16 8.64 -36.36
C ASP A 102 -8.20 7.73 -35.71
N ASN A 103 -9.25 7.44 -36.48
CA ASN A 103 -10.38 6.67 -35.97
C ASN A 103 -10.00 5.21 -35.76
N LYS A 104 -9.13 4.67 -36.60
CA LYS A 104 -8.65 3.30 -36.40
C LYS A 104 -7.89 3.19 -35.08
N GLU A 105 -7.05 4.15 -34.76
CA GLU A 105 -6.38 4.16 -33.46
C GLU A 105 -7.37 4.46 -32.35
N TYR A 106 -8.39 5.26 -32.64
CA TYR A 106 -9.44 5.56 -31.68
C TYR A 106 -10.17 4.29 -31.23
N SER A 107 -10.59 3.47 -32.20
CA SER A 107 -11.32 2.24 -31.89
C SER A 107 -10.49 1.25 -31.09
N LEU A 108 -9.18 1.18 -31.36
CA LEU A 108 -8.34 0.21 -30.67
C LEU A 108 -8.33 0.47 -29.16
N VAL A 109 -8.34 1.73 -28.75
CA VAL A 109 -8.14 2.10 -27.36
C VAL A 109 -9.41 2.59 -26.66
N LYS A 110 -10.45 2.97 -27.42
CA LYS A 110 -11.65 3.62 -26.88
C LYS A 110 -12.23 2.88 -25.68
N ARG A 111 -12.88 3.64 -24.80
CA ARG A 111 -13.54 3.09 -23.63
C ARG A 111 -14.59 2.03 -24.01
N LYS A 112 -14.64 0.97 -23.21
CA LYS A 112 -15.61 -0.11 -23.36
C LYS A 112 -16.55 -0.09 -22.16
N THR A 113 -17.85 -0.18 -22.42
CA THR A 113 -18.86 -0.12 -21.37
C THR A 113 -19.30 -1.53 -20.98
N SER A 114 -19.15 -1.84 -19.69
CA SER A 114 -19.46 -3.15 -19.13
C SER A 114 -20.63 -3.01 -18.16
N TYR A 115 -21.65 -3.84 -18.33
CA TYR A 115 -22.81 -3.84 -17.46
C TYR A 115 -22.79 -5.08 -16.58
N TRP A 116 -23.00 -4.88 -15.27
CA TRP A 116 -22.80 -5.92 -14.26
C TRP A 116 -24.06 -6.08 -13.43
N ALA A 117 -24.37 -7.33 -13.07
CA ALA A 117 -25.54 -7.62 -12.24
C ALA A 117 -25.38 -8.99 -11.61
N ASN A 118 -26.19 -9.24 -10.59
CA ASN A 118 -26.29 -10.57 -10.00
C ASN A 118 -27.35 -11.40 -10.72
N ILE A 119 -27.15 -12.72 -10.70
CA ILE A 119 -27.93 -13.64 -11.52
C ILE A 119 -28.20 -14.91 -10.72
N LEU A 120 -29.45 -15.37 -10.73
CA LEU A 120 -29.80 -16.67 -10.14
C LEU A 120 -30.05 -17.64 -11.29
N VAL A 121 -29.20 -18.65 -11.41
CA VAL A 121 -29.25 -19.62 -12.50
C VAL A 121 -30.40 -20.58 -12.30
N VAL A 122 -31.05 -20.96 -13.40
CA VAL A 122 -32.17 -21.91 -13.38
C VAL A 122 -31.79 -23.21 -14.09
N LYS A 123 -31.44 -23.13 -15.38
CA LYS A 123 -31.04 -24.30 -16.14
C LYS A 123 -29.82 -24.01 -17.00
N ASP A 124 -28.83 -24.90 -16.93
CA ASP A 124 -27.59 -24.78 -17.69
C ASP A 124 -27.16 -26.19 -18.07
N PRO A 125 -27.57 -26.66 -19.25
CA PRO A 125 -27.10 -27.98 -19.70
C PRO A 125 -25.61 -28.05 -19.97
N ALA A 126 -24.98 -26.92 -20.33
CA ALA A 126 -23.54 -26.94 -20.54
C ALA A 126 -22.82 -27.28 -19.24
N ALA A 127 -23.33 -26.81 -18.12
CA ALA A 127 -22.75 -27.07 -16.80
C ALA A 127 -23.89 -27.24 -15.82
N PRO A 128 -24.42 -28.46 -15.69
CA PRO A 128 -25.57 -28.68 -14.79
C PRO A 128 -25.29 -28.31 -13.34
N GLU A 129 -24.01 -28.27 -12.95
CA GLU A 129 -23.66 -27.82 -11.61
C GLU A 129 -23.98 -26.35 -11.39
N ASN A 130 -23.97 -25.52 -12.44
CA ASN A 130 -24.21 -24.09 -12.26
C ASN A 130 -25.65 -23.74 -11.92
N GLU A 131 -26.58 -24.67 -12.08
CA GLU A 131 -28.01 -24.39 -11.91
C GLU A 131 -28.40 -24.18 -10.44
N GLY A 132 -29.39 -23.30 -10.24
CA GLY A 132 -29.91 -23.01 -8.92
C GLY A 132 -29.04 -22.15 -8.05
N LYS A 133 -28.13 -21.37 -8.63
CA LYS A 133 -27.14 -20.64 -7.84
C LYS A 133 -27.01 -19.23 -8.40
N VAL A 134 -26.35 -18.37 -7.62
CA VAL A 134 -26.27 -16.94 -7.89
C VAL A 134 -24.81 -16.54 -8.15
N PHE A 135 -24.62 -15.63 -9.12
CA PHE A 135 -23.31 -15.12 -9.52
C PHE A 135 -23.39 -13.61 -9.76
N LYS A 136 -22.22 -13.03 -10.06
CA LYS A 136 -22.08 -11.71 -10.66
C LYS A 136 -21.80 -11.91 -12.15
N TYR A 137 -21.95 -10.85 -12.95
CA TYR A 137 -21.75 -11.06 -14.37
C TYR A 137 -21.63 -9.73 -15.13
N ARG A 138 -20.85 -9.77 -16.22
CA ARG A 138 -20.60 -8.62 -17.10
C ARG A 138 -21.05 -8.94 -18.51
N PHE A 139 -21.73 -7.99 -19.17
CA PHE A 139 -22.19 -8.26 -20.53
C PHE A 139 -21.97 -7.01 -21.39
N GLY A 140 -22.56 -7.02 -22.58
CA GLY A 140 -22.38 -5.97 -23.56
C GLY A 140 -23.61 -5.10 -23.69
N LYS A 141 -23.50 -4.13 -24.59
CA LYS A 141 -24.48 -3.05 -24.56
C LYS A 141 -25.78 -3.35 -25.30
N LYS A 142 -25.75 -4.14 -26.38
CA LYS A 142 -26.98 -4.48 -27.08
C LYS A 142 -28.05 -5.02 -26.14
N ILE A 143 -27.66 -5.92 -25.23
CA ILE A 143 -28.59 -6.43 -24.23
C ILE A 143 -29.15 -5.29 -23.41
N TRP A 144 -28.30 -4.32 -23.05
CA TRP A 144 -28.76 -3.17 -22.26
C TRP A 144 -29.85 -2.40 -22.99
N ASP A 145 -29.70 -2.18 -24.31
CA ASP A 145 -30.79 -1.59 -25.07
C ASP A 145 -32.03 -2.48 -25.04
N LYS A 146 -31.84 -3.80 -25.21
CA LYS A 146 -32.96 -4.72 -25.11
C LYS A 146 -33.49 -4.77 -23.68
N ILE A 147 -32.61 -4.79 -22.69
CA ILE A 147 -33.06 -4.64 -21.30
C ILE A 147 -33.86 -3.35 -21.15
N ASN A 148 -33.36 -2.25 -21.73
CA ASN A 148 -34.14 -1.01 -21.73
C ASN A 148 -35.41 -1.14 -22.57
N ALA A 149 -35.32 -1.82 -23.72
CA ALA A 149 -36.51 -2.04 -24.55
C ALA A 149 -37.55 -2.89 -23.83
N MET A 150 -37.11 -3.90 -23.07
CA MET A 150 -38.05 -4.74 -22.33
C MET A 150 -38.67 -4.00 -21.15
N ILE A 151 -37.90 -3.19 -20.43
CA ILE A 151 -38.45 -2.58 -19.23
C ILE A 151 -39.41 -1.44 -19.56
N ALA A 152 -39.24 -0.75 -20.68
CA ALA A 152 -40.06 0.41 -21.02
C ALA A 152 -41.08 0.02 -22.08
N VAL A 153 -42.34 -0.09 -21.67
CA VAL A 153 -43.45 -0.36 -22.58
C VAL A 153 -44.53 0.68 -22.35
N ASP A 154 -45.23 1.04 -23.42
CA ASP A 154 -46.34 1.98 -23.30
C ASP A 154 -47.54 1.30 -22.62
N VAL A 155 -48.51 2.12 -22.23
CA VAL A 155 -49.76 1.60 -21.71
C VAL A 155 -50.71 1.17 -22.81
N GLU A 156 -50.56 1.71 -24.02
CA GLU A 156 -51.51 1.44 -25.09
C GLU A 156 -51.41 0.00 -25.60
N MET A 157 -50.22 -0.59 -25.58
CA MET A 157 -50.05 -1.95 -26.07
C MET A 157 -50.52 -2.98 -25.04
N GLY A 158 -51.48 -2.60 -24.20
CA GLY A 158 -52.06 -3.52 -23.22
C GLY A 158 -51.05 -4.04 -22.23
N GLU A 159 -50.00 -4.69 -22.73
CA GLU A 159 -48.90 -5.14 -21.89
C GLU A 159 -48.22 -3.96 -21.23
N THR A 160 -48.47 -3.77 -19.94
CA THR A 160 -47.81 -2.73 -19.17
C THR A 160 -46.36 -3.13 -18.91
N PRO A 161 -45.47 -2.15 -18.68
CA PRO A 161 -44.05 -2.47 -18.47
C PRO A 161 -43.86 -3.44 -17.31
N VAL A 162 -42.79 -4.23 -17.41
CA VAL A 162 -42.56 -5.35 -16.50
C VAL A 162 -41.12 -5.32 -16.03
N ASP A 163 -40.93 -5.47 -14.72
CA ASP A 163 -39.63 -5.65 -14.11
C ASP A 163 -39.35 -7.14 -13.97
N VAL A 164 -38.25 -7.60 -14.57
CA VAL A 164 -37.91 -9.02 -14.51
C VAL A 164 -37.55 -9.45 -13.09
N THR A 165 -37.09 -8.52 -12.25
CA THR A 165 -36.75 -8.84 -10.87
C THR A 165 -37.95 -8.82 -9.93
N CYS A 166 -39.12 -8.42 -10.40
CA CYS A 166 -40.30 -8.37 -9.54
C CYS A 166 -40.60 -9.77 -8.99
N PRO A 167 -40.90 -9.90 -7.69
CA PRO A 167 -41.19 -11.23 -7.15
C PRO A 167 -42.40 -11.89 -7.78
N TRP A 168 -43.43 -11.11 -8.09
CA TRP A 168 -44.68 -11.64 -8.63
C TRP A 168 -44.84 -11.37 -10.12
N GLU A 169 -44.27 -10.29 -10.63
CA GLU A 169 -44.36 -9.91 -12.04
C GLU A 169 -43.09 -10.24 -12.83
N GLY A 170 -41.98 -10.54 -12.17
CA GLY A 170 -40.72 -10.68 -12.87
C GLY A 170 -40.67 -11.91 -13.75
N ALA A 171 -39.68 -11.90 -14.66
CA ALA A 171 -39.48 -12.98 -15.61
C ALA A 171 -38.03 -13.45 -15.60
N ASN A 172 -37.84 -14.76 -15.78
CA ASN A 172 -36.55 -15.31 -16.13
C ASN A 172 -36.29 -15.10 -17.61
N PHE A 173 -35.04 -15.33 -18.02
CA PHE A 173 -34.70 -15.12 -19.42
C PHE A 173 -33.64 -16.14 -19.82
N VAL A 174 -33.65 -16.51 -21.10
CA VAL A 174 -32.78 -17.55 -21.64
C VAL A 174 -31.89 -16.91 -22.70
N LEU A 175 -30.56 -17.07 -22.54
CA LEU A 175 -29.59 -16.52 -23.47
C LEU A 175 -29.22 -17.53 -24.54
N LYS A 176 -29.20 -17.08 -25.80
CA LYS A 176 -28.81 -17.91 -26.95
C LYS A 176 -27.86 -17.13 -27.84
N VAL A 177 -26.69 -17.71 -28.11
CA VAL A 177 -25.61 -17.03 -28.82
C VAL A 177 -25.06 -17.94 -29.92
N LYS A 178 -24.87 -17.40 -31.12
CA LYS A 178 -24.08 -18.06 -32.15
C LYS A 178 -22.98 -17.14 -32.65
N GLN A 179 -21.95 -17.73 -33.24
CA GLN A 179 -20.81 -17.00 -33.77
C GLN A 179 -20.98 -16.67 -35.25
N VAL A 180 -20.73 -15.41 -35.59
CA VAL A 180 -20.77 -14.94 -36.98
C VAL A 180 -19.53 -14.07 -37.18
N SER A 181 -18.60 -14.53 -38.02
CA SER A 181 -17.37 -13.81 -38.32
C SER A 181 -16.57 -13.52 -37.05
N GLY A 182 -16.56 -14.47 -36.11
CA GLY A 182 -15.85 -14.28 -34.86
C GLY A 182 -16.52 -13.38 -33.85
N PHE A 183 -17.80 -13.07 -34.04
CA PHE A 183 -18.57 -12.22 -33.13
C PHE A 183 -19.76 -12.98 -32.53
N SER A 184 -19.93 -12.88 -31.21
CA SER A 184 -21.11 -13.40 -30.56
C SER A 184 -22.33 -12.58 -30.97
N ASN A 185 -23.31 -13.22 -31.59
CA ASN A 185 -24.52 -12.55 -32.03
C ASN A 185 -25.68 -12.93 -31.12
N TYR A 186 -26.53 -11.93 -30.81
CA TYR A 186 -27.66 -12.14 -29.92
C TYR A 186 -28.98 -11.64 -30.51
N ASP A 187 -29.00 -11.32 -31.82
CA ASP A 187 -30.19 -10.75 -32.45
C ASP A 187 -31.42 -11.63 -32.32
N GLU A 188 -31.27 -12.90 -31.97
CA GLU A 188 -32.36 -13.85 -31.87
C GLU A 188 -33.07 -13.84 -30.52
N SER A 189 -32.48 -13.19 -29.52
CA SER A 189 -33.02 -13.22 -28.16
C SER A 189 -34.46 -12.73 -28.07
N LYS A 190 -35.26 -13.41 -27.26
CA LYS A 190 -36.66 -13.11 -27.06
C LYS A 190 -36.98 -13.27 -25.58
N PHE A 191 -37.92 -12.47 -25.08
CA PHE A 191 -38.29 -12.51 -23.68
C PHE A 191 -39.52 -13.39 -23.47
N LEU A 192 -39.89 -13.57 -22.20
CA LEU A 192 -41.01 -14.41 -21.85
C LEU A 192 -42.00 -13.67 -20.96
N ASN A 193 -43.04 -14.39 -20.55
CA ASN A 193 -44.09 -13.85 -19.69
C ASN A 193 -43.56 -13.61 -18.28
N GLN A 194 -44.42 -13.02 -17.46
CA GLN A 194 -44.11 -12.84 -16.05
C GLN A 194 -43.96 -14.21 -15.38
N SER A 195 -43.48 -14.19 -14.14
CA SER A 195 -43.26 -15.44 -13.41
C SER A 195 -43.14 -15.14 -11.93
N ALA A 196 -43.93 -15.83 -11.12
CA ALA A 196 -43.65 -15.88 -9.69
C ALA A 196 -42.45 -16.78 -9.42
N ILE A 197 -41.77 -16.52 -8.32
CA ILE A 197 -40.58 -17.26 -7.91
C ILE A 197 -41.00 -18.20 -6.77
N PRO A 198 -40.76 -19.50 -6.86
CA PRO A 198 -41.24 -20.41 -5.81
C PRO A 198 -40.50 -20.20 -4.49
N ASN A 199 -41.19 -20.52 -3.39
CA ASN A 199 -40.64 -20.41 -2.04
C ASN A 199 -40.29 -18.97 -1.70
N ILE A 200 -41.04 -18.02 -2.27
CA ILE A 200 -40.80 -16.61 -2.04
C ILE A 200 -41.24 -16.15 -0.66
N ASP A 201 -42.11 -16.90 0.02
CA ASP A 201 -42.60 -16.51 1.33
C ASP A 201 -41.75 -17.00 2.49
N ASP A 202 -40.59 -17.60 2.23
CA ASP A 202 -39.72 -18.05 3.32
C ASP A 202 -38.55 -17.08 3.44
N GLU A 203 -38.40 -16.48 4.61
CA GLU A 203 -37.25 -15.62 4.86
C GLU A 203 -35.96 -16.41 4.81
N SER A 204 -35.96 -17.64 5.32
CA SER A 204 -34.74 -18.44 5.34
C SER A 204 -34.32 -18.84 3.92
N PHE A 205 -35.27 -19.30 3.11
CA PHE A 205 -34.96 -19.57 1.71
C PHE A 205 -34.53 -18.28 1.01
N GLN A 206 -35.19 -17.16 1.34
CA GLN A 206 -34.74 -15.88 0.84
C GLN A 206 -33.35 -15.54 1.35
N LYS A 207 -33.13 -15.69 2.67
CA LYS A 207 -31.81 -15.42 3.25
C LYS A 207 -30.76 -16.34 2.65
N GLU A 208 -31.10 -17.62 2.47
CA GLU A 208 -30.17 -18.58 1.86
C GLU A 208 -29.69 -18.06 0.51
N LEU A 209 -30.63 -17.58 -0.31
CA LEU A 209 -30.30 -16.92 -1.56
C LEU A 209 -29.84 -15.48 -1.37
N PHE A 210 -30.22 -14.84 -0.25
CA PHE A 210 -29.87 -13.44 -0.02
C PHE A 210 -28.37 -13.25 0.17
N GLU A 211 -27.73 -14.15 0.91
CA GLU A 211 -26.27 -14.10 0.99
C GLU A 211 -25.63 -14.34 -0.36
N GLN A 212 -26.31 -15.08 -1.24
CA GLN A 212 -25.83 -15.22 -2.59
C GLN A 212 -25.89 -13.90 -3.35
N MET A 213 -26.79 -13.00 -2.97
CA MET A 213 -26.77 -11.66 -3.52
C MET A 213 -25.52 -10.95 -3.02
N VAL A 214 -24.91 -10.14 -3.89
CA VAL A 214 -23.74 -9.37 -3.49
C VAL A 214 -24.02 -7.93 -3.87
N ASP A 215 -23.34 -7.02 -3.21
CA ASP A 215 -23.58 -5.60 -3.42
C ASP A 215 -22.55 -5.08 -4.42
N LEU A 216 -23.02 -4.62 -5.56
CA LEU A 216 -22.14 -4.05 -6.57
C LEU A 216 -21.75 -2.62 -6.26
N SER A 217 -22.52 -1.95 -5.40
CA SER A 217 -22.24 -0.57 -5.02
C SER A 217 -20.86 -0.46 -4.37
N GLU A 218 -20.41 -1.51 -3.69
CA GLU A 218 -19.06 -1.52 -3.14
C GLU A 218 -18.03 -1.29 -4.25
N MET A 219 -18.25 -1.92 -5.40
CA MET A 219 -17.39 -1.68 -6.55
C MET A 219 -17.48 -0.25 -7.05
N THR A 220 -18.52 0.49 -6.66
CA THR A 220 -18.73 1.87 -7.06
C THR A 220 -18.23 2.95 -6.10
N SER A 221 -17.69 2.58 -4.92
CA SER A 221 -17.31 3.61 -3.95
C SER A 221 -16.04 4.35 -4.37
N LYS A 222 -15.11 4.59 -3.45
CA LYS A 222 -13.87 5.30 -3.79
C LYS A 222 -12.76 4.34 -4.22
N ASP A 223 -13.14 3.21 -4.81
CA ASP A 223 -12.16 2.24 -5.27
C ASP A 223 -11.41 2.70 -6.51
N LYS A 224 -11.98 3.64 -7.24
CA LYS A 224 -11.34 4.14 -8.46
C LYS A 224 -10.04 4.84 -8.16
N PHE A 225 -9.04 4.57 -9.00
CA PHE A 225 -7.70 5.13 -8.81
C PHE A 225 -7.75 6.64 -8.79
N LYS A 226 -7.33 7.22 -7.66
CA LYS A 226 -7.25 8.67 -7.53
C LYS A 226 -6.00 9.23 -8.16
N SER A 227 -4.95 8.41 -8.29
CA SER A 227 -3.65 8.87 -8.78
C SER A 227 -3.65 8.78 -10.29
N PHE A 228 -3.89 9.93 -10.93
CA PHE A 228 -3.83 10.04 -12.38
C PHE A 228 -2.41 9.85 -12.89
N GLU A 229 -1.43 10.38 -12.15
CA GLU A 229 -0.04 10.30 -12.58
C GLU A 229 0.45 8.85 -12.62
N GLU A 230 -0.01 8.02 -11.67
CA GLU A 230 0.29 6.58 -11.71
C GLU A 230 -0.21 5.94 -12.99
N LEU A 231 -1.48 6.17 -13.35
CA LEU A 231 -2.00 5.66 -14.62
C LEU A 231 -1.19 6.20 -15.80
N ASN A 232 -0.78 7.46 -15.71
CA ASN A 232 0.02 8.07 -16.78
C ASN A 232 1.33 7.32 -16.96
N THR A 233 1.99 6.95 -15.86
CA THR A 233 3.26 6.23 -15.93
C THR A 233 3.13 4.88 -16.63
N LYS A 234 2.08 4.11 -16.32
CA LYS A 234 1.99 2.75 -16.85
C LYS A 234 1.90 2.72 -18.38
N PHE A 235 1.04 3.56 -18.97
CA PHE A 235 0.98 3.59 -20.43
C PHE A 235 2.31 4.03 -21.02
N GLY A 236 2.98 4.97 -20.35
CA GLY A 236 4.29 5.39 -20.81
C GLY A 236 5.23 4.20 -20.93
N GLN A 237 5.17 3.29 -19.96
CA GLN A 237 5.91 2.04 -20.08
C GLN A 237 5.29 1.13 -21.13
N VAL A 238 3.97 1.21 -21.30
CA VAL A 238 3.30 0.45 -22.35
C VAL A 238 3.69 0.95 -23.74
N MET A 239 3.59 2.26 -23.97
CA MET A 239 3.95 2.81 -25.27
C MET A 239 4.52 4.21 -25.12
N GLY A 240 5.51 4.51 -25.96
CA GLY A 240 6.06 5.85 -26.05
C GLY A 240 5.34 6.68 -27.09
N THR A 241 5.93 7.85 -27.37
CA THR A 241 5.33 8.87 -28.24
C THR A 241 3.96 9.30 -27.73
N ALA A 242 3.19 9.96 -28.59
CA ALA A 242 1.86 10.48 -28.26
C ALA A 242 1.96 11.54 -27.16
N VAL A 243 2.49 12.70 -27.55
CA VAL A 243 2.55 13.88 -26.70
C VAL A 243 2.00 15.05 -27.51
N MET A 244 0.93 15.67 -27.02
CA MET A 244 0.29 16.75 -27.77
C MET A 244 1.16 18.01 -27.77
N GLY A 245 1.58 18.46 -26.58
CA GLY A 245 2.52 19.55 -26.50
C GLY A 245 3.91 19.18 -27.00
N GLY A 246 4.22 17.90 -27.08
CA GLY A 246 5.48 17.46 -27.63
C GLY A 246 5.41 17.24 -29.13
N ALA A 247 4.22 16.92 -29.65
CA ALA A 247 3.97 16.68 -31.07
C ALA A 247 4.80 15.53 -31.63
N ALA A 248 5.43 14.74 -30.76
CA ALA A 248 6.20 13.57 -31.17
C ALA A 248 5.32 12.47 -31.75
N ALA A 249 4.00 12.54 -31.54
CA ALA A 249 3.11 11.56 -32.16
C ALA A 249 3.23 11.56 -33.68
N THR A 250 3.51 12.71 -34.29
CA THR A 250 3.82 12.73 -35.72
C THR A 250 5.01 11.82 -36.02
N ALA A 251 6.02 11.81 -35.16
CA ALA A 251 7.12 10.87 -35.32
C ALA A 251 6.66 9.43 -35.15
N ALA A 252 5.61 9.20 -34.36
CA ALA A 252 5.01 7.88 -34.30
C ALA A 252 4.33 7.53 -35.62
N LYS A 253 3.62 8.49 -36.21
CA LYS A 253 3.14 8.33 -37.58
C LYS A 253 4.30 8.05 -38.53
N LYS A 254 5.39 8.79 -38.37
CA LYS A 254 6.58 8.66 -39.22
C LYS A 254 7.30 7.33 -39.04
N ALA A 255 7.25 6.75 -37.84
CA ALA A 255 7.99 5.51 -37.57
C ALA A 255 7.49 4.35 -38.41
N ASP A 256 6.20 4.35 -38.73
CA ASP A 256 5.60 3.27 -39.50
C ASP A 256 6.27 3.14 -40.85
N LYS A 257 6.56 4.27 -41.49
CA LYS A 257 7.19 4.26 -42.81
C LYS A 257 8.59 3.66 -42.76
N VAL A 258 9.33 3.90 -41.68
CA VAL A 258 10.74 3.56 -41.68
C VAL A 258 10.95 2.06 -41.62
N ALA A 259 10.07 1.34 -40.91
CA ALA A 259 10.24 -0.10 -40.81
C ALA A 259 10.02 -0.76 -42.17
N ASP A 260 9.01 -0.28 -42.90
CA ASP A 260 8.76 -0.77 -44.25
C ASP A 260 9.86 -0.31 -45.20
N ASP A 261 10.32 0.93 -45.02
CA ASP A 261 11.45 1.44 -45.81
C ASP A 261 12.70 0.62 -45.53
N LEU A 262 12.88 0.20 -44.27
CA LEU A 262 13.98 -0.69 -43.92
C LEU A 262 13.89 -2.01 -44.68
N ASP A 263 12.68 -2.58 -44.79
CA ASP A 263 12.53 -3.83 -45.52
C ASP A 263 12.94 -3.69 -46.98
N ALA A 264 12.54 -2.59 -47.63
CA ALA A 264 12.84 -2.39 -49.04
C ALA A 264 14.35 -2.25 -49.28
N PHE A 265 15.03 -1.48 -48.43
CA PHE A 265 16.47 -1.27 -48.57
C PHE A 265 17.28 -2.52 -48.26
N ASN A 266 16.66 -3.56 -47.68
CA ASN A 266 17.41 -4.78 -47.37
C ASN A 266 17.77 -5.52 -48.65
N VAL A 267 16.82 -5.66 -49.57
CA VAL A 267 17.11 -6.27 -50.87
C VAL A 267 18.00 -5.39 -51.74
N ASP A 268 17.90 -4.07 -51.59
CA ASP A 268 18.71 -3.11 -52.35
C ASP A 268 20.20 -3.43 -52.27
N ASP A 269 20.58 -4.26 -51.31
CA ASP A 269 21.95 -4.73 -51.12
C ASP A 269 22.56 -5.25 -52.42
N MET B 21 46.32 24.73 -7.93
CA MET B 21 46.03 25.39 -9.21
C MET B 21 44.95 26.46 -9.03
N THR B 22 43.90 26.38 -9.85
CA THR B 22 42.80 27.32 -9.69
C THR B 22 42.14 27.17 -8.33
N PHE B 23 42.11 25.95 -7.78
CA PHE B 23 41.53 25.64 -6.49
C PHE B 23 40.12 26.21 -6.37
N ASP B 24 39.79 26.79 -5.21
CA ASP B 24 38.45 27.27 -4.97
C ASP B 24 38.14 28.52 -5.79
N ASP B 25 37.58 28.33 -6.99
CA ASP B 25 37.18 29.44 -7.86
C ASP B 25 36.39 28.92 -9.05
N LEU B 26 35.11 28.61 -8.86
CA LEU B 26 34.28 28.05 -9.92
C LEU B 26 32.87 28.64 -9.79
N THR B 27 31.88 27.93 -10.33
CA THR B 27 30.51 28.42 -10.31
C THR B 27 29.80 27.98 -9.04
N GLU B 28 28.60 28.52 -8.83
CA GLU B 28 27.83 28.25 -7.62
C GLU B 28 27.50 26.77 -7.49
N GLY B 29 27.02 26.15 -8.58
CA GLY B 29 26.74 24.72 -8.52
C GLY B 29 27.98 23.89 -8.27
N GLN B 30 29.08 24.22 -8.95
CA GLN B 30 30.35 23.55 -8.71
C GLN B 30 30.87 23.82 -7.30
N LYS B 31 30.79 25.08 -6.85
CA LYS B 31 31.23 25.40 -5.49
C LYS B 31 30.33 24.76 -4.43
N ASN B 32 29.01 24.79 -4.65
CA ASN B 32 28.08 24.28 -3.64
C ASN B 32 28.28 22.79 -3.39
N ALA B 33 28.43 22.00 -4.45
CA ALA B 33 28.55 20.55 -4.29
C ALA B 33 29.77 20.16 -3.46
N PHE B 34 30.94 20.72 -3.80
CA PHE B 34 32.16 20.34 -3.08
C PHE B 34 32.06 20.66 -1.60
N ASN B 35 31.52 21.84 -1.25
CA ASN B 35 31.34 22.16 0.16
C ASN B 35 30.42 21.15 0.84
N ILE B 36 29.32 20.77 0.16
CA ILE B 36 28.48 19.71 0.69
C ILE B 36 29.21 18.37 0.65
N VAL B 37 30.01 18.14 -0.41
CA VAL B 37 30.82 16.92 -0.49
C VAL B 37 31.67 16.79 0.76
N MET B 38 32.33 17.88 1.15
CA MET B 38 33.10 17.87 2.39
C MET B 38 32.18 17.64 3.59
N LYS B 39 30.99 18.26 3.58
CA LYS B 39 30.07 18.13 4.69
C LYS B 39 29.73 16.68 4.98
N ALA B 40 29.51 15.87 3.93
CA ALA B 40 29.16 14.47 4.17
C ALA B 40 30.25 13.77 4.96
N ILE B 41 31.51 14.04 4.61
CA ILE B 41 32.63 13.57 5.41
C ILE B 41 32.68 14.33 6.74
N LYS B 42 32.55 15.66 6.67
CA LYS B 42 32.79 16.52 7.82
C LYS B 42 31.62 16.52 8.81
N GLU B 43 30.38 16.51 8.30
CA GLU B 43 29.20 16.53 9.17
C GLU B 43 28.65 15.12 9.27
N LYS B 44 28.80 14.51 10.44
CA LYS B 44 28.26 13.16 10.66
C LYS B 44 28.83 12.24 9.58
N LYS B 45 28.07 11.22 9.19
CA LYS B 45 28.42 10.35 8.10
C LYS B 45 27.25 10.38 7.14
N HIS B 46 27.51 10.64 5.86
CA HIS B 46 26.43 10.74 4.91
C HIS B 46 26.93 10.31 3.53
N HIS B 47 25.98 9.89 2.70
CA HIS B 47 26.29 9.44 1.35
C HIS B 47 25.46 10.26 0.38
N VAL B 48 26.07 10.66 -0.73
CA VAL B 48 25.43 11.58 -1.66
C VAL B 48 25.57 11.06 -3.08
N THR B 49 24.53 11.29 -3.88
CA THR B 49 24.59 11.07 -5.32
C THR B 49 24.29 12.38 -6.01
N ILE B 50 24.94 12.62 -7.14
CA ILE B 50 24.85 13.90 -7.82
C ILE B 50 24.23 13.66 -9.18
N ASN B 51 23.20 14.45 -9.52
CA ASN B 51 22.59 14.38 -10.84
C ASN B 51 23.24 15.40 -11.78
N GLY B 52 24.50 15.17 -12.06
CA GLY B 52 25.17 15.94 -13.08
C GLY B 52 24.70 15.53 -14.46
N PRO B 53 24.23 16.48 -15.26
CA PRO B 53 23.91 16.15 -16.65
C PRO B 53 25.18 16.22 -17.48
N ALA B 54 25.08 16.14 -18.79
CA ALA B 54 26.29 16.40 -19.55
C ALA B 54 26.48 17.90 -19.68
N GLY B 55 27.70 18.30 -20.07
CA GLY B 55 27.93 19.71 -20.27
C GLY B 55 28.01 20.51 -18.98
N THR B 56 27.43 19.99 -17.90
CA THR B 56 27.53 20.64 -16.60
C THR B 56 28.93 20.58 -16.02
N GLY B 57 29.81 19.78 -16.59
CA GLY B 57 31.20 19.77 -16.19
C GLY B 57 31.47 19.31 -14.77
N ALA B 58 30.75 18.29 -14.31
CA ALA B 58 31.11 17.72 -13.02
C ALA B 58 32.35 16.86 -13.12
N THR B 59 32.76 16.49 -14.33
CA THR B 59 34.03 15.81 -14.52
C THR B 59 35.19 16.78 -14.28
N THR B 60 35.04 18.02 -14.74
CA THR B 60 36.04 19.06 -14.49
C THR B 60 36.09 19.42 -13.02
N LEU B 61 34.92 19.53 -12.37
CA LEU B 61 34.91 19.76 -10.92
C LEU B 61 35.53 18.59 -10.17
N THR B 62 35.27 17.36 -10.65
CA THR B 62 35.84 16.18 -10.01
C THR B 62 37.36 16.21 -10.08
N LYS B 63 37.92 16.78 -11.15
CA LYS B 63 39.37 16.91 -11.24
C LYS B 63 39.93 17.73 -10.08
N PHE B 64 39.25 18.81 -9.70
CA PHE B 64 39.72 19.59 -8.55
C PHE B 64 39.59 18.83 -7.25
N ILE B 65 38.44 18.17 -7.03
CA ILE B 65 38.26 17.43 -5.79
C ILE B 65 39.29 16.30 -5.71
N ILE B 66 39.76 15.82 -6.86
CA ILE B 66 40.96 14.98 -6.88
C ILE B 66 42.16 15.73 -6.32
N GLU B 67 42.41 16.94 -6.84
CA GLU B 67 43.55 17.74 -6.38
C GLU B 67 43.41 18.15 -4.92
N ALA B 68 42.22 18.58 -4.51
CA ALA B 68 42.04 19.03 -3.13
C ALA B 68 42.27 17.90 -2.14
N LEU B 69 41.84 16.68 -2.49
CA LEU B 69 41.92 15.55 -1.58
C LEU B 69 43.37 15.17 -1.26
N ILE B 70 44.30 15.40 -2.19
CA ILE B 70 45.69 14.98 -1.94
C ILE B 70 46.31 15.77 -0.80
N SER B 71 45.87 17.02 -0.57
CA SER B 71 46.44 17.79 0.53
C SER B 71 46.00 17.26 1.89
N THR B 72 44.82 16.65 1.97
CA THR B 72 44.43 16.00 3.22
C THR B 72 45.08 14.64 3.40
N GLY B 73 45.42 13.96 2.30
CA GLY B 73 46.13 12.70 2.41
C GLY B 73 45.26 11.48 2.61
N GLU B 74 43.94 11.60 2.47
CA GLU B 74 43.06 10.47 2.71
C GLU B 74 43.16 9.45 1.58
N THR B 75 43.45 8.20 1.95
CA THR B 75 43.55 7.11 1.00
C THR B 75 42.29 6.25 0.99
N GLY B 76 41.31 6.58 1.84
CA GLY B 76 40.14 5.73 1.94
C GLY B 76 39.28 5.72 0.70
N ILE B 77 39.51 6.66 -0.21
CA ILE B 77 38.78 6.67 -1.47
C ILE B 77 39.26 5.49 -2.30
N ILE B 78 38.38 4.95 -3.13
CA ILE B 78 38.75 3.98 -4.15
C ILE B 78 38.17 4.46 -5.46
N LEU B 79 38.95 4.34 -6.53
CA LEU B 79 38.49 4.80 -7.83
C LEU B 79 37.65 3.68 -8.42
N ALA B 80 36.34 3.89 -8.47
CA ALA B 80 35.42 2.86 -8.95
C ALA B 80 34.69 3.35 -10.19
N ALA B 81 34.72 2.53 -11.23
CA ALA B 81 33.95 2.76 -12.43
C ALA B 81 33.15 1.47 -12.68
N PRO B 82 31.86 1.58 -12.97
CA PRO B 82 31.07 0.34 -13.11
C PRO B 82 31.50 -0.49 -14.30
N THR B 83 31.86 0.15 -15.41
CA THR B 83 32.24 -0.53 -16.62
C THR B 83 33.75 -0.47 -16.79
N HIS B 84 34.30 -1.45 -17.51
CA HIS B 84 35.73 -1.47 -17.78
C HIS B 84 36.13 -0.31 -18.67
N ALA B 85 35.37 -0.08 -19.75
CA ALA B 85 35.70 1.01 -20.69
C ALA B 85 35.64 2.38 -20.04
N ALA B 86 34.70 2.61 -19.12
CA ALA B 86 34.68 3.87 -18.40
C ALA B 86 35.88 3.98 -17.47
N LYS B 87 36.28 2.88 -16.87
CA LYS B 87 37.48 2.86 -16.04
C LYS B 87 38.75 3.05 -16.87
N LYS B 88 38.79 2.46 -18.07
CA LYS B 88 39.97 2.61 -18.93
C LYS B 88 40.22 4.07 -19.29
N ILE B 89 39.22 4.76 -19.82
CA ILE B 89 39.42 6.15 -20.22
C ILE B 89 39.53 7.06 -19.00
N LEU B 90 38.97 6.63 -17.87
CA LEU B 90 39.17 7.36 -16.63
C LEU B 90 40.63 7.27 -16.21
N SER B 91 41.21 6.06 -16.25
CA SER B 91 42.62 5.90 -15.93
C SER B 91 43.50 6.57 -16.99
N LYS B 92 43.05 6.60 -18.25
CA LYS B 92 43.89 7.13 -19.32
C LYS B 92 44.05 8.64 -19.23
N LEU B 93 42.94 9.36 -19.03
CA LEU B 93 43.02 10.82 -18.95
C LEU B 93 43.62 11.26 -17.62
N SER B 94 43.20 10.64 -16.51
CA SER B 94 43.70 11.06 -15.20
C SER B 94 45.14 10.59 -14.98
N GLY B 95 45.46 9.38 -15.44
CA GLY B 95 46.77 8.80 -15.18
C GLY B 95 46.86 7.93 -13.95
N LYS B 96 45.82 7.89 -13.13
CA LYS B 96 45.80 7.07 -11.93
C LYS B 96 45.07 5.75 -12.21
N GLU B 97 45.62 4.67 -11.67
CA GLU B 97 45.11 3.34 -11.92
C GLU B 97 43.80 3.10 -11.16
N ALA B 98 42.87 2.40 -11.80
CA ALA B 98 41.57 2.06 -11.23
C ALA B 98 41.28 0.59 -11.48
N SER B 99 40.48 -0.01 -10.59
CA SER B 99 40.20 -1.44 -10.67
C SER B 99 38.73 -1.69 -10.93
N THR B 100 38.43 -2.90 -11.39
CA THR B 100 37.06 -3.31 -11.63
C THR B 100 36.34 -3.62 -10.33
N ILE B 101 35.03 -3.36 -10.32
CA ILE B 101 34.24 -3.64 -9.12
C ILE B 101 34.14 -5.13 -8.85
N HIS B 102 34.22 -5.97 -9.89
CA HIS B 102 34.20 -7.41 -9.68
C HIS B 102 35.41 -7.88 -8.90
N SER B 103 36.56 -7.21 -9.08
CA SER B 103 37.72 -7.51 -8.26
C SER B 103 37.58 -6.89 -6.87
N ILE B 104 37.07 -5.65 -6.82
CA ILE B 104 36.90 -4.96 -5.55
C ILE B 104 36.01 -5.75 -4.61
N LEU B 105 34.99 -6.42 -5.15
CA LEU B 105 33.99 -7.08 -4.33
C LEU B 105 33.97 -8.60 -4.46
N LYS B 106 34.90 -9.19 -5.22
CA LYS B 106 35.08 -10.64 -5.24
C LYS B 106 33.80 -11.39 -5.60
N ILE B 107 32.92 -10.76 -6.38
CA ILE B 107 31.66 -11.39 -6.74
C ILE B 107 31.96 -12.65 -7.52
N ASN B 108 31.54 -13.80 -6.99
CA ASN B 108 31.83 -15.10 -7.55
C ASN B 108 30.55 -15.84 -7.87
N PRO B 109 30.39 -16.36 -9.08
CA PRO B 109 29.13 -17.00 -9.48
C PRO B 109 28.88 -18.27 -8.69
N VAL B 110 27.66 -18.78 -8.84
CA VAL B 110 27.21 -20.00 -8.18
C VAL B 110 26.51 -20.84 -9.23
N THR B 111 27.08 -21.99 -9.56
CA THR B 111 26.53 -22.85 -10.60
C THR B 111 25.26 -23.54 -10.11
N TYR B 112 24.13 -23.14 -10.66
CA TYR B 112 22.85 -23.82 -10.49
C TYR B 112 22.26 -24.05 -11.88
N GLU B 113 21.20 -24.87 -11.92
CA GLU B 113 20.60 -25.21 -13.22
C GLU B 113 19.67 -24.12 -13.70
N GLU B 114 18.67 -23.76 -12.88
CA GLU B 114 17.68 -22.76 -13.26
C GLU B 114 18.35 -21.41 -13.51
N ASN B 115 18.89 -20.80 -12.47
CA ASN B 115 19.48 -19.48 -12.54
C ASN B 115 20.92 -19.53 -12.03
N VAL B 116 21.64 -18.43 -12.23
CA VAL B 116 23.02 -18.30 -11.80
C VAL B 116 23.31 -16.82 -11.60
N LEU B 117 24.02 -16.51 -10.51
CA LEU B 117 24.32 -15.13 -10.16
C LEU B 117 25.72 -15.03 -9.60
N PHE B 118 26.48 -14.06 -10.07
CA PHE B 118 27.72 -13.68 -9.39
C PHE B 118 27.39 -13.26 -7.97
N GLU B 119 28.12 -13.82 -7.00
CA GLU B 119 27.83 -13.56 -5.59
C GLU B 119 29.12 -13.27 -4.83
N GLN B 120 29.08 -12.21 -4.03
CA GLN B 120 30.23 -11.86 -3.20
C GLN B 120 30.52 -12.97 -2.20
N LYS B 121 31.80 -13.28 -2.03
CA LYS B 121 32.21 -14.39 -1.16
C LYS B 121 31.81 -14.11 0.29
N GLU B 122 32.13 -12.92 0.80
CA GLU B 122 31.83 -12.56 2.17
C GLU B 122 31.64 -11.05 2.24
N VAL B 123 31.03 -10.61 3.33
CA VAL B 123 30.93 -9.18 3.63
C VAL B 123 32.29 -8.70 4.13
N PRO B 124 32.98 -7.83 3.41
CA PRO B 124 34.23 -7.27 3.90
C PRO B 124 33.97 -6.11 4.86
N ASP B 125 35.02 -5.73 5.58
CA ASP B 125 34.93 -4.62 6.52
C ASP B 125 35.20 -3.28 5.87
N LEU B 126 35.98 -3.25 4.79
CA LEU B 126 36.33 -2.01 4.08
C LEU B 126 36.91 -0.98 5.06
N ALA B 127 37.84 -1.43 5.90
CA ALA B 127 38.43 -0.54 6.89
C ALA B 127 39.33 0.50 6.24
N LYS B 128 40.19 0.06 5.32
CA LYS B 128 41.08 0.97 4.64
C LYS B 128 40.32 1.96 3.77
N CYS B 129 39.13 1.56 3.30
CA CYS B 129 38.28 2.42 2.48
C CYS B 129 37.35 3.20 3.39
N ARG B 130 37.70 4.46 3.66
CA ARG B 130 36.90 5.34 4.49
C ARG B 130 36.07 6.33 3.68
N VAL B 131 36.24 6.36 2.36
CA VAL B 131 35.44 7.20 1.47
C VAL B 131 35.21 6.41 0.19
N LEU B 132 34.03 6.59 -0.43
CA LEU B 132 33.64 5.82 -1.59
C LEU B 132 33.31 6.73 -2.77
N ILE B 133 33.94 6.45 -3.91
CA ILE B 133 33.67 7.13 -5.17
C ILE B 133 33.07 6.11 -6.12
N CYS B 134 31.94 6.47 -6.73
CA CYS B 134 31.25 5.63 -7.70
C CYS B 134 30.91 6.46 -8.95
N ASP B 135 30.76 5.75 -10.07
CA ASP B 135 30.36 6.38 -11.32
C ASP B 135 29.14 5.64 -11.86
N GLU B 136 28.36 6.35 -12.69
CA GLU B 136 27.19 5.78 -13.35
C GLU B 136 26.27 5.08 -12.34
N VAL B 137 25.94 5.79 -11.27
CA VAL B 137 25.22 5.15 -10.16
C VAL B 137 23.83 4.67 -10.53
N SER B 138 23.30 5.10 -11.67
CA SER B 138 22.02 4.60 -12.13
C SER B 138 22.07 3.11 -12.47
N MET B 139 23.22 2.62 -12.94
CA MET B 139 23.31 1.25 -13.46
C MET B 139 23.13 0.20 -12.37
N TYR B 140 23.71 0.40 -11.19
CA TYR B 140 23.66 -0.62 -10.14
C TYR B 140 22.21 -0.94 -9.79
N ASP B 141 21.87 -2.24 -9.77
CA ASP B 141 20.48 -2.64 -9.59
C ASP B 141 20.07 -2.74 -8.12
N ARG B 142 18.76 -2.66 -7.90
CA ARG B 142 18.20 -2.56 -6.55
C ARG B 142 18.36 -3.85 -5.75
N LYS B 143 18.23 -5.01 -6.39
CA LYS B 143 18.44 -6.25 -5.65
C LYS B 143 19.87 -6.33 -5.11
N LEU B 144 20.84 -5.93 -5.94
CA LEU B 144 22.22 -5.78 -5.48
C LEU B 144 22.36 -4.65 -4.47
N PHE B 145 21.48 -3.64 -4.55
CA PHE B 145 21.62 -2.44 -3.72
C PHE B 145 21.57 -2.78 -2.23
N LYS B 146 20.60 -3.59 -1.82
CA LYS B 146 20.43 -3.90 -0.39
C LYS B 146 21.64 -4.64 0.16
N ILE B 147 22.22 -5.55 -0.62
CA ILE B 147 23.37 -6.32 -0.16
C ILE B 147 24.57 -5.43 0.12
N LEU B 148 24.81 -4.43 -0.73
CA LEU B 148 26.03 -3.63 -0.62
C LEU B 148 26.08 -2.80 0.66
N LEU B 149 24.93 -2.32 1.16
CA LEU B 149 24.94 -1.46 2.35
C LEU B 149 25.56 -2.16 3.56
N SER B 150 25.21 -3.43 3.79
CA SER B 150 25.78 -4.14 4.93
C SER B 150 27.28 -4.33 4.75
N THR B 151 27.71 -4.65 3.53
CA THR B 151 29.13 -4.69 3.23
C THR B 151 29.82 -3.35 3.50
N ILE B 152 29.11 -2.26 3.29
CA ILE B 152 29.68 -0.92 3.47
C ILE B 152 29.73 -0.59 4.96
N PRO B 153 30.86 -0.12 5.47
CA PRO B 153 30.97 0.24 6.88
C PRO B 153 30.45 1.65 7.12
N PRO B 154 30.20 2.02 8.39
CA PRO B 154 29.76 3.40 8.67
C PRO B 154 30.81 4.45 8.37
N TRP B 155 32.08 4.21 8.72
CA TRP B 155 33.10 5.25 8.53
C TRP B 155 33.30 5.57 7.06
N CYS B 156 33.12 4.59 6.17
CA CYS B 156 33.23 4.87 4.75
C CYS B 156 32.10 5.78 4.31
N THR B 157 32.43 6.75 3.46
CA THR B 157 31.47 7.72 2.95
C THR B 157 31.31 7.54 1.45
N ILE B 158 30.07 7.46 0.98
CA ILE B 158 29.75 7.10 -0.40
C ILE B 158 29.52 8.38 -1.19
N ILE B 159 30.21 8.51 -2.32
CA ILE B 159 30.02 9.60 -3.27
C ILE B 159 29.67 9.01 -4.62
N GLY B 160 28.54 9.42 -5.17
CA GLY B 160 28.05 8.89 -6.43
C GLY B 160 27.81 9.95 -7.47
N ILE B 161 28.11 9.64 -8.72
CA ILE B 161 27.85 10.49 -9.87
C ILE B 161 26.99 9.73 -10.87
N GLY B 162 25.99 10.40 -11.40
CA GLY B 162 25.08 9.80 -12.36
C GLY B 162 24.04 10.80 -12.75
N ASP B 163 23.29 10.46 -13.81
CA ASP B 163 22.21 11.30 -14.28
C ASP B 163 20.88 10.62 -14.02
N ASN B 164 19.93 11.36 -13.45
CA ASN B 164 18.56 10.84 -13.42
C ASN B 164 18.09 10.57 -14.85
N LYS B 165 18.64 11.34 -15.80
CA LYS B 165 18.39 11.15 -17.21
C LYS B 165 19.28 10.06 -17.81
N GLN B 166 20.14 9.42 -17.02
CA GLN B 166 20.87 8.26 -17.52
C GLN B 166 19.96 7.03 -17.53
N ILE B 167 20.38 6.03 -18.31
CA ILE B 167 19.57 4.84 -18.56
C ILE B 167 19.62 3.90 -17.36
N ARG B 168 18.45 3.35 -17.01
CA ARG B 168 18.30 2.41 -15.90
C ARG B 168 18.61 0.98 -16.33
N PRO B 169 18.98 0.11 -15.39
CA PRO B 169 19.21 -1.30 -15.72
C PRO B 169 17.93 -2.05 -16.04
N VAL B 170 18.08 -3.08 -16.87
CA VAL B 170 16.96 -3.91 -17.31
C VAL B 170 16.84 -5.14 -16.42
N ASP B 171 15.66 -5.33 -15.83
CA ASP B 171 15.40 -6.48 -14.96
C ASP B 171 14.25 -7.30 -15.56
N PRO B 172 14.53 -8.41 -16.23
CA PRO B 172 13.42 -9.21 -16.79
C PRO B 172 12.46 -9.73 -15.72
N GLY B 173 12.96 -9.97 -14.50
CA GLY B 173 12.10 -10.50 -13.46
C GLY B 173 11.08 -9.50 -12.96
N GLU B 174 11.43 -8.21 -12.96
CA GLU B 174 10.54 -7.18 -12.44
C GLU B 174 10.51 -5.99 -13.39
N ASN B 175 9.32 -5.61 -13.83
CA ASN B 175 9.11 -4.38 -14.60
C ASN B 175 8.38 -3.39 -13.70
N THR B 176 9.06 -2.29 -13.36
CA THR B 176 8.54 -1.32 -12.41
C THR B 176 9.26 0.01 -12.66
N ALA B 177 8.87 1.03 -11.89
CA ALA B 177 9.55 2.31 -11.95
C ALA B 177 11.04 2.13 -11.72
N TYR B 178 11.40 1.47 -10.61
CA TYR B 178 12.74 0.92 -10.39
C TYR B 178 13.81 2.00 -10.54
N ILE B 179 13.54 3.17 -9.97
CA ILE B 179 14.57 4.20 -9.92
C ILE B 179 15.65 3.78 -8.94
N SER B 180 16.90 3.90 -9.36
CA SER B 180 18.04 3.50 -8.56
C SER B 180 17.95 4.14 -7.18
N PRO B 181 17.98 3.37 -6.09
CA PRO B 181 17.80 3.95 -4.75
C PRO B 181 18.79 5.04 -4.43
N PHE B 182 19.90 5.13 -5.18
CA PHE B 182 20.73 6.32 -5.17
C PHE B 182 19.88 7.56 -5.40
N PHE B 183 18.83 7.41 -6.22
CA PHE B 183 17.90 8.48 -6.58
C PHE B 183 16.61 8.47 -5.78
N THR B 184 16.51 7.68 -4.72
CA THR B 184 15.30 7.65 -3.89
C THR B 184 15.58 8.36 -2.57
N HIS B 185 14.68 9.28 -2.20
CA HIS B 185 14.97 10.26 -1.17
C HIS B 185 15.30 9.62 0.18
N LYS B 186 14.69 8.48 0.49
CA LYS B 186 14.80 7.92 1.83
C LYS B 186 16.23 7.49 2.17
N ASP B 187 16.99 6.99 1.18
CA ASP B 187 18.32 6.45 1.47
C ASP B 187 19.28 7.52 1.98
N PHE B 188 19.27 8.72 1.36
CA PHE B 188 20.14 9.81 1.78
C PHE B 188 19.89 11.11 1.00
N TYR B 189 20.11 12.25 1.67
CA TYR B 189 19.98 13.56 1.04
C TYR B 189 21.13 13.82 0.06
N GLN B 190 20.80 14.47 -1.06
CA GLN B 190 21.78 14.71 -2.12
C GLN B 190 21.51 16.06 -2.78
N CYS B 191 22.36 16.41 -3.76
CA CYS B 191 22.30 17.70 -4.47
C CYS B 191 22.54 17.54 -5.96
N GLU B 192 21.73 18.24 -6.76
CA GLU B 192 21.81 18.30 -8.22
C GLU B 192 22.73 19.43 -8.68
N LEU B 193 23.20 19.32 -9.93
CA LEU B 193 24.16 20.25 -10.51
C LEU B 193 23.50 21.18 -11.53
N THR B 194 23.75 22.48 -11.37
CA THR B 194 23.33 23.49 -12.33
C THR B 194 24.19 23.46 -13.59
N GLU B 195 23.67 24.06 -14.65
CA GLU B 195 24.23 23.96 -15.99
C GLU B 195 24.36 25.34 -16.64
N VAL B 196 25.44 25.53 -17.40
CA VAL B 196 25.66 26.74 -18.20
C VAL B 196 24.50 26.94 -19.17
N LYS B 197 23.33 27.29 -18.63
CA LYS B 197 22.08 27.49 -19.38
C LYS B 197 22.29 27.91 -20.83
N ARG B 198 22.82 29.11 -21.04
CA ARG B 198 23.02 29.65 -22.38
C ARG B 198 24.46 29.44 -22.84
N SER B 199 24.62 29.23 -24.13
CA SER B 199 25.92 29.05 -24.78
C SER B 199 25.71 28.99 -26.29
N ASN B 200 26.79 29.23 -27.03
CA ASN B 200 26.76 29.15 -28.49
C ASN B 200 26.98 27.70 -28.95
N ALA B 201 26.11 26.83 -28.46
CA ALA B 201 26.15 25.41 -28.83
C ALA B 201 24.75 24.95 -29.22
N PRO B 202 24.49 24.65 -30.49
CA PRO B 202 23.13 24.26 -30.89
C PRO B 202 22.68 22.93 -30.33
N ILE B 203 23.55 21.92 -30.34
CA ILE B 203 23.15 20.57 -29.93
C ILE B 203 22.82 20.53 -28.44
N ILE B 204 23.67 21.13 -27.61
CA ILE B 204 23.44 21.09 -26.17
C ILE B 204 22.18 21.87 -25.80
N ASP B 205 21.95 23.01 -26.45
CA ASP B 205 20.70 23.72 -26.23
C ASP B 205 19.52 22.88 -26.71
N VAL B 206 19.70 22.16 -27.83
CA VAL B 206 18.72 21.15 -28.21
C VAL B 206 18.73 20.01 -27.19
N ALA B 207 19.91 19.63 -26.71
CA ALA B 207 19.99 18.61 -25.66
C ALA B 207 19.35 19.10 -24.37
N THR B 208 19.42 20.41 -24.11
CA THR B 208 18.69 20.98 -22.98
C THR B 208 17.20 20.76 -23.17
N ASP B 209 16.70 21.03 -24.39
CA ASP B 209 15.32 20.69 -24.73
C ASP B 209 15.08 19.19 -24.67
N VAL B 210 16.10 18.38 -24.98
CA VAL B 210 15.96 16.93 -24.88
C VAL B 210 15.72 16.51 -23.44
N ARG B 211 16.49 17.07 -22.50
CA ARG B 211 16.21 16.83 -21.09
C ARG B 211 14.87 17.45 -20.68
N ASN B 212 14.46 18.56 -21.32
CA ASN B 212 13.15 19.13 -21.01
C ASN B 212 12.00 18.24 -21.45
N GLY B 213 12.17 17.54 -22.58
CA GLY B 213 11.12 16.71 -23.13
C GLY B 213 10.57 17.14 -24.48
N LYS B 214 11.12 18.19 -25.08
CA LYS B 214 10.74 18.54 -26.44
C LYS B 214 11.19 17.45 -27.41
N TRP B 215 10.42 17.29 -28.48
CA TRP B 215 10.83 16.38 -29.54
C TRP B 215 12.06 16.93 -30.26
N ILE B 216 12.80 16.01 -30.87
CA ILE B 216 14.05 16.38 -31.50
C ILE B 216 13.78 17.33 -32.66
N TYR B 217 14.62 18.36 -32.77
CA TYR B 217 14.54 19.29 -33.88
C TYR B 217 15.96 19.64 -34.31
N ASP B 218 16.10 19.94 -35.60
CA ASP B 218 17.44 20.16 -36.22
C ASP B 218 17.89 21.60 -35.99
N LYS B 219 19.08 21.79 -35.44
CA LYS B 219 19.62 23.13 -35.21
C LYS B 219 21.09 23.09 -35.58
N VAL B 220 21.51 24.00 -36.46
CA VAL B 220 22.79 23.91 -37.15
C VAL B 220 23.54 25.23 -37.01
N VAL B 221 24.84 25.14 -36.70
CA VAL B 221 25.72 26.29 -36.59
C VAL B 221 26.94 26.04 -37.48
N ASP B 222 27.17 26.94 -38.45
CA ASP B 222 28.28 26.88 -39.38
C ASP B 222 28.22 25.63 -40.27
N GLY B 223 27.04 25.02 -40.38
CA GLY B 223 26.89 23.78 -41.09
C GLY B 223 27.01 22.55 -40.22
N HIS B 224 27.23 22.72 -38.92
CA HIS B 224 27.41 21.63 -37.99
C HIS B 224 26.43 21.80 -36.83
N GLY B 225 25.66 20.76 -36.56
CA GLY B 225 24.69 20.81 -35.49
C GLY B 225 23.70 19.68 -35.64
N VAL B 226 22.55 19.85 -35.01
CA VAL B 226 21.47 18.88 -35.15
C VAL B 226 20.84 19.09 -36.51
N ARG B 227 20.71 18.02 -37.29
CA ARG B 227 20.14 18.09 -38.63
C ARG B 227 19.16 16.95 -38.84
N GLY B 228 17.98 17.29 -39.37
CA GLY B 228 16.91 16.33 -39.57
C GLY B 228 16.75 15.95 -41.04
N PHE B 229 16.26 14.74 -41.27
CA PHE B 229 16.01 14.23 -42.62
C PHE B 229 14.56 13.79 -42.70
N THR B 230 13.77 14.44 -43.55
CA THR B 230 12.34 14.21 -43.61
C THR B 230 11.90 13.89 -45.04
N GLY B 231 10.66 13.42 -45.14
CA GLY B 231 10.04 13.08 -46.42
C GLY B 231 9.88 11.58 -46.61
N ASP B 232 9.22 11.24 -47.72
CA ASP B 232 8.94 9.85 -48.05
C ASP B 232 10.22 9.05 -48.28
N THR B 233 11.16 9.62 -49.04
CA THR B 233 12.44 8.98 -49.30
C THR B 233 13.52 9.45 -48.36
N ALA B 234 13.13 10.05 -47.23
CA ALA B 234 14.09 10.53 -46.24
C ALA B 234 15.14 9.48 -45.92
N LEU B 235 14.72 8.25 -45.65
CA LEU B 235 15.67 7.21 -45.24
C LEU B 235 16.72 6.97 -46.31
N ARG B 236 16.28 6.66 -47.53
CA ARG B 236 17.22 6.52 -48.65
C ARG B 236 18.02 7.80 -48.86
N ASP B 237 17.36 8.95 -48.76
CA ASP B 237 18.07 10.23 -48.82
C ASP B 237 19.03 10.36 -47.64
N PHE B 238 18.54 10.07 -46.43
CA PHE B 238 19.42 9.97 -45.26
C PHE B 238 20.47 8.90 -45.45
N MET B 239 20.14 7.82 -46.19
CA MET B 239 21.10 6.75 -46.42
C MET B 239 22.22 7.22 -47.31
N VAL B 240 21.87 7.91 -48.41
CA VAL B 240 22.91 8.48 -49.25
C VAL B 240 23.65 9.58 -48.49
N ASN B 241 22.94 10.31 -47.61
CA ASN B 241 23.64 11.22 -46.71
C ASN B 241 24.48 10.45 -45.70
N TYR B 242 23.98 9.30 -45.23
CA TYR B 242 24.79 8.43 -44.39
C TYR B 242 26.01 7.95 -45.16
N PHE B 243 25.78 7.46 -46.37
CA PHE B 243 26.88 7.03 -47.23
C PHE B 243 27.85 8.17 -47.51
N SER B 244 27.33 9.39 -47.69
CA SER B 244 28.19 10.53 -48.02
C SER B 244 29.17 10.81 -46.90
N ILE B 245 28.69 10.86 -45.66
CA ILE B 245 29.54 11.16 -44.51
C ILE B 245 30.58 10.06 -44.30
N VAL B 246 30.16 8.79 -44.39
CA VAL B 246 31.05 7.69 -44.03
C VAL B 246 32.05 7.37 -45.15
N LYS B 247 31.56 7.18 -46.38
CA LYS B 247 32.36 6.71 -47.52
C LYS B 247 32.96 5.33 -47.20
N SER B 248 34.15 5.05 -47.74
CA SER B 248 34.87 3.81 -47.53
C SER B 248 35.80 3.86 -46.32
N LEU B 249 35.67 4.89 -45.50
CA LEU B 249 36.51 5.07 -44.32
C LEU B 249 36.52 3.82 -43.44
N ASP B 250 37.70 3.29 -43.19
CA ASP B 250 37.86 2.16 -42.28
C ASP B 250 37.94 2.59 -40.83
N ASP B 251 38.01 3.89 -40.54
CA ASP B 251 38.07 4.39 -39.16
C ASP B 251 36.67 4.88 -38.80
N LEU B 252 35.96 4.04 -38.06
CA LEU B 252 34.66 4.37 -37.47
C LEU B 252 34.73 4.61 -35.97
N PHE B 253 35.94 4.72 -35.41
CA PHE B 253 36.10 4.95 -33.97
C PHE B 253 35.25 6.12 -33.50
N GLU B 254 35.14 7.15 -34.33
CA GLU B 254 34.33 8.32 -34.05
C GLU B 254 33.00 8.30 -34.77
N ASN B 255 32.68 7.23 -35.49
CA ASN B 255 31.42 7.08 -36.21
C ASN B 255 30.70 5.89 -35.61
N ARG B 256 29.73 6.16 -34.73
CA ARG B 256 28.98 5.12 -34.06
C ARG B 256 27.50 5.28 -34.36
N VAL B 257 26.95 4.32 -35.09
CA VAL B 257 25.50 4.25 -35.31
C VAL B 257 24.90 3.43 -34.19
N MET B 258 23.74 3.85 -33.69
CA MET B 258 23.12 3.19 -32.55
C MET B 258 21.68 2.85 -32.88
N ALA B 259 21.26 1.66 -32.49
CA ALA B 259 19.88 1.22 -32.63
C ALA B 259 19.58 0.31 -31.45
N PHE B 260 18.29 0.18 -31.11
CA PHE B 260 17.96 -0.64 -29.95
C PHE B 260 18.11 -2.12 -30.27
N THR B 261 17.28 -2.61 -31.19
CA THR B 261 17.23 -4.04 -31.45
C THR B 261 18.54 -4.52 -32.06
N ASN B 262 18.91 -5.75 -31.74
CA ASN B 262 19.98 -6.42 -32.47
C ASN B 262 19.48 -6.98 -33.79
N LYS B 263 18.16 -7.18 -33.93
CA LYS B 263 17.58 -7.54 -35.22
C LYS B 263 17.93 -6.51 -36.29
N SER B 264 17.70 -5.23 -36.00
CA SER B 264 18.02 -4.20 -36.97
C SER B 264 19.51 -4.20 -37.26
N VAL B 265 20.33 -4.18 -36.22
CA VAL B 265 21.79 -4.19 -36.35
C VAL B 265 22.25 -5.36 -37.21
N ASP B 266 21.63 -6.53 -37.03
CA ASP B 266 22.04 -7.70 -37.80
C ASP B 266 21.85 -7.49 -39.29
N LYS B 267 20.67 -7.01 -39.70
CA LYS B 267 20.47 -6.68 -41.11
C LYS B 267 21.39 -5.56 -41.56
N LEU B 268 21.81 -4.68 -40.64
CA LEU B 268 22.70 -3.60 -41.01
C LEU B 268 24.08 -4.12 -41.33
N ASN B 269 24.74 -4.73 -40.34
CA ASN B 269 26.07 -5.32 -40.55
C ASN B 269 26.09 -6.21 -41.80
N SER B 270 25.01 -6.94 -42.04
CA SER B 270 24.90 -7.70 -43.29
C SER B 270 25.06 -6.78 -44.49
N ILE B 271 24.18 -5.77 -44.60
CA ILE B 271 24.25 -4.82 -45.69
C ILE B 271 25.51 -3.96 -45.59
N ILE B 272 25.81 -3.44 -44.40
CA ILE B 272 26.92 -2.50 -44.21
C ILE B 272 28.26 -3.15 -44.58
N ARG B 273 28.47 -4.41 -44.20
CA ARG B 273 29.75 -5.06 -44.50
C ARG B 273 30.05 -5.03 -45.98
N LYS B 274 29.04 -5.33 -46.79
CA LYS B 274 29.20 -5.36 -48.24
C LYS B 274 29.56 -3.99 -48.80
N LYS B 275 29.25 -2.91 -48.07
CA LYS B 275 29.47 -1.56 -48.57
C LYS B 275 30.94 -1.16 -48.54
N ILE B 276 31.59 -1.23 -47.37
CA ILE B 276 32.92 -0.65 -47.24
C ILE B 276 33.93 -1.44 -48.07
N PHE B 277 33.97 -2.74 -47.87
CA PHE B 277 34.76 -3.64 -48.69
C PHE B 277 33.83 -4.52 -49.51
N GLU B 278 34.14 -4.65 -50.79
CA GLU B 278 33.27 -5.21 -51.82
C GLU B 278 33.14 -6.73 -51.71
N THR B 279 32.60 -7.21 -50.60
CA THR B 279 32.44 -8.63 -50.35
C THR B 279 31.05 -8.91 -49.83
N ASP B 280 30.50 -10.05 -50.25
CA ASP B 280 29.24 -10.55 -49.71
C ASP B 280 29.62 -11.59 -48.68
N LYS B 281 29.79 -11.14 -47.44
CA LYS B 281 30.22 -12.00 -46.36
C LYS B 281 29.45 -11.60 -45.11
N ASP B 282 29.13 -12.58 -44.31
CA ASP B 282 28.60 -12.31 -42.99
C ASP B 282 29.71 -11.78 -42.08
N PHE B 283 30.90 -12.37 -42.19
CA PHE B 283 32.10 -11.89 -41.52
C PHE B 283 33.30 -12.16 -42.42
N ILE B 284 34.17 -11.16 -42.57
CA ILE B 284 35.35 -11.25 -43.43
C ILE B 284 36.62 -11.00 -42.61
N VAL B 285 37.72 -11.59 -43.07
CA VAL B 285 38.99 -11.50 -42.36
C VAL B 285 39.40 -10.03 -42.23
N GLY B 286 39.96 -9.69 -41.07
CA GLY B 286 40.46 -8.35 -40.82
C GLY B 286 39.48 -7.42 -40.14
N GLU B 287 38.31 -7.93 -39.74
CA GLU B 287 37.27 -7.10 -39.15
C GLU B 287 37.59 -6.79 -37.68
N ILE B 288 37.11 -5.63 -37.22
CA ILE B 288 37.25 -5.23 -35.83
C ILE B 288 35.91 -5.43 -35.14
N ILE B 289 35.93 -6.11 -34.01
CA ILE B 289 34.72 -6.39 -33.24
C ILE B 289 35.00 -6.12 -31.77
N VAL B 290 33.93 -6.04 -30.98
CA VAL B 290 33.99 -5.70 -29.57
C VAL B 290 33.30 -6.79 -28.77
N MET B 291 33.87 -7.13 -27.61
CA MET B 291 33.26 -8.12 -26.73
C MET B 291 31.91 -7.63 -26.24
N GLN B 292 30.99 -8.57 -26.04
CA GLN B 292 29.73 -8.28 -25.37
C GLN B 292 29.75 -8.74 -23.92
N GLU B 293 30.68 -9.63 -23.57
CA GLU B 293 30.89 -10.08 -22.22
C GLU B 293 32.40 -10.13 -22.00
N PRO B 294 32.85 -10.15 -20.75
CA PRO B 294 34.28 -10.32 -20.49
C PRO B 294 34.77 -11.70 -20.90
N LEU B 295 36.08 -11.78 -21.15
CA LEU B 295 36.72 -13.03 -21.52
C LEU B 295 37.47 -13.54 -20.29
N PHE B 296 37.07 -14.72 -19.81
CA PHE B 296 37.70 -15.35 -18.66
C PHE B 296 38.50 -16.53 -19.15
N LYS B 297 39.71 -16.68 -18.63
CA LYS B 297 40.49 -17.89 -18.89
C LYS B 297 40.21 -18.77 -17.68
N THR B 298 39.31 -19.73 -17.86
CA THR B 298 38.84 -20.55 -16.75
C THR B 298 39.73 -21.78 -16.57
N TYR B 299 40.02 -22.09 -15.32
CA TYR B 299 40.76 -23.27 -14.95
C TYR B 299 39.86 -24.07 -14.01
N LYS B 300 40.00 -25.39 -14.02
CA LYS B 300 39.16 -26.21 -13.16
C LYS B 300 39.71 -26.14 -11.74
N ILE B 301 38.92 -25.59 -10.81
CA ILE B 301 39.36 -25.41 -9.44
C ILE B 301 38.20 -25.67 -8.50
N ASP B 302 38.53 -26.16 -7.31
CA ASP B 302 37.52 -26.46 -6.31
C ASP B 302 36.73 -25.20 -5.97
N GLY B 303 35.43 -25.39 -5.72
CA GLY B 303 34.56 -24.24 -5.54
C GLY B 303 34.34 -23.57 -6.88
N LYS B 304 34.56 -22.26 -6.92
CA LYS B 304 34.39 -21.50 -8.16
C LYS B 304 35.74 -20.94 -8.57
N PRO B 305 36.22 -21.22 -9.78
CA PRO B 305 37.42 -20.55 -10.29
C PRO B 305 37.15 -19.09 -10.59
N VAL B 306 37.86 -18.19 -9.90
CA VAL B 306 37.77 -16.79 -10.27
C VAL B 306 38.35 -16.58 -11.65
N SER B 307 39.05 -17.58 -12.17
CA SER B 307 39.66 -17.56 -13.49
C SER B 307 40.55 -16.35 -13.64
N GLU B 308 41.00 -16.08 -14.86
CA GLU B 308 41.69 -14.84 -15.12
C GLU B 308 40.98 -14.16 -16.27
N ILE B 309 40.60 -12.90 -16.06
CA ILE B 309 39.91 -12.15 -17.09
C ILE B 309 40.93 -11.81 -18.16
N ILE B 310 40.61 -12.12 -19.41
CA ILE B 310 41.54 -11.86 -20.49
C ILE B 310 41.11 -10.57 -21.17
N PHE B 311 39.94 -10.57 -21.79
CA PHE B 311 39.42 -9.39 -22.45
C PHE B 311 38.18 -8.91 -21.71
N ASN B 312 38.16 -7.64 -21.37
CA ASN B 312 37.04 -7.06 -20.64
C ASN B 312 35.84 -6.84 -21.57
N ASN B 313 34.65 -6.79 -20.97
CA ASN B 313 33.47 -6.44 -21.75
C ASN B 313 33.58 -5.00 -22.22
N GLY B 314 33.44 -4.80 -23.53
CA GLY B 314 33.70 -3.53 -24.15
C GLY B 314 35.09 -3.39 -24.71
N GLN B 315 35.95 -4.39 -24.50
CA GLN B 315 37.28 -4.37 -25.08
C GLN B 315 37.22 -4.45 -26.59
N LEU B 316 37.96 -3.57 -27.25
CA LEU B 316 38.13 -3.64 -28.69
C LEU B 316 39.19 -4.67 -29.01
N VAL B 317 39.00 -5.39 -30.12
CA VAL B 317 39.95 -6.41 -30.55
C VAL B 317 40.01 -6.41 -32.06
N ARG B 318 41.18 -6.77 -32.60
CA ARG B 318 41.39 -6.88 -34.03
C ARG B 318 41.47 -8.36 -34.38
N ILE B 319 40.67 -8.78 -35.37
CA ILE B 319 40.67 -10.17 -35.80
C ILE B 319 41.96 -10.47 -36.55
N ILE B 320 42.63 -11.56 -36.13
CA ILE B 320 43.88 -11.98 -36.78
C ILE B 320 43.55 -12.89 -37.96
N GLU B 321 42.87 -14.00 -37.70
CA GLU B 321 42.46 -14.94 -38.74
C GLU B 321 40.98 -15.28 -38.57
N ALA B 322 40.30 -15.52 -39.69
CA ALA B 322 38.87 -15.81 -39.71
C ALA B 322 38.60 -17.06 -40.53
N GLU B 323 37.81 -17.98 -39.97
CA GLU B 323 37.39 -19.19 -40.66
C GLU B 323 36.11 -19.72 -40.02
N TYR B 324 35.29 -20.38 -40.83
CA TYR B 324 34.05 -21.02 -40.39
C TYR B 324 34.25 -22.53 -40.36
N THR B 325 34.19 -23.12 -39.17
CA THR B 325 34.34 -24.57 -39.04
C THR B 325 33.20 -25.16 -38.20
N SER B 326 33.30 -26.45 -37.90
CA SER B 326 32.32 -27.17 -37.10
C SER B 326 33.02 -27.92 -35.98
N THR B 327 32.27 -28.24 -34.93
CA THR B 327 32.83 -28.92 -33.76
C THR B 327 31.79 -29.84 -33.16
N PHE B 328 32.14 -31.13 -33.03
CA PHE B 328 31.29 -32.11 -32.38
C PHE B 328 31.32 -31.94 -30.87
N VAL B 329 30.14 -31.82 -30.25
CA VAL B 329 30.02 -31.67 -28.81
C VAL B 329 29.40 -32.96 -28.25
N LYS B 330 30.06 -33.53 -27.24
CA LYS B 330 29.59 -34.73 -26.57
C LYS B 330 29.40 -34.44 -25.09
N ALA B 331 28.28 -34.90 -24.54
CA ALA B 331 28.01 -34.79 -23.12
C ALA B 331 27.94 -36.18 -22.50
N ARG B 332 28.63 -36.36 -21.38
CA ARG B 332 28.52 -37.61 -20.64
C ARG B 332 27.08 -37.82 -20.21
N GLY B 333 26.58 -39.04 -20.41
CA GLY B 333 25.17 -39.32 -20.25
C GLY B 333 24.33 -39.09 -21.49
N VAL B 334 24.90 -38.50 -22.53
CA VAL B 334 24.25 -38.32 -23.82
C VAL B 334 25.08 -39.08 -24.85
N PRO B 335 24.51 -40.03 -25.58
CA PRO B 335 25.33 -40.86 -26.47
C PRO B 335 25.91 -40.05 -27.62
N GLY B 336 27.22 -40.19 -27.82
CA GLY B 336 27.90 -39.60 -28.96
C GLY B 336 28.16 -38.11 -28.82
N GLU B 337 28.72 -37.55 -29.89
CA GLU B 337 29.03 -36.13 -30.00
C GLU B 337 28.17 -35.52 -31.10
N TYR B 338 27.94 -34.21 -31.01
CA TYR B 338 26.99 -33.52 -31.87
C TYR B 338 27.69 -32.35 -32.56
N LEU B 339 27.68 -32.38 -33.89
CA LEU B 339 28.37 -31.39 -34.70
C LEU B 339 27.61 -30.06 -34.73
N ILE B 340 28.35 -28.97 -34.55
CA ILE B 340 27.80 -27.62 -34.63
C ILE B 340 28.75 -26.76 -35.47
N ARG B 341 28.22 -26.18 -36.55
CA ARG B 341 28.99 -25.30 -37.43
C ARG B 341 29.05 -23.88 -36.87
N HIS B 342 30.26 -23.31 -36.83
CA HIS B 342 30.48 -22.01 -36.21
C HIS B 342 31.55 -21.26 -36.98
N TRP B 343 31.91 -20.07 -36.47
CA TRP B 343 33.03 -19.28 -36.98
C TRP B 343 34.19 -19.47 -36.01
N ASP B 344 35.32 -19.95 -36.52
CA ASP B 344 36.54 -20.04 -35.71
C ASP B 344 37.42 -18.84 -36.08
N LEU B 345 37.22 -17.72 -35.38
CA LEU B 345 37.99 -16.50 -35.64
C LEU B 345 39.05 -16.33 -34.57
N THR B 346 40.27 -16.04 -35.02
CA THR B 346 41.37 -15.68 -34.15
C THR B 346 41.46 -14.15 -34.08
N VAL B 347 41.65 -13.64 -32.87
CA VAL B 347 41.58 -12.21 -32.61
C VAL B 347 42.70 -11.84 -31.66
N GLU B 348 43.20 -10.62 -31.80
CA GLU B 348 44.24 -10.11 -30.91
C GLU B 348 43.75 -8.84 -30.26
N THR B 349 44.45 -8.46 -29.18
CA THR B 349 44.10 -7.25 -28.47
C THR B 349 44.25 -6.03 -29.36
N TYR B 350 43.22 -5.20 -29.40
CA TYR B 350 43.27 -3.89 -30.03
C TYR B 350 42.99 -2.85 -28.95
N GLY B 351 43.98 -2.03 -28.66
CA GLY B 351 43.82 -1.03 -27.64
C GLY B 351 45.06 -0.97 -26.78
N ASP B 352 44.92 -0.33 -25.62
CA ASP B 352 46.03 -0.13 -24.70
C ASP B 352 46.11 -1.16 -23.59
N ASP B 353 45.18 -2.12 -23.54
CA ASP B 353 45.23 -3.14 -22.50
C ASP B 353 46.37 -4.13 -22.78
N GLU B 354 46.50 -5.11 -21.88
CA GLU B 354 47.54 -6.11 -22.03
C GLU B 354 47.34 -6.88 -23.33
N TYR B 355 48.45 -7.10 -24.04
CA TYR B 355 48.39 -7.72 -25.36
C TYR B 355 48.25 -9.23 -25.24
N TYR B 356 47.28 -9.79 -25.95
CA TYR B 356 47.06 -11.22 -26.01
C TYR B 356 46.69 -11.62 -27.43
N ARG B 357 47.22 -12.74 -27.88
CA ARG B 357 46.87 -13.34 -29.16
C ARG B 357 46.05 -14.60 -28.88
N GLU B 358 44.81 -14.61 -29.33
CA GLU B 358 43.88 -15.69 -29.02
C GLU B 358 43.11 -16.12 -30.26
N LYS B 359 42.25 -17.13 -30.05
CA LYS B 359 41.45 -17.74 -31.09
C LYS B 359 40.15 -18.20 -30.42
N ILE B 360 39.01 -17.83 -31.01
CA ILE B 360 37.74 -18.23 -30.43
C ILE B 360 36.87 -18.95 -31.45
N LYS B 361 35.99 -19.81 -30.94
CA LYS B 361 34.92 -20.43 -31.71
C LYS B 361 33.64 -19.61 -31.49
N ILE B 362 32.95 -19.25 -32.58
CA ILE B 362 31.75 -18.42 -32.49
C ILE B 362 30.71 -18.84 -33.53
N ILE B 363 29.46 -19.01 -33.09
CA ILE B 363 28.35 -19.43 -33.93
C ILE B 363 27.59 -18.20 -34.39
N SER B 364 27.41 -18.05 -35.71
CA SER B 364 26.66 -16.93 -36.27
C SER B 364 25.56 -17.39 -37.24
N SER B 365 24.83 -18.45 -36.89
CA SER B 365 23.71 -18.90 -37.72
C SER B 365 22.46 -19.03 -36.88
N ASP B 366 21.36 -18.43 -37.34
CA ASP B 366 20.08 -18.61 -36.65
C ASP B 366 19.66 -20.07 -36.66
N GLU B 367 19.93 -20.78 -37.76
CA GLU B 367 19.65 -22.21 -37.80
C GLU B 367 20.45 -22.94 -36.73
N GLU B 368 21.73 -22.60 -36.62
CA GLU B 368 22.60 -23.25 -35.63
C GLU B 368 22.27 -22.75 -34.22
N LEU B 369 21.92 -21.48 -34.08
CA LEU B 369 21.63 -20.92 -32.76
C LEU B 369 20.43 -21.61 -32.11
N TYR B 370 19.34 -21.78 -32.86
CA TYR B 370 18.24 -22.59 -32.33
C TYR B 370 18.68 -24.04 -32.13
N LYS B 371 19.54 -24.55 -33.01
CA LYS B 371 20.17 -25.85 -32.76
C LYS B 371 20.94 -25.83 -31.44
N PHE B 372 21.62 -24.71 -31.16
CA PHE B 372 22.38 -24.59 -29.92
C PHE B 372 21.46 -24.59 -28.71
N ASN B 373 20.41 -23.77 -28.74
CA ASN B 373 19.51 -23.67 -27.60
C ASN B 373 18.84 -25.00 -27.30
N LEU B 374 18.52 -25.78 -28.33
CA LEU B 374 17.86 -27.07 -28.13
C LEU B 374 18.74 -28.06 -27.36
N PHE B 375 20.02 -28.14 -27.70
CA PHE B 375 20.93 -29.02 -26.96
C PHE B 375 20.91 -28.71 -25.47
N LEU B 376 20.92 -27.42 -25.13
CA LEU B 376 20.89 -27.01 -23.74
C LEU B 376 19.66 -27.56 -23.04
N GLY B 377 18.52 -27.56 -23.74
CA GLY B 377 17.27 -27.99 -23.12
C GLY B 377 17.20 -29.48 -22.87
N LYS B 378 17.71 -30.27 -23.82
CA LYS B 378 17.84 -31.70 -23.58
C LYS B 378 18.83 -31.94 -22.44
N THR B 379 19.97 -31.25 -22.48
CA THR B 379 20.91 -31.32 -21.36
C THR B 379 20.28 -30.77 -20.08
N ALA B 380 19.42 -29.76 -20.20
CA ALA B 380 18.68 -29.26 -19.04
C ALA B 380 17.65 -30.30 -18.58
N GLU B 381 16.94 -30.92 -19.53
CA GLU B 381 15.98 -31.95 -19.18
C GLU B 381 16.63 -33.11 -18.45
N THR B 382 17.84 -33.49 -18.85
CA THR B 382 18.49 -34.65 -18.26
C THR B 382 19.28 -34.35 -16.99
N TYR B 383 19.93 -33.18 -16.92
CA TYR B 383 20.79 -32.89 -15.78
C TYR B 383 20.04 -32.47 -14.52
N LYS B 384 18.85 -31.86 -14.65
CA LYS B 384 18.16 -31.39 -13.46
C LYS B 384 17.79 -32.53 -12.53
N ASN B 385 17.38 -33.68 -13.08
CA ASN B 385 17.14 -34.87 -12.24
C ASN B 385 17.91 -36.07 -12.82
N TRP B 386 19.22 -36.10 -12.57
CA TRP B 386 20.08 -37.21 -12.97
C TRP B 386 20.31 -38.14 -11.79
N ASN B 387 20.13 -39.44 -12.02
CA ASN B 387 20.43 -40.40 -10.95
C ASN B 387 20.73 -41.78 -11.52
N LYS B 388 21.89 -41.91 -12.18
CA LYS B 388 22.50 -43.21 -12.45
C LYS B 388 23.71 -43.42 -11.53
N GLY B 389 23.73 -42.71 -10.41
CA GLY B 389 24.86 -42.65 -9.51
C GLY B 389 25.80 -41.51 -9.85
N GLY B 390 26.73 -41.26 -8.94
CA GLY B 390 27.68 -40.18 -9.10
C GLY B 390 27.07 -38.83 -8.74
N LYS B 391 27.49 -37.79 -9.47
CA LYS B 391 27.01 -36.44 -9.22
C LYS B 391 26.33 -35.86 -10.46
N ALA B 392 27.12 -35.21 -11.34
CA ALA B 392 26.66 -34.72 -12.64
C ALA B 392 27.79 -34.05 -13.41
N PRO B 393 27.95 -34.35 -14.70
CA PRO B 393 29.05 -33.73 -15.45
C PRO B 393 28.73 -32.28 -15.86
N TRP B 394 28.99 -31.35 -14.94
CA TRP B 394 28.81 -29.95 -15.28
C TRP B 394 30.13 -29.32 -15.70
N SER B 395 31.25 -30.03 -15.48
CA SER B 395 32.51 -29.60 -16.06
C SER B 395 32.46 -29.68 -17.58
N ASP B 396 31.64 -30.58 -18.11
CA ASP B 396 31.38 -30.67 -19.54
C ASP B 396 30.20 -29.79 -19.95
N PHE B 397 29.54 -29.17 -18.98
CA PHE B 397 28.51 -28.18 -19.27
C PHE B 397 29.15 -26.87 -19.70
N TRP B 398 29.88 -26.24 -18.78
CA TRP B 398 30.49 -24.95 -19.06
C TRP B 398 31.64 -25.06 -20.07
N ASP B 399 32.48 -26.10 -19.97
CA ASP B 399 33.50 -26.32 -20.99
C ASP B 399 32.90 -26.32 -22.39
N ALA B 400 31.72 -26.92 -22.54
CA ALA B 400 31.01 -26.85 -23.81
C ALA B 400 30.23 -25.55 -23.94
N LYS B 401 29.70 -25.03 -22.84
CA LYS B 401 28.95 -23.77 -22.86
C LYS B 401 29.86 -22.56 -23.05
N SER B 402 30.99 -22.51 -22.36
CA SER B 402 31.89 -21.36 -22.41
C SER B 402 32.81 -21.33 -23.63
N GLN B 403 32.89 -22.41 -24.40
CA GLN B 403 33.70 -22.38 -25.63
C GLN B 403 33.28 -21.26 -26.58
N PHE B 404 32.01 -20.83 -26.53
CA PHE B 404 31.49 -19.82 -27.43
C PHE B 404 30.96 -18.61 -26.67
N SER B 405 31.42 -17.43 -27.07
CA SER B 405 30.87 -16.16 -26.62
C SER B 405 30.01 -15.54 -27.72
N LYS B 406 29.38 -14.42 -27.40
CA LYS B 406 28.56 -13.67 -28.34
C LYS B 406 29.14 -12.26 -28.40
N VAL B 407 29.52 -11.82 -29.61
CA VAL B 407 30.10 -10.50 -29.81
C VAL B 407 29.47 -9.92 -31.09
N LYS B 408 29.62 -8.61 -31.25
CA LYS B 408 29.03 -7.94 -32.40
C LYS B 408 30.01 -6.95 -33.01
N ALA B 409 29.80 -6.66 -34.29
CA ALA B 409 30.70 -5.79 -35.03
C ALA B 409 30.71 -4.38 -34.45
N LEU B 410 31.73 -3.62 -34.85
CA LEU B 410 31.92 -2.28 -34.30
C LEU B 410 30.86 -1.27 -34.73
N PRO B 411 30.47 -1.18 -36.02
CA PRO B 411 29.67 0.00 -36.46
C PRO B 411 28.47 0.33 -35.58
N ALA B 412 27.64 -0.66 -35.27
CA ALA B 412 26.41 -0.43 -34.54
C ALA B 412 26.43 -1.17 -33.20
N SER B 413 25.80 -0.53 -32.21
CA SER B 413 25.56 -1.15 -30.92
C SER B 413 24.21 -0.65 -30.43
N THR B 414 23.68 -1.31 -29.40
CA THR B 414 22.44 -0.84 -28.83
C THR B 414 22.69 0.43 -28.02
N PHE B 415 21.65 1.27 -27.94
CA PHE B 415 21.75 2.46 -27.10
C PHE B 415 22.20 2.06 -25.70
N HIS B 416 21.75 0.89 -25.23
CA HIS B 416 22.31 0.31 -24.01
C HIS B 416 23.81 0.10 -24.16
N LYS B 417 24.21 -0.56 -25.25
CA LYS B 417 25.62 -0.92 -25.48
C LYS B 417 26.44 0.22 -26.04
N ALA B 418 25.82 1.34 -26.42
CA ALA B 418 26.56 2.51 -26.88
C ALA B 418 26.79 3.51 -25.77
N GLN B 419 26.25 3.27 -24.58
CA GLN B 419 26.41 4.21 -23.47
C GLN B 419 27.89 4.42 -23.17
N GLY B 420 28.25 5.65 -22.84
CA GLY B 420 29.61 5.93 -22.44
C GLY B 420 30.55 6.16 -23.60
N MET B 421 30.26 5.54 -24.75
CA MET B 421 31.17 5.60 -25.89
C MET B 421 31.06 6.97 -26.54
N SER B 422 32.07 7.81 -26.30
CA SER B 422 32.10 9.16 -26.85
C SER B 422 32.80 9.12 -28.20
N VAL B 423 32.06 9.47 -29.25
CA VAL B 423 32.57 9.47 -30.62
C VAL B 423 32.27 10.84 -31.23
N ASP B 424 32.96 11.16 -32.32
CA ASP B 424 32.78 12.48 -32.92
C ASP B 424 31.37 12.63 -33.49
N ARG B 425 30.99 11.76 -34.42
CA ARG B 425 29.74 11.92 -35.16
C ARG B 425 28.83 10.74 -34.92
N ALA B 426 27.57 11.02 -34.60
CA ALA B 426 26.54 10.02 -34.35
C ALA B 426 25.42 10.15 -35.36
N PHE B 427 25.01 9.03 -35.95
CA PHE B 427 23.80 8.93 -36.74
C PHE B 427 22.78 8.14 -35.92
N ILE B 428 21.55 8.64 -35.84
CA ILE B 428 20.56 8.12 -34.90
C ILE B 428 19.38 7.55 -35.67
N TYR B 429 18.95 6.35 -35.25
CA TYR B 429 17.79 5.65 -35.82
C TYR B 429 16.78 5.42 -34.70
N THR B 430 15.64 6.10 -34.78
CA THR B 430 14.60 6.09 -33.74
C THR B 430 13.49 5.01 -33.79
N PRO B 431 13.06 4.53 -34.98
CA PRO B 431 11.74 3.86 -35.07
C PRO B 431 11.44 2.71 -34.10
N CYS B 432 12.42 1.89 -33.71
CA CYS B 432 12.04 0.72 -32.93
C CYS B 432 11.80 1.02 -31.45
N ILE B 433 11.86 2.29 -31.06
CA ILE B 433 11.86 2.68 -29.66
C ILE B 433 10.48 2.55 -28.99
N HIS B 434 9.40 2.54 -29.77
CA HIS B 434 8.06 2.63 -29.19
C HIS B 434 7.73 1.48 -28.25
N TYR B 435 8.44 0.36 -28.34
CA TYR B 435 8.22 -0.75 -27.43
C TYR B 435 8.83 -0.51 -26.05
N ALA B 436 9.62 0.55 -25.90
CA ALA B 436 10.24 0.96 -24.65
C ALA B 436 9.43 2.02 -23.93
N ASP B 437 9.62 2.08 -22.61
CA ASP B 437 8.96 3.06 -21.77
C ASP B 437 9.41 4.48 -22.11
N VAL B 438 8.56 5.45 -21.79
CA VAL B 438 8.81 6.84 -22.16
C VAL B 438 10.11 7.36 -21.53
N GLU B 439 10.24 7.24 -20.21
CA GLU B 439 11.42 7.74 -19.51
C GLU B 439 12.70 7.15 -20.10
N LEU B 440 12.69 5.86 -20.41
CA LEU B 440 13.88 5.24 -21.01
C LEU B 440 14.20 5.89 -22.35
N ALA B 441 13.18 6.24 -23.14
CA ALA B 441 13.41 6.86 -24.43
C ALA B 441 14.15 8.19 -24.29
N GLN B 442 13.89 8.93 -23.22
CA GLN B 442 14.62 10.17 -22.96
C GLN B 442 16.00 9.90 -22.38
N GLN B 443 16.11 8.85 -21.55
CA GLN B 443 17.41 8.47 -21.04
C GLN B 443 18.31 7.92 -22.13
N LEU B 444 17.74 7.22 -23.11
CA LEU B 444 18.51 6.82 -24.28
C LEU B 444 19.01 8.07 -25.02
N LEU B 445 18.12 9.04 -25.20
CA LEU B 445 18.41 10.31 -25.85
C LEU B 445 19.63 10.98 -25.26
N TYR B 446 19.53 11.37 -23.98
CA TYR B 446 20.65 11.98 -23.27
C TYR B 446 21.93 11.20 -23.50
N VAL B 447 21.89 9.90 -23.21
CA VAL B 447 23.05 9.04 -23.47
C VAL B 447 23.38 9.04 -24.95
N GLY B 448 22.37 8.88 -25.80
CA GLY B 448 22.60 8.89 -27.24
C GLY B 448 23.23 10.18 -27.73
N VAL B 449 22.71 11.32 -27.28
CA VAL B 449 23.27 12.61 -27.68
C VAL B 449 24.70 12.76 -27.16
N THR B 450 24.94 12.34 -25.93
CA THR B 450 26.28 12.43 -25.36
C THR B 450 27.30 11.51 -26.02
N ARG B 451 26.87 10.64 -26.94
CA ARG B 451 27.85 9.82 -27.64
C ARG B 451 28.60 10.62 -28.68
N GLY B 452 27.92 11.55 -29.35
CA GLY B 452 28.56 12.43 -30.29
C GLY B 452 29.21 13.62 -29.61
N ARG B 453 30.54 13.63 -29.52
CA ARG B 453 31.20 14.78 -28.91
C ARG B 453 31.26 15.96 -29.87
N TYR B 454 31.45 15.70 -31.16
CA TYR B 454 31.58 16.78 -32.14
C TYR B 454 30.28 17.09 -32.88
N ASP B 455 29.66 16.10 -33.53
CA ASP B 455 28.47 16.36 -34.34
C ASP B 455 27.49 15.20 -34.25
N VAL B 456 26.25 15.50 -34.63
CA VAL B 456 25.14 14.54 -34.64
C VAL B 456 24.21 14.84 -35.82
N PHE B 457 23.80 13.79 -36.52
CA PHE B 457 22.76 13.86 -37.54
C PHE B 457 21.58 13.03 -37.04
N TYR B 458 20.36 13.51 -37.26
CA TYR B 458 19.19 12.70 -36.89
C TYR B 458 18.26 12.59 -38.07
N VAL B 459 17.82 11.37 -38.34
CA VAL B 459 16.77 11.15 -39.32
C VAL B 459 15.47 10.87 -38.57
N SER C 24 2.23 -26.09 18.77
CA SER C 24 1.80 -27.47 18.61
C SER C 24 1.09 -27.67 17.27
N SER C 25 1.57 -28.65 16.51
CA SER C 25 0.98 -28.98 15.21
C SER C 25 0.79 -30.48 14.98
N GLU C 26 1.63 -31.34 15.57
CA GLU C 26 1.44 -32.78 15.38
C GLU C 26 0.11 -33.24 15.95
N ASP C 27 -0.34 -32.61 17.04
CA ASP C 27 -1.64 -32.95 17.61
C ASP C 27 -2.77 -32.60 16.65
N LYS C 28 -2.59 -31.56 15.84
CA LYS C 28 -3.57 -31.20 14.82
C LYS C 28 -3.56 -32.11 13.61
N GLY C 29 -2.59 -33.02 13.49
CA GLY C 29 -2.57 -33.95 12.38
C GLY C 29 -1.76 -33.53 11.17
N GLU C 30 -0.97 -32.46 11.27
CA GLU C 30 -0.20 -31.94 10.15
C GLU C 30 1.28 -32.18 10.41
N TRP C 31 1.99 -32.67 9.40
CA TRP C 31 3.41 -32.94 9.54
C TRP C 31 4.22 -31.65 9.45
N LYS C 32 5.25 -31.56 10.28
CA LYS C 32 6.25 -30.52 10.19
C LYS C 32 7.62 -31.15 10.43
N LEU C 33 8.66 -30.40 10.10
CA LEU C 33 10.02 -30.90 10.20
C LEU C 33 10.58 -30.66 11.60
N LYS C 34 11.34 -31.63 12.10
CA LYS C 34 12.22 -31.35 13.23
C LYS C 34 13.40 -30.55 12.69
N LEU C 35 13.33 -29.24 12.84
CA LEU C 35 14.44 -28.41 12.40
C LEU C 35 15.64 -28.69 13.30
N ASP C 36 16.82 -28.72 12.71
CA ASP C 36 18.01 -28.91 13.53
C ASP C 36 18.25 -27.66 14.36
N ASN C 37 19.16 -27.78 15.33
CA ASN C 37 19.59 -26.60 16.06
C ASN C 37 20.29 -25.61 15.13
N ALA C 38 21.18 -26.11 14.27
CA ALA C 38 21.77 -25.32 13.21
C ALA C 38 20.77 -24.99 12.10
N GLY C 39 19.60 -25.61 12.10
CA GLY C 39 18.66 -25.48 11.02
C GLY C 39 18.77 -26.50 9.92
N ASN C 40 19.71 -27.44 10.00
CA ASN C 40 19.85 -28.43 8.96
C ASN C 40 18.67 -29.40 8.96
N GLY C 41 18.34 -29.92 7.79
CA GLY C 41 17.25 -30.86 7.71
C GLY C 41 17.13 -31.60 6.39
N GLN C 42 16.85 -32.90 6.47
CA GLN C 42 16.58 -33.72 5.30
C GLN C 42 15.31 -34.50 5.51
N ALA C 43 14.50 -34.61 4.45
CA ALA C 43 13.23 -35.32 4.54
C ALA C 43 12.84 -35.81 3.16
N VAL C 44 12.11 -36.93 3.12
CA VAL C 44 11.74 -37.59 1.86
C VAL C 44 10.25 -37.92 1.90
N ILE C 45 9.52 -37.48 0.87
CA ILE C 45 8.08 -37.69 0.76
C ILE C 45 7.71 -37.93 -0.69
N ARG C 46 6.55 -38.56 -0.88
CA ARG C 46 5.92 -38.70 -2.18
C ARG C 46 4.63 -37.90 -2.19
N PHE C 47 4.20 -37.50 -3.38
CA PHE C 47 3.18 -36.48 -3.55
C PHE C 47 1.82 -37.15 -3.76
N LEU C 48 0.78 -36.33 -3.80
CA LEU C 48 -0.59 -36.81 -3.94
C LEU C 48 -1.31 -36.10 -5.08
N PRO C 49 -2.16 -36.81 -5.80
CA PRO C 49 -2.92 -36.20 -6.89
C PRO C 49 -4.09 -35.36 -6.38
N SER C 50 -5.26 -35.57 -6.97
CA SER C 50 -6.46 -34.83 -6.62
C SER C 50 -7.44 -35.71 -5.85
N LYS C 51 -7.94 -35.21 -4.72
CA LYS C 51 -8.95 -35.95 -3.98
C LYS C 51 -10.23 -36.13 -4.78
N ASN C 52 -10.74 -35.04 -5.34
CA ASN C 52 -11.86 -35.12 -6.26
C ASN C 52 -11.29 -35.25 -7.67
N ASP C 53 -12.14 -35.68 -8.60
CA ASP C 53 -11.66 -35.92 -9.96
C ASP C 53 -11.22 -34.60 -10.58
N GLU C 54 -9.97 -34.57 -11.07
CA GLU C 54 -9.40 -33.39 -11.71
C GLU C 54 -9.39 -32.21 -10.75
N GLN C 55 -10.57 -31.81 -10.26
CA GLN C 55 -10.69 -30.73 -9.29
C GLN C 55 -10.11 -31.15 -7.94
N ALA C 56 -9.91 -30.16 -7.07
CA ALA C 56 -9.44 -30.35 -5.71
C ALA C 56 -8.18 -31.19 -5.59
N PRO C 57 -7.09 -30.83 -6.27
CA PRO C 57 -5.81 -31.52 -6.02
C PRO C 57 -5.08 -30.96 -4.80
N PHE C 58 -5.10 -29.64 -4.66
CA PHE C 58 -4.35 -28.97 -3.61
C PHE C 58 -5.14 -27.73 -3.16
N ALA C 59 -4.54 -26.94 -2.29
CA ALA C 59 -5.19 -25.72 -1.83
C ALA C 59 -4.15 -24.64 -1.58
N ILE C 60 -4.57 -23.39 -1.74
CA ILE C 60 -3.76 -22.21 -1.43
C ILE C 60 -4.69 -21.17 -0.81
N LEU C 61 -4.38 -20.76 0.42
CA LEU C 61 -5.24 -19.88 1.21
C LEU C 61 -4.59 -18.51 1.35
N VAL C 62 -5.41 -17.47 1.33
CA VAL C 62 -4.96 -16.10 1.52
C VAL C 62 -5.43 -15.62 2.88
N ASN C 63 -4.49 -15.16 3.71
CA ASN C 63 -4.80 -14.62 5.02
C ASN C 63 -3.84 -13.48 5.27
N HIS C 64 -4.09 -12.68 6.30
CA HIS C 64 -3.14 -11.60 6.64
C HIS C 64 -2.50 -11.94 7.97
N GLY C 65 -1.16 -11.90 8.07
CA GLY C 65 -0.46 -12.23 9.30
C GLY C 65 0.66 -11.28 9.68
N PHE C 66 0.64 -10.76 10.91
CA PHE C 66 1.59 -9.74 11.36
C PHE C 66 1.61 -9.68 12.88
N LYS C 67 2.58 -8.92 13.40
CA LYS C 67 2.76 -8.73 14.85
C LYS C 67 3.07 -7.28 15.18
N LYS C 68 2.29 -6.69 16.08
CA LYS C 68 2.54 -5.35 16.61
C LYS C 68 1.91 -5.24 18.00
N ASN C 69 2.55 -4.43 18.86
CA ASN C 69 2.22 -4.40 20.29
C ASN C 69 2.26 -5.81 20.89
N GLY C 70 3.07 -6.68 20.30
CA GLY C 70 3.06 -8.08 20.64
C GLY C 70 1.84 -8.82 20.08
N LYS C 71 0.74 -8.09 19.90
CA LYS C 71 -0.48 -8.65 19.35
C LYS C 71 -0.26 -9.17 17.93
N TRP C 72 -1.10 -10.11 17.52
CA TRP C 72 -0.99 -10.78 16.24
C TRP C 72 -2.35 -10.77 15.55
N TYR C 73 -2.34 -11.00 14.24
CA TYR C 73 -3.58 -11.21 13.49
C TYR C 73 -3.22 -12.11 12.32
N ILE C 74 -3.72 -13.35 12.33
CA ILE C 74 -3.48 -14.28 11.22
C ILE C 74 -4.77 -15.07 10.94
N GLU C 75 -5.63 -14.51 10.09
CA GLU C 75 -6.88 -15.17 9.73
C GLU C 75 -7.18 -14.92 8.26
N THR C 76 -8.18 -15.62 7.74
CA THR C 76 -8.37 -15.77 6.30
C THR C 76 -8.80 -14.46 5.63
N CYS C 77 -8.66 -14.44 4.30
CA CYS C 77 -9.02 -13.24 3.49
C CYS C 77 -9.76 -13.77 2.27
N SER C 78 -10.86 -13.12 1.88
CA SER C 78 -11.85 -13.67 0.95
C SER C 78 -11.39 -13.67 -0.51
N SER C 79 -10.22 -13.09 -0.82
CA SER C 79 -9.74 -12.98 -2.19
C SER C 79 -9.57 -14.32 -2.91
N THR C 80 -9.76 -15.46 -2.25
CA THR C 80 -9.70 -16.75 -2.94
C THR C 80 -10.69 -16.81 -4.10
N HIS C 81 -11.92 -16.36 -3.89
CA HIS C 81 -12.96 -16.37 -4.91
C HIS C 81 -13.20 -15.00 -5.54
N GLY C 82 -12.25 -14.08 -5.45
CA GLY C 82 -12.43 -12.78 -6.04
C GLY C 82 -13.09 -11.74 -5.15
N ASP C 83 -13.51 -12.11 -3.94
CA ASP C 83 -14.16 -11.18 -3.02
C ASP C 83 -13.11 -10.30 -2.35
N TYR C 84 -12.67 -9.28 -3.08
CA TYR C 84 -11.80 -8.27 -2.50
C TYR C 84 -12.51 -7.44 -1.44
N ASP C 85 -13.85 -7.40 -1.49
CA ASP C 85 -14.62 -6.55 -0.58
C ASP C 85 -14.70 -7.15 0.82
N SER C 86 -14.89 -8.46 0.91
CA SER C 86 -15.03 -9.09 2.22
C SER C 86 -13.65 -9.30 2.84
N CYS C 87 -12.82 -8.26 2.81
CA CYS C 87 -11.57 -8.27 3.64
C CYS C 87 -11.31 -6.87 4.25
N PRO C 88 -11.08 -6.77 5.55
CA PRO C 88 -10.86 -5.43 6.12
C PRO C 88 -9.45 -4.94 5.84
N VAL C 89 -8.50 -5.85 5.63
CA VAL C 89 -7.15 -5.46 5.27
C VAL C 89 -7.05 -5.13 3.79
N CYS C 90 -7.56 -6.01 2.93
CA CYS C 90 -7.46 -5.79 1.46
C CYS C 90 -8.03 -4.42 1.11
N GLN C 91 -9.26 -4.11 1.52
CA GLN C 91 -9.80 -2.78 1.25
C GLN C 91 -8.89 -1.71 1.84
N TYR C 92 -8.46 -1.92 3.09
CA TYR C 92 -7.56 -0.98 3.75
C TYR C 92 -6.24 -0.84 2.97
N ILE C 93 -5.81 -1.90 2.30
CA ILE C 93 -4.68 -1.79 1.39
C ILE C 93 -5.01 -0.85 0.24
N SER C 94 -6.16 -1.08 -0.40
CA SER C 94 -6.56 -0.29 -1.57
C SER C 94 -6.91 1.15 -1.21
N LYS C 95 -7.42 1.37 0.01
CA LYS C 95 -7.86 2.71 0.41
C LYS C 95 -6.70 3.71 0.43
N ASN C 96 -5.62 3.34 1.10
CA ASN C 96 -4.47 4.21 1.28
C ASN C 96 -3.44 4.03 0.17
N ASP C 97 -3.72 3.18 -0.81
CA ASP C 97 -2.76 2.79 -1.84
C ASP C 97 -1.47 2.29 -1.19
N LEU C 98 -1.61 1.19 -0.44
CA LEU C 98 -0.48 0.68 0.32
C LEU C 98 0.68 0.19 -0.57
N TYR C 99 0.36 -0.30 -1.77
CA TYR C 99 1.44 -0.79 -2.65
C TYR C 99 2.40 0.34 -3.03
N ASN C 100 1.90 1.57 -3.10
CA ASN C 100 2.74 2.71 -3.40
C ASN C 100 2.98 3.64 -2.22
N THR C 101 2.22 3.50 -1.13
CA THR C 101 2.43 4.36 0.03
C THR C 101 3.84 4.18 0.60
N ASP C 102 4.27 2.93 0.77
CA ASP C 102 5.61 2.65 1.28
C ASP C 102 6.07 1.26 0.86
N ASN C 103 7.34 1.16 0.46
CA ASN C 103 7.95 -0.15 0.25
C ASN C 103 8.33 -0.80 1.57
N LYS C 104 8.86 0.00 2.50
CA LYS C 104 9.25 -0.51 3.80
C LYS C 104 8.07 -1.02 4.60
N GLU C 105 6.96 -0.27 4.60
CA GLU C 105 5.77 -0.71 5.31
C GLU C 105 5.08 -1.85 4.58
N TYR C 106 5.11 -1.83 3.23
CA TYR C 106 4.52 -2.92 2.46
C TYR C 106 5.20 -4.24 2.80
N SER C 107 6.54 -4.24 2.80
CA SER C 107 7.27 -5.43 3.20
C SER C 107 7.00 -5.75 4.67
N LEU C 108 6.88 -4.72 5.50
CA LEU C 108 6.63 -4.92 6.93
C LEU C 108 5.26 -5.58 7.16
N VAL C 109 4.25 -5.15 6.40
CA VAL C 109 2.87 -5.57 6.59
C VAL C 109 2.50 -6.45 5.41
N LYS C 110 2.55 -7.77 5.59
CA LYS C 110 2.32 -8.69 4.48
C LYS C 110 1.22 -9.69 4.82
N ARG C 111 0.28 -9.86 3.90
CA ARG C 111 -0.68 -10.94 4.00
C ARG C 111 0.06 -12.27 3.87
N LYS C 112 -0.41 -13.28 4.59
CA LYS C 112 0.24 -14.58 4.54
C LYS C 112 -0.53 -15.52 3.63
N THR C 113 0.17 -16.06 2.65
CA THR C 113 -0.41 -16.99 1.68
C THR C 113 0.06 -18.39 2.04
N SER C 114 -0.88 -19.30 2.22
CA SER C 114 -0.55 -20.66 2.60
C SER C 114 -0.83 -21.57 1.42
N TYR C 115 0.18 -22.31 0.98
CA TYR C 115 0.09 -23.22 -0.14
C TYR C 115 0.05 -24.63 0.43
N TRP C 116 -0.91 -25.43 -0.02
CA TRP C 116 -1.21 -26.68 0.68
C TRP C 116 -1.18 -27.87 -0.27
N ALA C 117 -0.74 -29.01 0.27
CA ALA C 117 -0.70 -30.25 -0.47
C ALA C 117 -0.68 -31.40 0.54
N ASN C 118 -0.99 -32.59 0.05
CA ASN C 118 -0.91 -33.80 0.83
C ASN C 118 0.50 -34.37 0.75
N ILE C 119 0.90 -35.11 1.78
CA ILE C 119 2.27 -35.59 1.89
C ILE C 119 2.25 -37.01 2.43
N LEU C 120 2.96 -37.91 1.75
CA LEU C 120 3.21 -39.27 2.21
C LEU C 120 4.68 -39.37 2.60
N VAL C 121 4.95 -39.60 3.89
CA VAL C 121 6.33 -39.64 4.32
C VAL C 121 6.99 -40.92 3.81
N VAL C 122 8.21 -40.78 3.31
CA VAL C 122 8.98 -41.90 2.77
C VAL C 122 10.21 -42.17 3.63
N LYS C 123 11.08 -41.18 3.78
CA LYS C 123 12.25 -41.27 4.64
C LYS C 123 12.31 -39.97 5.43
N ASP C 124 12.39 -40.08 6.76
CA ASP C 124 12.33 -38.90 7.62
C ASP C 124 13.19 -39.12 8.84
N PRO C 125 14.44 -38.65 8.84
CA PRO C 125 15.24 -38.73 10.07
C PRO C 125 14.65 -37.94 11.21
N ALA C 126 13.92 -36.85 10.89
CA ALA C 126 13.26 -36.07 11.93
C ALA C 126 12.17 -36.86 12.63
N ALA C 127 11.39 -37.63 11.88
CA ALA C 127 10.33 -38.47 12.46
C ALA C 127 10.21 -39.74 11.63
N PRO C 128 11.08 -40.72 11.85
CA PRO C 128 11.01 -41.97 11.09
C PRO C 128 9.75 -42.77 11.37
N GLU C 129 9.10 -42.57 12.51
CA GLU C 129 7.86 -43.28 12.78
C GLU C 129 6.75 -42.84 11.83
N ASN C 130 6.80 -41.59 11.37
CA ASN C 130 5.80 -41.02 10.49
C ASN C 130 5.83 -41.61 9.10
N GLU C 131 6.85 -42.40 8.77
CA GLU C 131 6.95 -42.97 7.44
C GLU C 131 5.83 -43.98 7.23
N GLY C 132 5.34 -44.05 6.00
CA GLY C 132 4.19 -44.88 5.71
C GLY C 132 2.88 -44.29 6.13
N LYS C 133 2.80 -42.97 6.32
CA LYS C 133 1.62 -42.31 6.85
C LYS C 133 1.36 -41.04 6.03
N VAL C 134 0.15 -40.50 6.16
CA VAL C 134 -0.32 -39.39 5.35
C VAL C 134 -0.61 -38.19 6.23
N PHE C 135 -0.23 -37.00 5.75
CA PHE C 135 -0.49 -35.77 6.46
C PHE C 135 -0.89 -34.67 5.47
N LYS C 136 -1.22 -33.52 6.03
CA LYS C 136 -1.38 -32.24 5.34
C LYS C 136 -0.14 -31.39 5.53
N TYR C 137 0.00 -30.34 4.72
CA TYR C 137 1.20 -29.50 4.84
C TYR C 137 1.02 -28.17 4.10
N ARG C 138 1.70 -27.15 4.62
CA ARG C 138 1.65 -25.77 4.15
C ARG C 138 3.03 -25.30 3.68
N PHE C 139 3.10 -24.71 2.49
CA PHE C 139 4.37 -24.28 1.89
C PHE C 139 4.19 -22.95 1.15
N GLY C 140 5.23 -22.55 0.42
CA GLY C 140 5.32 -21.26 -0.24
C GLY C 140 5.35 -21.29 -1.77
N LYS C 141 5.50 -20.09 -2.35
CA LYS C 141 5.32 -19.92 -3.80
C LYS C 141 6.55 -20.35 -4.58
N LYS C 142 7.76 -20.08 -4.06
CA LYS C 142 8.96 -20.58 -4.72
C LYS C 142 8.86 -22.08 -4.92
N ILE C 143 8.39 -22.78 -3.89
CA ILE C 143 8.14 -24.21 -3.99
C ILE C 143 7.11 -24.50 -5.07
N TRP C 144 6.04 -23.70 -5.12
CA TRP C 144 5.05 -23.85 -6.20
C TRP C 144 5.67 -23.58 -7.56
N ASP C 145 6.51 -22.54 -7.64
CA ASP C 145 7.23 -22.26 -8.88
C ASP C 145 8.09 -23.45 -9.30
N LYS C 146 8.70 -24.13 -8.32
CA LYS C 146 9.46 -25.34 -8.63
C LYS C 146 8.55 -26.44 -9.15
N ILE C 147 7.39 -26.63 -8.51
CA ILE C 147 6.39 -27.55 -9.04
C ILE C 147 6.03 -27.17 -10.47
N ASN C 148 5.84 -25.87 -10.72
CA ASN C 148 5.63 -25.41 -12.09
C ASN C 148 6.88 -25.64 -12.94
N ALA C 149 8.06 -25.42 -12.35
CA ALA C 149 9.29 -25.76 -13.05
C ALA C 149 9.33 -27.26 -13.34
N MET C 150 8.78 -28.07 -12.43
CA MET C 150 8.73 -29.52 -12.67
C MET C 150 7.74 -29.84 -13.78
N ILE C 151 6.55 -29.24 -13.73
CA ILE C 151 5.50 -29.59 -14.70
C ILE C 151 5.69 -28.91 -16.04
N ALA C 152 6.32 -27.73 -16.07
CA ALA C 152 6.45 -26.93 -17.28
C ALA C 152 7.87 -27.09 -17.83
N VAL C 153 7.98 -27.70 -19.00
CA VAL C 153 9.26 -27.90 -19.66
C VAL C 153 9.22 -27.26 -21.05
N THR C 160 10.73 -33.10 -20.96
CA THR C 160 9.39 -33.64 -21.20
C THR C 160 8.47 -33.37 -20.02
N PRO C 161 7.17 -33.22 -20.28
CA PRO C 161 6.24 -32.91 -19.19
C PRO C 161 6.17 -34.03 -18.16
N VAL C 162 6.05 -33.65 -16.89
CA VAL C 162 6.04 -34.59 -15.77
C VAL C 162 5.06 -34.09 -14.72
N ASP C 163 4.19 -34.96 -14.23
CA ASP C 163 3.42 -34.69 -13.03
C ASP C 163 4.15 -35.35 -11.87
N VAL C 164 4.64 -34.54 -10.92
CA VAL C 164 5.34 -35.09 -9.76
C VAL C 164 4.38 -35.84 -8.85
N THR C 165 3.10 -35.44 -8.85
CA THR C 165 2.11 -36.08 -8.01
C THR C 165 1.57 -37.36 -8.60
N CYS C 166 1.95 -37.70 -9.82
CA CYS C 166 1.47 -38.92 -10.43
C CYS C 166 1.89 -40.12 -9.58
N PRO C 167 0.98 -41.03 -9.26
CA PRO C 167 1.38 -42.22 -8.49
C PRO C 167 2.35 -43.11 -9.24
N TRP C 168 2.22 -43.21 -10.56
CA TRP C 168 3.03 -44.13 -11.35
C TRP C 168 4.15 -43.44 -12.13
N GLU C 169 3.94 -42.21 -12.58
CA GLU C 169 4.97 -41.45 -13.30
C GLU C 169 5.66 -40.42 -12.41
N GLY C 170 5.04 -40.05 -11.30
CA GLY C 170 5.55 -38.98 -10.45
C GLY C 170 6.82 -39.37 -9.74
N ALA C 171 7.46 -38.38 -9.13
CA ALA C 171 8.70 -38.57 -8.41
C ALA C 171 8.55 -38.07 -6.99
N ASN C 172 9.23 -38.74 -6.06
CA ASN C 172 9.35 -38.22 -4.71
C ASN C 172 10.38 -37.10 -4.67
N PHE C 173 10.46 -36.40 -3.54
CA PHE C 173 11.38 -35.27 -3.42
C PHE C 173 12.00 -35.24 -2.03
N VAL C 174 13.20 -34.66 -1.97
CA VAL C 174 14.00 -34.61 -0.74
C VAL C 174 14.13 -33.16 -0.34
N LEU C 175 13.77 -32.85 0.90
CA LEU C 175 13.85 -31.51 1.44
C LEU C 175 15.22 -31.33 2.08
N LYS C 176 15.88 -30.21 1.78
CA LYS C 176 17.18 -29.91 2.37
C LYS C 176 17.16 -28.46 2.82
N VAL C 177 17.43 -28.22 4.10
CA VAL C 177 17.30 -26.91 4.71
C VAL C 177 18.56 -26.62 5.52
N LYS C 178 19.13 -25.44 5.32
CA LYS C 178 20.11 -24.87 6.22
C LYS C 178 19.66 -23.45 6.54
N GLN C 179 20.19 -22.88 7.61
CA GLN C 179 19.86 -21.51 7.96
C GLN C 179 20.83 -20.57 7.25
N VAL C 180 20.28 -19.58 6.55
CA VAL C 180 21.06 -18.57 5.84
C VAL C 180 20.43 -17.22 6.11
N SER C 181 21.14 -16.35 6.81
CA SER C 181 20.66 -15.00 7.15
C SER C 181 19.36 -15.06 7.94
N GLY C 182 19.26 -16.09 8.80
CA GLY C 182 18.08 -16.34 9.58
C GLY C 182 16.96 -16.91 8.74
N PHE C 183 17.19 -16.97 7.43
CA PHE C 183 16.23 -17.59 6.53
C PHE C 183 16.73 -18.99 6.24
N SER C 184 15.82 -19.94 6.36
CA SER C 184 16.13 -21.27 5.88
C SER C 184 16.28 -21.19 4.36
N ASN C 185 17.45 -21.55 3.86
CA ASN C 185 17.72 -21.48 2.43
C ASN C 185 17.57 -22.87 1.83
N TYR C 186 16.97 -22.91 0.65
CA TYR C 186 16.65 -24.17 -0.02
C TYR C 186 17.17 -24.19 -1.46
N ASP C 187 18.04 -23.24 -1.83
CA ASP C 187 18.51 -23.16 -3.20
C ASP C 187 19.15 -24.45 -3.68
N GLU C 188 19.58 -25.32 -2.76
CA GLU C 188 20.22 -26.58 -3.11
C GLU C 188 19.23 -27.73 -3.29
N SER C 189 18.01 -27.59 -2.78
CA SER C 189 17.05 -28.68 -2.84
C SER C 189 16.82 -29.09 -4.29
N LYS C 190 16.84 -30.39 -4.56
CA LYS C 190 16.75 -30.88 -5.92
C LYS C 190 15.98 -32.18 -5.99
N PHE C 191 15.43 -32.44 -7.17
CA PHE C 191 14.70 -33.65 -7.48
C PHE C 191 15.62 -34.70 -8.09
N LEU C 192 15.07 -35.90 -8.27
CA LEU C 192 15.73 -37.00 -8.96
C LEU C 192 14.76 -37.56 -9.99
N ASN C 193 15.08 -38.70 -10.60
CA ASN C 193 14.24 -39.25 -11.66
C ASN C 193 12.85 -39.64 -11.17
N GLN C 194 12.01 -40.06 -12.10
CA GLN C 194 10.65 -40.51 -11.82
C GLN C 194 10.65 -41.73 -10.91
N SER C 195 9.45 -42.11 -10.47
CA SER C 195 9.35 -43.25 -9.57
C SER C 195 7.92 -43.80 -9.57
N ALA C 196 7.80 -45.10 -9.80
CA ALA C 196 6.54 -45.76 -9.47
C ALA C 196 6.42 -45.86 -7.95
N ILE C 197 5.19 -46.01 -7.48
CA ILE C 197 4.92 -46.15 -6.05
C ILE C 197 4.76 -47.63 -5.73
N PRO C 198 5.52 -48.18 -4.79
CA PRO C 198 5.45 -49.61 -4.50
C PRO C 198 4.13 -49.96 -3.81
N ASN C 199 3.76 -51.24 -3.97
CA ASN C 199 2.58 -51.82 -3.34
C ASN C 199 1.28 -51.20 -3.86
N ILE C 200 1.31 -50.67 -5.08
CA ILE C 200 0.11 -50.13 -5.71
C ILE C 200 -0.67 -51.32 -6.26
N ASP C 201 -1.83 -51.07 -6.87
CA ASP C 201 -2.72 -52.04 -7.54
C ASP C 201 -3.62 -52.83 -6.60
N ASP C 202 -3.64 -52.51 -5.31
CA ASP C 202 -4.49 -53.21 -4.34
C ASP C 202 -5.68 -52.33 -3.97
N GLU C 203 -6.88 -52.89 -4.10
CA GLU C 203 -8.09 -52.18 -3.69
C GLU C 203 -8.07 -51.85 -2.20
N SER C 204 -7.58 -52.78 -1.38
CA SER C 204 -7.51 -52.56 0.06
C SER C 204 -6.41 -51.54 0.42
N PHE C 205 -5.28 -51.60 -0.27
CA PHE C 205 -4.20 -50.66 -0.03
C PHE C 205 -4.66 -49.21 -0.19
N GLN C 206 -5.49 -48.95 -1.20
CA GLN C 206 -6.08 -47.64 -1.37
C GLN C 206 -7.03 -47.29 -0.22
N LYS C 207 -7.85 -48.26 0.21
CA LYS C 207 -8.85 -48.00 1.25
C LYS C 207 -8.21 -47.48 2.52
N GLU C 208 -7.15 -48.14 2.99
CA GLU C 208 -6.48 -47.72 4.22
C GLU C 208 -5.93 -46.30 4.09
N LEU C 209 -5.28 -45.99 2.97
CA LEU C 209 -4.76 -44.65 2.78
C LEU C 209 -5.86 -43.64 2.50
N PHE C 210 -6.99 -44.09 1.95
CA PHE C 210 -8.10 -43.16 1.72
C PHE C 210 -8.73 -42.72 3.03
N GLU C 211 -8.81 -43.62 4.00
CA GLU C 211 -9.33 -43.21 5.30
C GLU C 211 -8.45 -42.12 5.89
N GLN C 212 -7.16 -42.13 5.56
CA GLN C 212 -6.29 -41.01 5.87
C GLN C 212 -6.57 -39.80 4.97
N MET C 213 -7.08 -40.02 3.77
CA MET C 213 -7.41 -38.93 2.86
C MET C 213 -8.58 -38.10 3.37
N VAL C 214 -8.52 -36.79 3.06
CA VAL C 214 -9.50 -35.82 3.54
C VAL C 214 -10.06 -35.01 2.37
N ASP C 215 -11.18 -34.33 2.65
CA ASP C 215 -11.91 -33.53 1.68
C ASP C 215 -11.39 -32.11 1.67
N LEU C 216 -10.86 -31.67 0.52
CA LEU C 216 -10.35 -30.31 0.41
C LEU C 216 -11.44 -29.28 0.13
N SER C 217 -12.56 -29.69 -0.48
CA SER C 217 -13.59 -28.72 -0.84
C SER C 217 -14.21 -28.06 0.39
N GLU C 218 -14.42 -28.83 1.47
CA GLU C 218 -15.05 -28.26 2.65
C GLU C 218 -14.18 -27.19 3.31
N MET C 219 -12.86 -27.44 3.43
CA MET C 219 -11.98 -26.42 3.98
C MET C 219 -11.88 -25.20 3.09
N THR C 220 -12.20 -25.33 1.80
CA THR C 220 -12.25 -24.18 0.90
C THR C 220 -13.63 -23.57 0.82
N SER C 221 -14.61 -24.18 1.50
CA SER C 221 -15.99 -23.73 1.48
C SER C 221 -16.21 -22.57 2.44
N LYS C 222 -16.76 -22.85 3.61
CA LYS C 222 -17.09 -21.81 4.59
C LYS C 222 -15.97 -21.56 5.58
N ASP C 223 -14.71 -21.76 5.18
CA ASP C 223 -13.63 -21.45 6.11
C ASP C 223 -13.49 -19.94 6.27
N LYS C 224 -13.86 -19.17 5.24
CA LYS C 224 -13.88 -17.72 5.39
C LYS C 224 -15.06 -17.36 6.29
N PHE C 225 -14.81 -16.57 7.32
CA PHE C 225 -15.88 -16.20 8.24
C PHE C 225 -16.97 -15.41 7.51
N LYS C 226 -18.22 -15.82 7.71
CA LYS C 226 -19.32 -15.19 6.98
C LYS C 226 -19.59 -13.77 7.45
N SER C 227 -19.26 -13.46 8.70
CA SER C 227 -19.50 -12.12 9.25
C SER C 227 -18.24 -11.28 9.01
N PHE C 228 -18.27 -10.44 7.99
CA PHE C 228 -17.13 -9.57 7.73
C PHE C 228 -16.94 -8.54 8.86
N GLU C 229 -18.04 -8.00 9.39
CA GLU C 229 -17.92 -7.05 10.49
C GLU C 229 -17.33 -7.71 11.72
N GLU C 230 -17.65 -8.98 11.95
CA GLU C 230 -16.95 -9.73 12.99
C GLU C 230 -15.45 -9.66 12.75
N LEU C 231 -15.04 -9.97 11.52
CA LEU C 231 -13.65 -9.78 11.13
C LEU C 231 -13.26 -8.31 11.20
N ASN C 232 -14.14 -7.42 10.72
CA ASN C 232 -13.86 -5.99 10.77
C ASN C 232 -13.77 -5.49 12.20
N THR C 233 -14.72 -5.88 13.07
CA THR C 233 -14.62 -5.48 14.46
C THR C 233 -13.33 -5.99 15.06
N LYS C 234 -12.99 -7.25 14.77
CA LYS C 234 -11.74 -7.80 15.29
C LYS C 234 -10.54 -7.08 14.69
N PHE C 235 -10.56 -6.86 13.37
CA PHE C 235 -9.49 -6.11 12.73
C PHE C 235 -9.43 -4.67 13.24
N GLY C 236 -10.59 -4.04 13.40
CA GLY C 236 -10.63 -2.68 13.92
C GLY C 236 -10.06 -2.56 15.31
N GLN C 237 -10.42 -3.48 16.21
CA GLN C 237 -9.85 -3.46 17.55
C GLN C 237 -8.39 -3.90 17.54
N VAL C 238 -7.99 -4.75 16.59
CA VAL C 238 -6.57 -5.03 16.41
C VAL C 238 -5.84 -3.76 16.00
N MET C 239 -6.42 -3.02 15.06
CA MET C 239 -5.83 -1.76 14.63
C MET C 239 -6.25 -0.63 15.57
N GLY C 246 -6.88 8.55 7.89
CA GLY C 246 -5.95 8.02 6.92
C GLY C 246 -4.52 8.34 7.29
N ALA C 247 -4.17 9.62 7.23
CA ALA C 247 -2.87 10.07 7.71
C ALA C 247 -2.83 10.19 9.23
N ALA C 248 -3.86 9.69 9.93
CA ALA C 248 -3.80 9.68 11.38
C ALA C 248 -2.77 8.68 11.88
N ALA C 249 -2.45 7.66 11.09
CA ALA C 249 -1.33 6.80 11.42
C ALA C 249 -0.02 7.57 11.37
N THR C 250 0.15 8.42 10.35
CA THR C 250 1.28 9.33 10.32
C THR C 250 1.28 10.27 11.52
N ALA C 251 0.09 10.75 11.91
CA ALA C 251 -0.01 11.53 13.13
C ALA C 251 0.28 10.67 14.36
N ALA C 252 0.00 9.36 14.28
CA ALA C 252 0.38 8.46 15.36
C ALA C 252 1.89 8.26 15.41
N LYS C 253 2.54 8.11 14.24
CA LYS C 253 4.00 8.11 14.21
C LYS C 253 4.55 9.40 14.81
N LYS C 254 3.96 10.54 14.44
CA LYS C 254 4.36 11.80 15.08
C LYS C 254 3.96 11.80 16.55
N ALA C 255 2.89 11.09 16.91
CA ALA C 255 2.45 11.04 18.30
C ALA C 255 3.43 10.31 19.19
N ASP C 256 4.10 9.27 18.69
CA ASP C 256 5.15 8.62 19.50
C ASP C 256 6.27 9.61 19.83
N LYS C 257 6.58 10.50 18.90
CA LYS C 257 7.62 11.50 19.09
C LYS C 257 7.28 12.51 20.19
N VAL C 258 6.00 12.72 20.49
CA VAL C 258 5.53 13.82 21.31
C VAL C 258 6.10 13.77 22.74
N ALA C 259 6.65 12.63 23.15
CA ALA C 259 7.14 12.49 24.52
C ALA C 259 8.12 13.58 24.90
N ASP C 260 8.94 14.08 23.97
CA ASP C 260 9.91 15.11 24.31
C ASP C 260 9.23 16.41 24.76
N ASP C 261 8.13 16.79 24.10
CA ASP C 261 7.43 18.00 24.49
C ASP C 261 6.84 17.89 25.88
N LEU C 262 6.30 16.72 26.23
CA LEU C 262 5.85 16.48 27.60
C LEU C 262 7.01 16.60 28.57
N ASP C 263 8.16 16.04 28.22
CA ASP C 263 9.35 16.17 29.04
C ASP C 263 9.76 17.62 29.19
N ALA C 264 9.63 18.41 28.12
CA ALA C 264 10.05 19.80 28.16
C ALA C 264 9.27 20.57 29.22
N PHE C 265 7.97 20.32 29.32
CA PHE C 265 7.10 20.96 30.31
C PHE C 265 7.25 22.47 30.24
N ASN C 266 6.87 23.17 31.31
CA ASN C 266 7.07 24.61 31.33
C ASN C 266 8.54 24.95 31.50
N VAL C 267 9.35 24.73 30.46
CA VAL C 267 10.72 25.22 30.48
C VAL C 267 10.71 26.74 30.37
N ASP C 268 9.72 27.29 29.66
CA ASP C 268 9.51 28.72 29.48
C ASP C 268 10.77 29.28 28.80
N ASP C 269 11.35 30.38 29.30
CA ASP C 269 12.57 30.96 28.75
C ASP C 269 12.38 31.37 27.29
N PHE C 270 11.42 32.26 27.08
CA PHE C 270 11.09 32.77 25.76
C PHE C 270 11.09 34.30 25.73
N THR D 27 -36.90 19.74 8.94
CA THR D 27 -37.50 19.31 7.69
C THR D 27 -38.92 18.79 7.91
N GLU D 28 -39.62 18.52 6.81
CA GLU D 28 -40.99 18.01 6.91
C GLU D 28 -41.02 16.68 7.65
N GLY D 29 -40.03 15.83 7.39
CA GLY D 29 -39.95 14.57 8.11
C GLY D 29 -39.86 14.76 9.61
N GLN D 30 -39.10 15.76 10.05
CA GLN D 30 -39.08 16.08 11.48
C GLN D 30 -40.48 16.47 11.94
N LYS D 31 -41.16 17.30 11.16
CA LYS D 31 -42.52 17.69 11.49
C LYS D 31 -43.47 16.50 11.35
N ASN D 32 -43.30 15.70 10.29
CA ASN D 32 -44.15 14.53 10.11
C ASN D 32 -43.96 13.55 11.25
N ALA D 33 -42.70 13.30 11.64
CA ALA D 33 -42.43 12.44 12.80
C ALA D 33 -43.02 13.07 14.05
N PHE D 34 -42.79 14.37 14.24
CA PHE D 34 -43.37 15.08 15.38
C PHE D 34 -44.89 14.96 15.38
N ASN D 35 -45.51 15.06 14.21
CA ASN D 35 -46.95 14.85 14.12
C ASN D 35 -47.34 13.46 14.61
N ILE D 36 -46.51 12.45 14.30
CA ILE D 36 -46.75 11.09 14.78
C ILE D 36 -46.61 11.03 16.30
N VAL D 37 -45.65 11.76 16.87
CA VAL D 37 -45.42 11.73 18.31
C VAL D 37 -46.69 12.07 19.07
N MET D 38 -47.36 13.17 18.69
CA MET D 38 -48.58 13.56 19.39
C MET D 38 -49.69 12.53 19.21
N LYS D 39 -49.85 12.01 17.99
CA LYS D 39 -50.90 11.02 17.75
C LYS D 39 -50.74 9.82 18.65
N ALA D 40 -49.50 9.37 18.83
CA ALA D 40 -49.21 8.21 19.66
C ALA D 40 -49.61 8.45 21.12
N ILE D 41 -49.39 9.66 21.64
CA ILE D 41 -49.77 9.97 23.01
C ILE D 41 -51.29 9.98 23.17
N LYS D 42 -51.98 10.67 22.27
CA LYS D 42 -53.43 10.85 22.47
C LYS D 42 -54.21 9.58 22.13
N GLU D 43 -53.87 8.92 21.04
CA GLU D 43 -54.49 7.67 20.63
C GLU D 43 -53.54 6.51 20.92
N LYS D 44 -53.98 5.59 21.76
CA LYS D 44 -53.22 4.45 22.24
C LYS D 44 -52.01 4.89 23.05
N LYS D 45 -51.00 4.03 23.15
CA LYS D 45 -49.78 4.32 23.89
C LYS D 45 -48.55 4.00 23.04
N HIS D 46 -47.62 4.95 22.95
CA HIS D 46 -46.37 4.74 22.26
C HIS D 46 -45.31 5.62 22.89
N HIS D 47 -44.06 5.20 22.73
CA HIS D 47 -42.91 5.89 23.27
C HIS D 47 -41.92 6.22 22.15
N VAL D 48 -41.24 7.35 22.28
CA VAL D 48 -40.43 7.89 21.21
C VAL D 48 -39.03 8.21 21.71
N THR D 49 -38.05 7.99 20.85
CA THR D 49 -36.68 8.42 21.07
C THR D 49 -36.27 9.37 19.96
N ILE D 50 -35.44 10.34 20.32
CA ILE D 50 -35.07 11.45 19.46
C ILE D 50 -33.56 11.39 19.21
N ASN D 51 -33.16 11.66 17.98
CA ASN D 51 -31.75 11.74 17.63
C ASN D 51 -31.22 13.14 17.90
N GLY D 52 -29.90 13.26 17.96
CA GLY D 52 -29.26 14.54 18.10
C GLY D 52 -29.42 15.37 16.84
N PRO D 53 -29.91 16.59 17.03
CA PRO D 53 -30.13 17.47 15.87
C PRO D 53 -28.90 18.22 15.42
N ALA D 54 -29.14 19.17 14.53
CA ALA D 54 -28.16 20.12 14.03
C ALA D 54 -27.96 21.23 15.04
N GLY D 55 -26.93 22.05 14.82
CA GLY D 55 -26.71 23.19 15.70
C GLY D 55 -27.93 24.07 15.82
N THR D 56 -28.71 24.19 14.74
CA THR D 56 -30.05 24.74 14.84
C THR D 56 -31.03 23.64 15.26
N GLY D 57 -31.17 22.61 14.42
CA GLY D 57 -31.95 21.43 14.68
C GLY D 57 -33.45 21.71 14.81
N ALA D 58 -34.12 20.70 15.34
CA ALA D 58 -35.53 20.77 15.72
C ALA D 58 -35.75 21.57 17.00
N THR D 59 -34.69 22.11 17.58
CA THR D 59 -34.80 22.91 18.80
C THR D 59 -35.66 24.15 18.60
N THR D 60 -35.58 24.79 17.43
CA THR D 60 -36.45 25.94 17.18
C THR D 60 -37.92 25.52 17.19
N LEU D 61 -38.22 24.36 16.59
CA LEU D 61 -39.57 23.81 16.71
C LEU D 61 -39.88 23.45 18.15
N THR D 62 -38.89 22.90 18.87
CA THR D 62 -39.12 22.45 20.23
C THR D 62 -39.54 23.59 21.16
N LYS D 63 -38.98 24.78 20.97
CA LYS D 63 -39.43 25.90 21.79
C LYS D 63 -40.89 26.22 21.52
N PHE D 64 -41.30 26.15 20.25
CA PHE D 64 -42.70 26.37 19.90
C PHE D 64 -43.59 25.26 20.46
N ILE D 65 -43.17 24.00 20.32
CA ILE D 65 -43.97 22.92 20.89
C ILE D 65 -44.05 23.03 22.41
N ILE D 66 -43.03 23.62 23.04
CA ILE D 66 -43.15 23.98 24.45
C ILE D 66 -44.31 24.94 24.63
N GLU D 67 -44.34 26.01 23.85
CA GLU D 67 -45.49 26.92 23.87
C GLU D 67 -46.75 26.17 23.47
N ALA D 68 -46.65 25.32 22.45
CA ALA D 68 -47.81 24.55 22.01
C ALA D 68 -48.25 23.54 23.08
N LEU D 69 -47.29 22.86 23.73
CA LEU D 69 -47.66 21.82 24.69
C LEU D 69 -48.35 22.41 25.91
N ILE D 70 -47.90 23.59 26.35
CA ILE D 70 -48.57 24.24 27.47
C ILE D 70 -49.95 24.75 27.05
N SER D 71 -50.10 25.09 25.77
CA SER D 71 -51.41 25.49 25.26
C SER D 71 -52.37 24.32 25.17
N THR D 72 -51.85 23.09 25.09
CA THR D 72 -52.72 21.91 25.15
C THR D 72 -53.26 21.68 26.56
N GLY D 73 -52.59 22.20 27.58
CA GLY D 73 -53.07 22.12 28.94
C GLY D 73 -52.67 20.89 29.73
N GLU D 74 -51.74 20.08 29.23
CA GLU D 74 -51.29 18.89 29.94
C GLU D 74 -50.35 19.30 31.06
N THR D 75 -50.66 18.89 32.29
CA THR D 75 -49.83 19.23 33.45
C THR D 75 -48.97 18.08 33.95
N GLY D 76 -49.14 16.87 33.42
CA GLY D 76 -48.51 15.68 33.96
C GLY D 76 -47.02 15.53 33.72
N ILE D 77 -46.43 16.31 32.81
CA ILE D 77 -45.01 16.13 32.50
C ILE D 77 -44.13 16.56 33.67
N ILE D 78 -42.97 15.88 33.79
CA ILE D 78 -41.92 16.27 34.73
C ILE D 78 -40.60 16.34 33.95
N LEU D 79 -39.85 17.41 34.18
CA LEU D 79 -38.59 17.65 33.48
C LEU D 79 -37.40 17.09 34.26
N ALA D 80 -36.70 16.13 33.67
CA ALA D 80 -35.55 15.48 34.27
C ALA D 80 -34.30 15.83 33.46
N ALA D 81 -33.22 16.21 34.15
CA ALA D 81 -31.96 16.53 33.49
C ALA D 81 -30.82 15.67 34.02
N PRO D 82 -30.01 15.07 33.15
CA PRO D 82 -28.99 14.12 33.62
C PRO D 82 -27.84 14.75 34.41
N THR D 83 -27.28 15.86 33.94
CA THR D 83 -26.17 16.47 34.65
C THR D 83 -26.65 17.76 35.30
N HIS D 84 -25.97 18.15 36.37
CA HIS D 84 -26.31 19.41 37.02
C HIS D 84 -26.07 20.57 36.07
N ALA D 85 -24.93 20.55 35.36
CA ALA D 85 -24.69 21.59 34.37
C ALA D 85 -25.77 21.57 33.30
N ALA D 86 -26.23 20.37 32.92
CA ALA D 86 -27.42 20.26 32.07
C ALA D 86 -28.67 20.63 32.85
N LYS D 87 -28.71 20.30 34.14
CA LYS D 87 -29.85 20.67 34.97
C LYS D 87 -29.92 22.18 35.13
N LYS D 88 -28.77 22.82 35.32
CA LYS D 88 -28.71 24.27 35.38
C LYS D 88 -29.11 24.88 34.05
N ILE D 89 -28.51 24.39 32.95
CA ILE D 89 -28.70 25.01 31.65
C ILE D 89 -30.09 24.69 31.07
N LEU D 90 -30.70 23.56 31.46
CA LEU D 90 -32.07 23.29 31.01
C LEU D 90 -33.08 24.22 31.67
N SER D 91 -32.96 24.39 33.00
CA SER D 91 -33.93 25.18 33.73
C SER D 91 -33.89 26.66 33.35
N LYS D 92 -32.72 27.18 32.98
CA LYS D 92 -32.61 28.62 32.76
C LYS D 92 -33.36 29.06 31.51
N LEU D 93 -33.26 28.30 30.42
CA LEU D 93 -33.96 28.67 29.20
C LEU D 93 -35.46 28.48 29.35
N SER D 94 -35.88 27.36 29.93
CA SER D 94 -37.30 27.10 30.11
C SER D 94 -37.88 27.96 31.23
N GLY D 95 -37.11 28.15 32.30
CA GLY D 95 -37.58 28.88 33.46
C GLY D 95 -38.16 28.02 34.56
N LYS D 96 -38.41 26.73 34.30
CA LYS D 96 -38.94 25.82 35.29
C LYS D 96 -37.82 24.97 35.87
N GLU D 97 -37.88 24.72 37.18
CA GLU D 97 -36.83 23.95 37.83
C GLU D 97 -36.90 22.49 37.40
N ALA D 98 -35.75 21.90 37.16
CA ALA D 98 -35.66 20.51 36.77
C ALA D 98 -34.61 19.82 37.61
N SER D 99 -34.87 18.55 37.91
CA SER D 99 -34.00 17.73 38.75
C SER D 99 -33.59 16.48 37.99
N THR D 100 -32.56 15.82 38.49
CA THR D 100 -32.16 14.53 37.93
C THR D 100 -33.14 13.45 38.36
N ILE D 101 -33.27 12.41 37.53
CA ILE D 101 -34.18 11.32 37.84
C ILE D 101 -33.75 10.62 39.12
N CYS D 129 -46.99 11.39 37.27
CA CYS D 129 -46.26 11.57 36.02
C CYS D 129 -46.89 10.73 34.90
N ARG D 130 -47.68 11.38 34.05
CA ARG D 130 -48.30 10.72 32.92
C ARG D 130 -47.56 10.95 31.61
N VAL D 131 -46.56 11.82 31.59
CA VAL D 131 -45.64 11.98 30.47
C VAL D 131 -44.27 12.29 31.07
N LEU D 132 -43.23 11.66 30.54
CA LEU D 132 -41.88 11.84 31.07
C LEU D 132 -40.95 12.17 29.90
N ILE D 133 -40.20 13.26 30.02
CA ILE D 133 -39.25 13.70 29.01
C ILE D 133 -37.84 13.61 29.56
N CYS D 134 -36.92 13.04 28.78
CA CYS D 134 -35.51 12.97 29.15
C CYS D 134 -34.68 13.52 28.01
N ASP D 135 -33.50 14.03 28.35
CA ASP D 135 -32.58 14.59 27.37
C ASP D 135 -31.20 13.96 27.47
N GLU D 136 -30.46 14.03 26.36
CA GLU D 136 -29.09 13.55 26.26
C GLU D 136 -28.94 12.13 26.78
N VAL D 137 -29.76 11.25 26.21
CA VAL D 137 -29.90 9.87 26.67
C VAL D 137 -28.63 9.04 26.50
N SER D 138 -27.63 9.55 25.79
CA SER D 138 -26.38 8.80 25.63
C SER D 138 -25.69 8.52 26.96
N MET D 139 -25.83 9.43 27.92
CA MET D 139 -25.14 9.27 29.20
C MET D 139 -25.71 8.10 29.99
N TYR D 140 -27.04 7.96 29.96
CA TYR D 140 -27.76 6.95 30.73
C TYR D 140 -27.29 5.54 30.38
N ASP D 141 -26.92 4.77 31.41
CA ASP D 141 -26.44 3.42 31.20
C ASP D 141 -27.63 2.45 31.28
N ARG D 142 -27.41 1.22 30.81
CA ARG D 142 -28.53 0.29 30.64
C ARG D 142 -29.22 0.00 31.95
N LYS D 143 -28.45 -0.08 33.05
CA LYS D 143 -29.03 -0.30 34.36
C LYS D 143 -30.00 0.81 34.73
N LEU D 144 -29.64 2.06 34.46
CA LEU D 144 -30.57 3.15 34.68
C LEU D 144 -31.78 3.06 33.76
N PHE D 145 -31.60 2.53 32.54
CA PHE D 145 -32.71 2.45 31.60
C PHE D 145 -33.83 1.56 32.13
N LYS D 146 -33.49 0.33 32.51
CA LYS D 146 -34.53 -0.59 33.00
C LYS D 146 -35.13 -0.09 34.30
N ILE D 147 -34.32 0.50 35.18
CA ILE D 147 -34.88 1.11 36.39
C ILE D 147 -35.82 2.24 36.00
N LEU D 148 -35.41 3.05 35.01
CA LEU D 148 -36.30 4.10 34.52
C LEU D 148 -37.48 3.49 33.79
N LEU D 149 -37.26 2.39 33.06
CA LEU D 149 -38.35 1.74 32.34
C LEU D 149 -39.39 1.20 33.31
N SER D 150 -38.93 0.51 34.36
CA SER D 150 -39.84 -0.05 35.36
C SER D 150 -40.55 1.05 36.14
N THR D 151 -39.80 2.09 36.53
CA THR D 151 -40.38 3.21 37.31
C THR D 151 -41.55 3.81 36.53
N ILE D 152 -41.47 3.83 35.21
CA ILE D 152 -42.49 4.47 34.38
C ILE D 152 -43.68 3.52 34.25
N PRO D 153 -44.90 3.99 34.48
CA PRO D 153 -46.08 3.14 34.34
C PRO D 153 -46.51 3.07 32.88
N PRO D 154 -47.43 2.16 32.54
CA PRO D 154 -47.90 2.11 31.14
C PRO D 154 -48.55 3.40 30.67
N TRP D 155 -49.31 4.09 31.53
CA TRP D 155 -49.98 5.31 31.08
C TRP D 155 -48.99 6.42 30.74
N CYS D 156 -47.85 6.47 31.43
CA CYS D 156 -46.84 7.49 31.14
C CYS D 156 -46.21 7.27 29.77
N THR D 157 -45.97 8.37 29.07
CA THR D 157 -45.34 8.35 27.75
C THR D 157 -43.98 9.02 27.84
N ILE D 158 -42.95 8.33 27.37
CA ILE D 158 -41.58 8.81 27.48
C ILE D 158 -41.15 9.41 26.15
N ILE D 159 -40.63 10.64 26.21
CA ILE D 159 -40.01 11.29 25.06
C ILE D 159 -38.58 11.60 25.46
N GLY D 160 -37.62 11.01 24.75
CA GLY D 160 -36.21 11.14 25.10
C GLY D 160 -35.41 11.67 23.92
N ILE D 161 -34.48 12.57 24.20
CA ILE D 161 -33.63 13.17 23.18
C ILE D 161 -32.16 12.94 23.52
N GLY D 162 -31.39 12.60 22.49
CA GLY D 162 -29.96 12.31 22.60
C GLY D 162 -29.51 11.95 21.21
N ASP D 163 -28.20 11.90 21.02
CA ASP D 163 -27.65 11.58 19.70
C ASP D 163 -27.05 10.18 19.69
N ASN D 164 -27.41 9.38 18.67
CA ASN D 164 -26.79 8.09 18.47
C ASN D 164 -25.28 8.22 18.25
N LYS D 165 -24.84 9.33 17.66
CA LYS D 165 -23.43 9.60 17.45
C LYS D 165 -22.77 10.19 18.70
N GLN D 166 -23.53 10.39 19.76
CA GLN D 166 -22.98 10.83 21.03
C GLN D 166 -22.26 9.67 21.71
N ILE D 167 -21.49 10.01 22.73
CA ILE D 167 -20.63 9.03 23.39
C ILE D 167 -21.47 8.04 24.18
N ARG D 168 -21.06 6.78 24.16
CA ARG D 168 -21.85 5.72 24.78
C ARG D 168 -21.75 5.80 26.30
N PRO D 169 -22.70 5.19 27.01
CA PRO D 169 -22.62 5.18 28.48
C PRO D 169 -21.44 4.35 28.94
N VAL D 170 -20.95 4.68 30.12
CA VAL D 170 -19.72 4.08 30.63
C VAL D 170 -20.10 2.82 31.40
N ASP D 171 -19.71 1.68 30.87
CA ASP D 171 -19.90 0.39 31.55
C ASP D 171 -18.54 -0.31 31.58
N PRO D 172 -17.80 -0.17 32.68
CA PRO D 172 -16.53 -0.91 32.79
C PRO D 172 -16.74 -2.41 32.75
N GLY D 173 -17.91 -2.88 33.18
CA GLY D 173 -18.15 -4.31 33.26
C GLY D 173 -18.19 -5.02 31.92
N GLU D 174 -18.62 -4.34 30.86
CA GLU D 174 -18.70 -4.95 29.54
C GLU D 174 -18.19 -3.98 28.49
N ASN D 175 -17.29 -4.45 27.64
CA ASN D 175 -16.79 -3.66 26.52
C ASN D 175 -17.44 -4.15 25.22
N THR D 176 -18.28 -3.30 24.64
CA THR D 176 -19.06 -3.61 23.45
C THR D 176 -19.46 -2.28 22.82
N ALA D 177 -20.17 -2.35 21.69
CA ALA D 177 -20.67 -1.15 21.05
C ALA D 177 -21.51 -0.31 22.00
N TYR D 178 -22.51 -0.92 22.63
CA TYR D 178 -23.24 -0.33 23.75
C TYR D 178 -23.78 1.06 23.43
N ILE D 179 -24.42 1.19 22.27
CA ILE D 179 -25.19 2.40 22.03
C ILE D 179 -26.39 2.39 22.98
N SER D 180 -26.66 3.54 23.59
CA SER D 180 -27.70 3.64 24.60
C SER D 180 -28.98 2.97 24.11
N PRO D 181 -29.60 2.11 24.92
CA PRO D 181 -30.76 1.34 24.42
C PRO D 181 -31.87 2.24 23.92
N PHE D 182 -31.84 3.53 24.25
CA PHE D 182 -32.73 4.48 23.57
C PHE D 182 -32.57 4.42 22.05
N PHE D 183 -31.39 4.08 21.56
CA PHE D 183 -31.21 4.01 20.11
C PHE D 183 -31.48 2.60 19.57
N THR D 184 -31.80 1.66 20.46
CA THR D 184 -32.17 0.29 20.08
C THR D 184 -33.56 -0.11 20.53
N HIS D 185 -33.95 0.30 21.75
CA HIS D 185 -35.09 -0.32 22.42
C HIS D 185 -36.36 -0.22 21.59
N LYS D 186 -36.96 -1.39 21.33
CA LYS D 186 -38.08 -1.49 20.41
C LYS D 186 -39.30 -0.75 20.93
N ASP D 187 -39.45 -0.63 22.25
CA ASP D 187 -40.64 0.03 22.81
C ASP D 187 -40.79 1.42 22.24
N PHE D 188 -39.68 2.12 22.03
CA PHE D 188 -39.68 3.40 21.37
C PHE D 188 -39.53 3.17 19.88
N TYR D 189 -40.18 4.00 19.07
CA TYR D 189 -39.92 3.94 17.65
C TYR D 189 -38.54 4.53 17.37
N GLN D 190 -37.85 3.97 16.38
CA GLN D 190 -36.48 4.37 16.10
C GLN D 190 -36.48 5.23 14.84
N CYS D 191 -35.99 6.45 14.98
CA CYS D 191 -35.92 7.37 13.86
C CYS D 191 -34.55 8.02 13.92
N GLU D 192 -33.78 7.84 12.85
CA GLU D 192 -32.48 8.45 12.73
C GLU D 192 -32.62 9.72 11.90
N LEU D 193 -31.83 10.73 12.24
CA LEU D 193 -31.81 11.96 11.48
C LEU D 193 -30.43 12.11 10.85
N THR D 194 -30.38 12.21 9.53
CA THR D 194 -29.14 12.58 8.89
C THR D 194 -28.96 14.08 9.03
N GLU D 195 -27.72 14.54 8.84
CA GLU D 195 -27.39 15.93 9.13
C GLU D 195 -28.36 16.87 8.44
N VAL D 196 -28.73 17.95 9.14
CA VAL D 196 -29.60 18.97 8.57
C VAL D 196 -29.19 20.35 9.07
N LYS D 197 -28.00 20.80 8.68
CA LYS D 197 -27.51 22.10 9.10
C LYS D 197 -26.74 22.76 7.96
N ARG D 198 -25.57 22.20 7.63
CA ARG D 198 -24.68 22.72 6.61
C ARG D 198 -24.49 24.23 6.71
N SER D 199 -24.60 24.75 7.93
CA SER D 199 -24.43 26.18 8.16
C SER D 199 -23.02 26.61 7.79
N ASN D 200 -22.84 27.92 7.64
CA ASN D 200 -21.53 28.48 7.29
C ASN D 200 -20.63 28.52 8.52
N ALA D 201 -20.44 27.34 9.10
CA ALA D 201 -19.57 27.13 10.25
C ALA D 201 -18.69 25.94 9.92
N PRO D 202 -17.38 26.12 9.76
CA PRO D 202 -16.53 24.98 9.38
C PRO D 202 -16.57 23.86 10.39
N ILE D 203 -16.73 24.20 11.67
CA ILE D 203 -16.68 23.20 12.73
C ILE D 203 -17.81 22.18 12.54
N ILE D 204 -19.02 22.68 12.25
CA ILE D 204 -20.17 21.80 12.07
C ILE D 204 -20.00 20.94 10.82
N ASP D 205 -19.52 21.55 9.72
CA ASP D 205 -19.32 20.81 8.48
C ASP D 205 -18.24 19.75 8.62
N VAL D 206 -17.15 20.05 9.34
CA VAL D 206 -16.18 19.01 9.68
C VAL D 206 -16.81 17.99 10.62
N ALA D 207 -17.65 18.44 11.54
CA ALA D 207 -18.30 17.52 12.46
C ALA D 207 -19.20 16.53 11.72
N THR D 208 -19.83 16.96 10.64
CA THR D 208 -20.58 16.02 9.80
C THR D 208 -19.65 14.96 9.20
N ASP D 209 -18.50 15.39 8.67
CA ASP D 209 -17.50 14.41 8.25
C ASP D 209 -16.98 13.62 9.44
N VAL D 210 -16.84 14.28 10.59
CA VAL D 210 -16.42 13.58 11.81
C VAL D 210 -17.53 12.63 12.27
N ARG D 211 -18.79 13.06 12.13
CA ARG D 211 -19.91 12.16 12.43
C ARG D 211 -19.87 10.92 11.55
N ASN D 212 -19.42 11.05 10.32
CA ASN D 212 -19.27 9.90 9.45
C ASN D 212 -18.11 9.01 9.90
N GLY D 213 -17.07 9.61 10.47
CA GLY D 213 -15.87 8.88 10.86
C GLY D 213 -14.60 9.28 10.16
N LYS D 214 -14.60 10.31 9.32
CA LYS D 214 -13.35 10.81 8.75
C LYS D 214 -12.46 11.35 9.86
N TRP D 215 -11.15 11.19 9.67
CA TRP D 215 -10.22 11.80 10.60
C TRP D 215 -10.24 13.32 10.42
N ILE D 216 -9.82 14.03 11.48
CA ILE D 216 -9.91 15.49 11.48
C ILE D 216 -9.03 16.09 10.39
N TYR D 217 -9.56 17.12 9.71
CA TYR D 217 -8.85 17.80 8.64
C TYR D 217 -9.09 19.30 8.74
N ASP D 218 -8.19 20.07 8.10
CA ASP D 218 -8.19 21.52 8.24
C ASP D 218 -9.26 22.17 7.35
N LYS D 219 -10.11 22.98 7.96
CA LYS D 219 -11.17 23.71 7.26
C LYS D 219 -11.34 25.10 7.85
N VAL D 220 -11.27 26.13 7.01
CA VAL D 220 -11.26 27.52 7.47
C VAL D 220 -12.26 28.32 6.66
N VAL D 221 -13.11 29.10 7.34
CA VAL D 221 -14.04 30.02 6.71
C VAL D 221 -13.87 31.38 7.39
N ASP D 222 -13.50 32.40 6.61
CA ASP D 222 -13.32 33.77 7.08
C ASP D 222 -12.21 33.87 8.12
N GLY D 223 -11.34 32.88 8.20
CA GLY D 223 -10.32 32.84 9.22
C GLY D 223 -10.69 32.06 10.47
N HIS D 224 -11.89 31.48 10.51
CA HIS D 224 -12.37 30.75 11.67
C HIS D 224 -12.76 29.35 11.25
N GLY D 225 -12.22 28.34 11.95
CA GLY D 225 -12.55 26.97 11.62
C GLY D 225 -11.57 26.00 12.26
N VAL D 226 -11.58 24.77 11.74
CA VAL D 226 -10.66 23.74 12.18
C VAL D 226 -9.30 23.94 11.50
N ARG D 227 -8.25 24.02 12.30
CA ARG D 227 -6.90 24.17 11.76
C ARG D 227 -5.96 23.26 12.52
N GLY D 228 -5.15 22.51 11.77
CA GLY D 228 -4.25 21.52 12.34
C GLY D 228 -2.79 21.91 12.34
N PHE D 229 -2.01 21.29 13.22
CA PHE D 229 -0.57 21.50 13.29
C PHE D 229 0.12 20.17 13.03
N THR D 230 0.81 20.10 11.89
CA THR D 230 1.46 18.91 11.41
C THR D 230 2.90 19.27 11.06
N GLY D 231 3.73 18.25 10.82
CA GLY D 231 5.10 18.49 10.46
C GLY D 231 6.04 18.22 11.62
N ASP D 232 7.33 18.40 11.34
CA ASP D 232 8.34 18.19 12.38
C ASP D 232 8.10 19.13 13.55
N THR D 233 7.86 20.42 13.27
CA THR D 233 7.45 21.38 14.26
C THR D 233 5.96 21.63 14.11
N ALA D 234 5.22 21.55 15.22
CA ALA D 234 3.78 21.80 15.14
C ALA D 234 3.16 22.18 16.46
N LEU D 235 3.39 21.38 17.50
CA LEU D 235 2.82 21.66 18.82
C LEU D 235 3.34 22.97 19.36
N ARG D 236 4.66 23.19 19.25
CA ARG D 236 5.25 24.46 19.65
C ARG D 236 4.54 25.63 18.96
N ASP D 237 4.18 25.46 17.69
CA ASP D 237 3.31 26.44 17.03
C ASP D 237 1.93 26.45 17.65
N PHE D 238 1.34 25.26 17.88
CA PHE D 238 0.03 25.16 18.48
C PHE D 238 0.01 25.81 19.86
N MET D 239 1.12 25.71 20.58
CA MET D 239 1.29 26.31 21.91
C MET D 239 1.59 27.80 21.84
N VAL D 240 2.54 28.21 20.98
CA VAL D 240 2.82 29.63 20.81
C VAL D 240 1.62 30.35 20.23
N ASN D 241 0.86 29.67 19.37
CA ASN D 241 -0.43 30.20 18.97
C ASN D 241 -1.42 30.17 20.13
N TYR D 242 -1.36 29.13 20.97
CA TYR D 242 -2.27 29.06 22.11
C TYR D 242 -2.05 30.22 23.07
N PHE D 243 -0.80 30.43 23.50
CA PHE D 243 -0.51 31.56 24.36
C PHE D 243 -0.83 32.88 23.68
N SER D 244 -0.62 32.95 22.36
CA SER D 244 -0.95 34.17 21.62
C SER D 244 -2.44 34.50 21.71
N ILE D 245 -3.30 33.49 21.64
CA ILE D 245 -4.74 33.77 21.68
C ILE D 245 -5.17 34.22 23.07
N VAL D 246 -4.77 33.47 24.10
CA VAL D 246 -5.18 33.80 25.46
C VAL D 246 -4.31 34.92 26.01
N LYS D 247 -3.00 34.72 25.98
CA LYS D 247 -2.02 35.66 26.55
C LYS D 247 -2.38 35.77 28.03
N SER D 248 -2.48 36.98 28.59
CA SER D 248 -2.80 37.13 30.01
C SER D 248 -4.29 37.01 30.29
N LEU D 249 -5.09 36.55 29.33
CA LEU D 249 -6.53 36.37 29.56
C LEU D 249 -6.77 35.47 30.77
N ASP D 250 -7.47 36.01 31.76
CA ASP D 250 -7.96 35.20 32.85
C ASP D 250 -9.30 34.59 32.48
N ASP D 251 -9.82 34.94 31.31
CA ASP D 251 -11.09 34.44 30.81
C ASP D 251 -10.84 33.29 29.84
N LEU D 252 -10.99 32.08 30.35
CA LEU D 252 -11.04 30.90 29.51
C LEU D 252 -12.46 30.35 29.44
N PHE D 253 -13.44 31.13 29.90
CA PHE D 253 -14.84 30.70 29.88
C PHE D 253 -15.21 30.12 28.52
N GLU D 254 -14.64 30.70 27.46
CA GLU D 254 -14.82 30.21 26.11
C GLU D 254 -13.62 29.41 25.61
N ASN D 255 -12.60 29.20 26.46
CA ASN D 255 -11.40 28.44 26.10
C ASN D 255 -11.26 27.24 27.04
N ARG D 256 -11.66 26.07 26.57
CA ARG D 256 -11.53 24.83 27.33
C ARG D 256 -10.68 23.86 26.52
N VAL D 257 -9.49 23.54 27.00
CA VAL D 257 -8.65 22.55 26.34
C VAL D 257 -9.03 21.17 26.87
N MET D 258 -9.12 20.22 25.97
CA MET D 258 -9.63 18.88 26.27
C MET D 258 -8.67 17.83 25.76
N ALA D 259 -8.50 16.77 26.55
CA ALA D 259 -7.64 15.64 26.21
C ALA D 259 -8.27 14.37 26.74
N PHE D 260 -7.80 13.23 26.22
CA PHE D 260 -8.36 11.94 26.62
C PHE D 260 -7.99 11.58 28.05
N THR D 261 -6.70 11.31 28.28
CA THR D 261 -6.28 10.82 29.58
C THR D 261 -6.44 11.88 30.67
N ASN D 262 -6.63 11.42 31.90
CA ASN D 262 -6.51 12.31 33.05
C ASN D 262 -5.04 12.58 33.35
N LYS D 263 -4.13 11.75 32.84
CA LYS D 263 -2.70 12.06 32.90
C LYS D 263 -2.44 13.42 32.28
N SER D 264 -2.95 13.64 31.08
CA SER D 264 -2.72 14.88 30.36
C SER D 264 -3.31 16.08 31.12
N VAL D 265 -4.57 15.96 31.56
CA VAL D 265 -5.26 17.07 32.20
C VAL D 265 -4.42 17.64 33.35
N ASP D 266 -3.88 16.77 34.20
CA ASP D 266 -3.00 17.22 35.26
C ASP D 266 -1.72 17.82 34.71
N LYS D 267 -1.13 17.19 33.69
CA LYS D 267 0.06 17.76 33.06
C LYS D 267 -0.22 19.13 32.47
N LEU D 268 -1.45 19.38 32.02
CA LEU D 268 -1.78 20.68 31.43
C LEU D 268 -1.92 21.76 32.50
N ASN D 269 -2.89 21.61 33.40
CA ASN D 269 -3.11 22.58 34.47
C ASN D 269 -1.82 22.94 35.19
N SER D 270 -0.94 21.97 35.40
CA SER D 270 0.40 22.26 35.93
C SER D 270 1.12 23.25 35.02
N ILE D 271 1.31 22.90 33.75
CA ILE D 271 1.97 23.81 32.81
C ILE D 271 1.13 25.06 32.59
N ILE D 272 -0.18 24.89 32.42
CA ILE D 272 -1.04 26.05 32.14
C ILE D 272 -0.90 27.09 33.24
N ARG D 273 -0.86 26.65 34.50
CA ARG D 273 -0.72 27.59 35.61
C ARG D 273 0.59 28.36 35.53
N LYS D 274 1.71 27.69 35.23
CA LYS D 274 3.02 28.34 35.34
C LYS D 274 3.16 29.56 34.44
N LYS D 275 2.46 29.60 33.30
CA LYS D 275 2.47 30.82 32.50
C LYS D 275 1.51 31.84 33.09
N ILE D 276 0.27 31.44 33.31
CA ILE D 276 -0.76 32.38 33.76
C ILE D 276 -0.45 32.87 35.17
N PHE D 277 -0.13 31.95 36.07
CA PHE D 277 0.31 32.30 37.42
C PHE D 277 1.81 32.03 37.51
N GLU D 278 2.56 33.00 37.98
CA GLU D 278 4.00 32.78 37.96
C GLU D 278 4.45 31.91 39.12
N THR D 279 3.73 30.82 39.40
CA THR D 279 4.04 29.92 40.49
C THR D 279 3.73 28.49 40.07
N ASP D 280 4.53 27.56 40.56
CA ASP D 280 4.27 26.13 40.37
C ASP D 280 3.65 25.57 41.65
N LYS D 281 2.32 25.46 41.66
CA LYS D 281 1.57 24.99 42.82
C LYS D 281 0.47 24.05 42.37
N ASP D 282 0.16 23.02 43.19
CA ASP D 282 -1.07 22.27 42.95
C ASP D 282 -2.30 23.10 43.25
N PHE D 283 -2.20 24.04 44.17
CA PHE D 283 -3.30 24.95 44.43
C PHE D 283 -2.77 26.36 44.61
N ILE D 284 -3.39 27.29 43.91
CA ILE D 284 -3.07 28.70 43.98
C ILE D 284 -4.35 29.43 44.37
N VAL D 285 -4.21 30.46 45.21
CA VAL D 285 -5.38 31.15 45.72
C VAL D 285 -6.13 31.86 44.61
N GLY D 286 -7.47 31.78 44.65
CA GLY D 286 -8.31 32.54 43.76
C GLY D 286 -8.74 31.85 42.48
N GLU D 287 -8.36 30.60 42.26
CA GLU D 287 -8.69 29.92 41.01
C GLU D 287 -10.12 29.39 41.05
N ILE D 288 -10.73 29.30 39.87
CA ILE D 288 -12.08 28.75 39.71
C ILE D 288 -11.94 27.33 39.15
N ILE D 289 -12.60 26.37 39.79
CA ILE D 289 -12.56 24.96 39.41
C ILE D 289 -13.97 24.41 39.41
N VAL D 290 -14.12 23.18 38.92
CA VAL D 290 -15.42 22.56 38.69
C VAL D 290 -15.55 21.29 39.52
N MET D 291 -16.74 21.09 40.10
CA MET D 291 -17.01 19.89 40.90
C MET D 291 -16.92 18.63 40.04
N GLN D 292 -16.41 17.55 40.65
CA GLN D 292 -16.42 16.23 40.00
C GLN D 292 -17.38 15.22 40.62
N GLU D 293 -17.81 15.43 41.86
CA GLU D 293 -18.81 14.57 42.50
C GLU D 293 -19.80 15.47 43.22
N PRO D 294 -20.98 14.96 43.55
CA PRO D 294 -21.90 15.76 44.36
C PRO D 294 -21.34 15.93 45.77
N LEU D 295 -21.67 17.07 46.38
CA LEU D 295 -21.21 17.37 47.72
C LEU D 295 -22.41 17.41 48.68
N PHE D 296 -22.38 16.53 49.67
CA PHE D 296 -23.38 16.48 50.72
C PHE D 296 -22.76 16.97 52.01
N LYS D 297 -23.49 17.80 52.76
CA LYS D 297 -23.06 18.30 54.07
C LYS D 297 -23.70 17.43 55.16
N THR D 298 -22.91 16.56 55.77
CA THR D 298 -23.44 15.60 56.74
C THR D 298 -23.42 16.17 58.15
N TYR D 299 -24.54 15.99 58.87
CA TYR D 299 -24.66 16.33 60.28
C TYR D 299 -25.09 15.11 61.08
N LYS D 300 -24.66 15.07 62.33
CA LYS D 300 -25.08 14.01 63.26
C LYS D 300 -26.44 14.36 63.85
N ILE D 301 -27.45 13.57 63.52
CA ILE D 301 -28.81 13.78 64.00
C ILE D 301 -29.45 12.43 64.24
N ASP D 302 -30.27 12.32 65.29
CA ASP D 302 -30.94 11.08 65.66
C ASP D 302 -29.96 9.90 65.75
N GLY D 303 -28.71 10.20 66.06
CA GLY D 303 -27.65 9.21 66.06
C GLY D 303 -27.21 8.73 64.70
N LYS D 304 -27.73 9.31 63.62
CA LYS D 304 -27.39 8.92 62.26
C LYS D 304 -26.69 10.06 61.54
N PRO D 305 -25.53 9.84 60.93
CA PRO D 305 -24.97 10.88 60.06
C PRO D 305 -25.85 11.06 58.84
N VAL D 306 -26.49 12.21 58.71
CA VAL D 306 -27.36 12.54 57.59
C VAL D 306 -26.70 13.60 56.72
N SER D 307 -26.70 13.38 55.41
CA SER D 307 -26.07 14.26 54.45
C SER D 307 -27.12 15.11 53.72
N GLU D 308 -26.77 16.37 53.44
CA GLU D 308 -27.62 17.30 52.69
C GLU D 308 -26.85 17.97 51.56
N ILE D 309 -27.50 18.08 50.39
CA ILE D 309 -26.88 18.63 49.19
C ILE D 309 -26.66 20.14 49.32
N ILE D 310 -25.42 20.57 49.11
CA ILE D 310 -25.06 22.00 49.02
C ILE D 310 -24.68 22.39 47.59
N PHE D 311 -23.61 21.80 47.06
CA PHE D 311 -23.08 22.10 45.74
C PHE D 311 -23.32 20.94 44.78
N ASN D 312 -23.88 21.25 43.62
CA ASN D 312 -24.12 20.24 42.59
C ASN D 312 -22.83 19.90 41.85
N ASN D 313 -22.78 18.66 41.35
CA ASN D 313 -21.66 18.21 40.53
C ASN D 313 -21.64 18.94 39.19
N GLY D 314 -20.50 19.54 38.85
CA GLY D 314 -20.39 20.39 37.69
C GLY D 314 -20.49 21.86 37.98
N GLN D 315 -20.80 22.23 39.22
CA GLN D 315 -20.78 23.63 39.62
C GLN D 315 -19.35 24.15 39.61
N LEU D 316 -19.14 25.31 39.00
CA LEU D 316 -17.87 25.99 39.09
C LEU D 316 -17.80 26.77 40.40
N VAL D 317 -16.61 26.83 40.99
CA VAL D 317 -16.39 27.49 42.27
C VAL D 317 -15.02 28.15 42.29
N ARG D 318 -14.91 29.26 43.02
CA ARG D 318 -13.66 30.01 43.16
C ARG D 318 -13.04 29.83 44.54
N ILE D 319 -11.73 29.64 44.56
CA ILE D 319 -11.00 29.58 45.83
C ILE D 319 -10.98 30.96 46.47
N ILE D 320 -11.42 31.04 47.73
CA ILE D 320 -11.33 32.27 48.49
C ILE D 320 -9.98 32.28 49.21
N GLU D 321 -9.73 31.24 50.01
CA GLU D 321 -8.46 31.05 50.67
C GLU D 321 -7.98 29.64 50.37
N ALA D 322 -6.68 29.51 50.08
CA ALA D 322 -6.08 28.22 49.73
C ALA D 322 -4.81 28.04 50.53
N GLU D 323 -4.68 26.87 51.18
CA GLU D 323 -3.44 26.58 51.88
C GLU D 323 -3.32 25.07 52.08
N TYR D 324 -2.09 24.59 52.18
CA TYR D 324 -1.79 23.19 52.39
C TYR D 324 -1.48 22.97 53.86
N THR D 325 -2.29 22.15 54.53
CA THR D 325 -2.10 21.86 55.94
C THR D 325 -2.00 20.36 56.21
N SER D 326 -1.96 19.97 57.47
CA SER D 326 -1.82 18.57 57.84
C SER D 326 -2.90 18.17 58.83
N THR D 327 -3.18 16.86 58.88
CA THR D 327 -4.19 16.33 59.78
C THR D 327 -3.85 14.90 60.17
N PHE D 328 -3.73 14.65 61.48
CA PHE D 328 -3.64 13.29 61.99
C PHE D 328 -5.04 12.69 61.94
N VAL D 329 -5.23 11.58 61.24
CA VAL D 329 -6.53 10.94 61.12
C VAL D 329 -6.50 9.63 61.89
N LYS D 330 -7.49 9.43 62.75
CA LYS D 330 -7.67 8.22 63.53
C LYS D 330 -9.04 7.63 63.23
N ALA D 331 -9.09 6.32 63.06
CA ALA D 331 -10.34 5.59 62.89
C ALA D 331 -10.53 4.68 64.10
N ARG D 332 -11.74 4.70 64.67
CA ARG D 332 -12.04 3.76 65.74
C ARG D 332 -11.86 2.34 65.23
N GLY D 333 -11.18 1.51 66.01
CA GLY D 333 -10.75 0.22 65.56
C GLY D 333 -9.39 0.21 64.88
N VAL D 334 -8.82 1.37 64.63
CA VAL D 334 -7.47 1.49 64.07
C VAL D 334 -6.63 2.23 65.11
N PRO D 335 -5.53 1.65 65.60
CA PRO D 335 -4.79 2.26 66.71
C PRO D 335 -4.13 3.57 66.30
N GLY D 336 -4.30 4.58 67.13
CA GLY D 336 -3.60 5.83 66.94
C GLY D 336 -4.17 6.68 65.82
N GLU D 337 -3.46 7.78 65.56
CA GLU D 337 -3.83 8.72 64.52
C GLU D 337 -2.78 8.70 63.42
N TYR D 338 -3.22 9.04 62.20
CA TYR D 338 -2.37 8.94 61.02
C TYR D 338 -2.35 10.29 60.31
N LEU D 339 -1.16 10.86 60.15
CA LEU D 339 -1.05 12.19 59.56
C LEU D 339 -1.27 12.11 58.06
N ILE D 340 -2.07 13.05 57.54
CA ILE D 340 -2.29 13.21 56.11
C ILE D 340 -2.16 14.69 55.81
N ARG D 341 -1.18 15.04 54.97
CA ARG D 341 -1.03 16.41 54.54
C ARG D 341 -1.96 16.65 53.35
N HIS D 342 -2.73 17.73 53.42
CA HIS D 342 -3.78 18.02 52.46
C HIS D 342 -3.83 19.52 52.23
N TRP D 343 -4.74 19.95 51.37
CA TRP D 343 -5.01 21.36 51.14
C TRP D 343 -6.29 21.77 51.86
N ASP D 344 -6.20 22.84 52.66
CA ASP D 344 -7.35 23.46 53.30
C ASP D 344 -7.79 24.61 52.41
N LEU D 345 -8.71 24.30 51.49
CA LEU D 345 -9.19 25.24 50.48
C LEU D 345 -10.54 25.76 50.92
N THR D 346 -10.71 27.07 50.91
CA THR D 346 -12.02 27.68 51.10
C THR D 346 -12.58 28.03 49.73
N VAL D 347 -13.87 27.75 49.53
CA VAL D 347 -14.46 27.83 48.19
C VAL D 347 -15.82 28.52 48.27
N GLU D 348 -16.15 29.22 47.19
CA GLU D 348 -17.38 29.99 47.08
C GLU D 348 -18.18 29.57 45.85
N THR D 349 -19.49 29.83 45.90
CA THR D 349 -20.37 29.51 44.78
C THR D 349 -20.07 30.40 43.58
N TYR D 350 -19.99 29.79 42.40
CA TYR D 350 -19.90 30.54 41.15
C TYR D 350 -21.09 30.18 40.27
N GLY D 351 -21.92 31.18 39.97
CA GLY D 351 -23.07 31.03 39.11
C GLY D 351 -24.25 31.78 39.70
N ASP D 352 -25.43 31.51 39.15
CA ASP D 352 -26.66 32.16 39.57
C ASP D 352 -27.43 31.34 40.59
N ASP D 353 -26.93 30.15 40.94
CA ASP D 353 -27.56 29.31 41.94
C ASP D 353 -27.30 29.88 43.33
N GLU D 354 -27.82 29.19 44.35
CA GLU D 354 -27.68 29.67 45.72
C GLU D 354 -26.20 29.79 46.11
N TYR D 355 -25.86 30.91 46.75
CA TYR D 355 -24.49 31.19 47.12
C TYR D 355 -24.14 30.47 48.42
N TYR D 356 -23.01 29.76 48.42
CA TYR D 356 -22.55 29.03 49.60
C TYR D 356 -21.05 29.19 49.73
N ARG D 357 -20.59 29.44 50.96
CA ARG D 357 -19.17 29.41 51.29
C ARG D 357 -18.91 28.24 52.23
N GLU D 358 -18.13 27.26 51.77
CA GLU D 358 -17.85 26.06 52.55
C GLU D 358 -16.38 25.72 52.39
N LYS D 359 -15.96 24.64 53.03
CA LYS D 359 -14.57 24.20 52.99
C LYS D 359 -14.49 22.68 53.11
N ILE D 360 -13.74 22.07 52.21
CA ILE D 360 -13.51 20.64 52.18
C ILE D 360 -12.01 20.38 52.19
N LYS D 361 -11.64 19.18 52.63
CA LYS D 361 -10.27 18.72 52.54
C LYS D 361 -10.09 17.98 51.22
N ILE D 362 -8.99 18.27 50.53
CA ILE D 362 -8.76 17.68 49.21
C ILE D 362 -7.29 17.30 49.11
N ILE D 363 -7.03 16.05 48.72
CA ILE D 363 -5.69 15.50 48.65
C ILE D 363 -5.17 15.65 47.23
N SER D 364 -4.03 16.30 47.07
CA SER D 364 -3.40 16.48 45.78
C SER D 364 -1.95 16.00 45.82
N SER D 365 -1.71 14.90 46.53
CA SER D 365 -0.41 14.24 46.55
C SER D 365 -0.66 12.77 46.23
N ASP D 366 0.08 12.25 45.25
CA ASP D 366 -0.09 10.86 44.85
C ASP D 366 0.23 9.91 45.99
N GLU D 367 1.26 10.22 46.77
CA GLU D 367 1.64 9.39 47.90
C GLU D 367 0.55 9.34 48.97
N GLU D 368 -0.07 10.49 49.26
CA GLU D 368 -1.07 10.53 50.34
C GLU D 368 -2.34 9.76 49.96
N LEU D 369 -2.83 9.92 48.74
CA LEU D 369 -3.97 9.13 48.32
C LEU D 369 -3.60 7.65 48.29
N TYR D 370 -2.42 7.34 47.77
CA TYR D 370 -1.88 5.98 47.87
C TYR D 370 -1.70 5.57 49.33
N LYS D 371 -1.25 6.49 50.18
CA LYS D 371 -1.29 6.25 51.63
C LYS D 371 -2.73 6.14 52.14
N PHE D 372 -3.63 6.97 51.62
CA PHE D 372 -5.00 7.00 52.12
C PHE D 372 -5.73 5.69 51.83
N ASN D 373 -5.69 5.22 50.58
CA ASN D 373 -6.37 3.98 50.26
C ASN D 373 -5.80 2.81 51.04
N LEU D 374 -4.48 2.79 51.26
CA LEU D 374 -3.86 1.73 52.04
C LEU D 374 -4.36 1.74 53.48
N PHE D 375 -4.41 2.93 54.10
CA PHE D 375 -5.04 3.04 55.41
C PHE D 375 -6.48 2.53 55.35
N LEU D 376 -7.23 2.97 54.34
CA LEU D 376 -8.55 2.38 54.13
C LEU D 376 -8.45 0.88 53.89
N GLY D 377 -7.39 0.44 53.22
CA GLY D 377 -7.28 -0.96 52.87
C GLY D 377 -7.06 -1.84 54.09
N LYS D 378 -6.27 -1.37 55.05
CA LYS D 378 -6.11 -2.10 56.30
C LYS D 378 -7.42 -2.15 57.09
N THR D 379 -8.05 -0.98 57.30
CA THR D 379 -9.33 -0.98 58.00
C THR D 379 -10.41 -1.71 57.20
N ALA D 380 -10.36 -1.67 55.87
CA ALA D 380 -11.30 -2.46 55.09
C ALA D 380 -11.03 -3.96 55.24
N GLU D 381 -9.76 -4.37 55.13
CA GLU D 381 -9.44 -5.77 55.33
C GLU D 381 -9.77 -6.21 56.75
N THR D 382 -9.56 -5.32 57.73
CA THR D 382 -9.83 -5.70 59.11
C THR D 382 -11.31 -5.64 59.44
N TYR D 383 -12.05 -4.72 58.82
CA TYR D 383 -13.49 -4.69 59.08
C TYR D 383 -14.20 -5.84 58.37
N LYS D 384 -13.71 -6.24 57.18
CA LYS D 384 -14.33 -7.36 56.48
C LYS D 384 -14.07 -8.68 57.18
N ASN D 385 -12.89 -8.84 57.80
CA ASN D 385 -12.57 -9.99 58.66
C ASN D 385 -12.15 -9.40 60.00
N TRP D 386 -13.13 -9.19 60.86
CA TRP D 386 -12.92 -8.54 62.15
C TRP D 386 -12.63 -9.60 63.21
N ASN D 387 -11.51 -9.45 63.92
CA ASN D 387 -11.10 -10.42 64.95
C ASN D 387 -12.07 -10.45 66.13
N LYS D 388 -13.06 -9.56 66.15
CA LYS D 388 -14.16 -9.64 67.11
C LYS D 388 -15.41 -10.27 66.52
N GLY D 389 -15.64 -10.07 65.21
CA GLY D 389 -16.87 -10.54 64.60
C GLY D 389 -17.99 -9.52 64.74
N GLY D 390 -19.12 -9.83 64.10
CA GLY D 390 -20.25 -8.92 64.18
C GLY D 390 -20.25 -7.77 63.19
N LYS D 391 -20.61 -6.58 63.68
CA LYS D 391 -20.85 -5.41 62.84
C LYS D 391 -19.78 -4.35 63.10
N ALA D 392 -18.87 -4.19 62.13
CA ALA D 392 -17.92 -3.08 62.17
C ALA D 392 -18.62 -1.79 61.77
N PRO D 393 -18.36 -0.69 62.48
CA PRO D 393 -19.07 0.58 62.25
C PRO D 393 -18.57 1.29 61.00
N TRP D 394 -19.48 1.50 60.04
CA TRP D 394 -19.19 2.23 58.80
C TRP D 394 -19.62 3.70 58.83
N SER D 395 -20.25 4.18 59.90
CA SER D 395 -20.67 5.57 59.96
C SER D 395 -19.51 6.54 59.78
N ASP D 396 -18.30 6.14 60.13
CA ASP D 396 -17.12 6.96 59.91
C ASP D 396 -16.43 6.68 58.58
N PHE D 397 -16.94 5.75 57.78
CA PHE D 397 -16.28 5.43 56.51
C PHE D 397 -16.57 6.47 55.43
N TRP D 398 -17.84 6.59 55.01
CA TRP D 398 -18.16 7.53 53.95
C TRP D 398 -17.95 8.95 54.42
N ASP D 399 -18.28 9.23 55.69
CA ASP D 399 -17.95 10.51 56.29
C ASP D 399 -16.47 10.84 56.08
N ALA D 400 -15.60 9.83 56.13
CA ALA D 400 -14.19 10.03 55.82
C ALA D 400 -13.93 10.09 54.33
N LYS D 401 -14.69 9.33 53.53
CA LYS D 401 -14.56 9.46 52.08
C LYS D 401 -15.16 10.78 51.63
N SER D 402 -16.33 11.14 52.16
CA SER D 402 -16.93 12.43 51.86
C SER D 402 -16.28 13.56 52.67
N GLN D 403 -15.44 13.21 53.64
CA GLN D 403 -14.59 14.22 54.29
C GLN D 403 -13.81 14.98 53.24
N PHE D 404 -13.56 14.33 52.11
CA PHE D 404 -12.89 14.92 50.98
C PHE D 404 -13.88 14.86 49.83
N SER D 405 -14.08 15.99 49.16
CA SER D 405 -14.85 15.93 47.93
C SER D 405 -13.86 15.93 46.78
N LYS D 406 -14.37 15.70 45.57
CA LYS D 406 -13.52 15.59 44.40
C LYS D 406 -13.93 16.63 43.37
N VAL D 407 -12.98 17.46 42.97
CA VAL D 407 -13.18 18.54 42.01
C VAL D 407 -11.97 18.57 41.09
N LYS D 408 -12.13 19.25 39.97
CA LYS D 408 -11.05 19.42 39.01
C LYS D 408 -10.98 20.85 38.53
N ALA D 409 -9.78 21.27 38.16
CA ALA D 409 -9.54 22.63 37.69
C ALA D 409 -10.26 22.87 36.36
N LEU D 410 -10.47 24.16 36.08
CA LEU D 410 -11.14 24.52 34.83
C LEU D 410 -10.24 24.35 33.60
N PRO D 411 -8.96 24.80 33.60
CA PRO D 411 -8.24 24.91 32.32
C PRO D 411 -8.35 23.70 31.43
N ALA D 412 -8.09 22.51 31.96
CA ALA D 412 -8.17 21.29 31.18
C ALA D 412 -9.23 20.38 31.80
N SER D 413 -9.96 19.67 30.94
CA SER D 413 -10.87 18.65 31.40
C SER D 413 -10.90 17.54 30.35
N THR D 414 -11.44 16.39 30.73
CA THR D 414 -11.63 15.34 29.75
C THR D 414 -12.80 15.71 28.84
N PHE D 415 -12.75 15.20 27.61
CA PHE D 415 -13.84 15.43 26.66
C PHE D 415 -15.20 15.10 27.26
N HIS D 416 -15.27 14.06 28.09
CA HIS D 416 -16.47 13.80 28.87
C HIS D 416 -16.85 14.97 29.77
N LYS D 417 -15.88 15.53 30.47
CA LYS D 417 -16.19 16.56 31.46
C LYS D 417 -16.52 17.92 30.84
N ALA D 418 -16.31 18.08 29.54
CA ALA D 418 -16.67 19.29 28.82
C ALA D 418 -18.00 19.18 28.08
N GLN D 419 -18.67 18.02 28.14
CA GLN D 419 -19.90 17.80 27.38
C GLN D 419 -20.96 18.86 27.68
N GLY D 420 -21.68 19.25 26.63
CA GLY D 420 -22.82 20.14 26.72
C GLY D 420 -22.51 21.63 26.75
N MET D 421 -21.38 21.99 27.36
CA MET D 421 -21.01 23.40 27.52
C MET D 421 -20.39 23.91 26.23
N SER D 422 -21.10 24.80 25.54
CA SER D 422 -20.65 25.33 24.26
C SER D 422 -19.74 26.54 24.49
N VAL D 423 -18.50 26.45 24.01
CA VAL D 423 -17.48 27.48 24.21
C VAL D 423 -16.92 27.91 22.87
N ASP D 424 -16.24 29.06 22.86
CA ASP D 424 -15.77 29.64 21.61
C ASP D 424 -14.71 28.78 20.93
N ARG D 425 -13.57 28.58 21.60
CA ARG D 425 -12.38 27.99 21.00
C ARG D 425 -11.99 26.71 21.73
N ALA D 426 -11.71 25.65 20.99
CA ALA D 426 -11.32 24.36 21.55
C ALA D 426 -9.91 24.01 21.12
N PHE D 427 -9.09 23.63 22.11
CA PHE D 427 -7.77 23.04 21.87
C PHE D 427 -7.80 21.57 22.25
N ILE D 428 -7.33 20.71 21.35
CA ILE D 428 -7.48 19.26 21.46
C ILE D 428 -6.11 18.60 21.44
N TYR D 429 -5.94 17.55 22.25
CA TYR D 429 -4.70 16.78 22.35
C TYR D 429 -4.96 15.37 21.82
N THR D 430 -4.36 15.05 20.67
CA THR D 430 -4.57 13.78 19.97
C THR D 430 -3.70 12.61 20.42
N PRO D 431 -2.43 12.81 20.84
CA PRO D 431 -1.53 11.63 20.97
C PRO D 431 -2.08 10.51 21.85
N CYS D 432 -2.80 10.84 22.91
CA CYS D 432 -3.26 9.83 23.86
C CYS D 432 -4.56 9.13 23.47
N ILE D 433 -5.16 9.49 22.34
CA ILE D 433 -6.50 8.99 22.04
C ILE D 433 -6.49 7.52 21.64
N HIS D 434 -5.35 7.03 21.13
CA HIS D 434 -5.30 5.69 20.54
C HIS D 434 -5.57 4.59 21.56
N TYR D 435 -5.33 4.85 22.84
CA TYR D 435 -5.55 3.85 23.87
C TYR D 435 -7.01 3.70 24.26
N ALA D 436 -7.89 4.53 23.72
CA ALA D 436 -9.31 4.33 23.85
C ALA D 436 -9.75 3.52 22.65
N ASP D 437 -10.83 2.76 22.80
CA ASP D 437 -11.30 1.96 21.67
C ASP D 437 -11.76 2.88 20.55
N VAL D 438 -11.70 2.37 19.32
CA VAL D 438 -11.96 3.20 18.14
C VAL D 438 -13.35 3.80 18.20
N GLU D 439 -14.37 2.98 18.47
CA GLU D 439 -15.73 3.49 18.52
C GLU D 439 -15.83 4.68 19.48
N LEU D 440 -15.31 4.52 20.69
CA LEU D 440 -15.31 5.62 21.66
C LEU D 440 -14.39 6.75 21.19
N ALA D 441 -13.21 6.40 20.66
CA ALA D 441 -12.27 7.42 20.22
C ALA D 441 -12.87 8.29 19.12
N GLN D 442 -13.73 7.70 18.27
CA GLN D 442 -14.42 8.50 17.26
C GLN D 442 -15.60 9.24 17.88
N GLN D 443 -16.22 8.66 18.92
CA GLN D 443 -17.28 9.35 19.65
C GLN D 443 -16.75 10.59 20.36
N LEU D 444 -15.50 10.53 20.85
CA LEU D 444 -14.90 11.68 21.51
C LEU D 444 -14.75 12.86 20.55
N LEU D 445 -14.23 12.61 19.35
CA LEU D 445 -14.09 13.69 18.37
C LEU D 445 -15.41 14.41 18.12
N TYR D 446 -16.53 13.68 18.22
CA TYR D 446 -17.84 14.29 17.90
C TYR D 446 -18.29 15.27 19.00
N VAL D 447 -18.50 14.78 20.23
CA VAL D 447 -19.02 15.64 21.30
C VAL D 447 -18.10 16.83 21.54
N GLY D 448 -16.78 16.59 21.57
CA GLY D 448 -15.84 17.68 21.75
C GLY D 448 -16.01 18.78 20.73
N VAL D 449 -16.16 18.40 19.46
CA VAL D 449 -16.40 19.40 18.41
C VAL D 449 -17.69 20.17 18.70
N THR D 450 -18.72 19.48 19.20
CA THR D 450 -19.98 20.17 19.49
C THR D 450 -19.86 21.14 20.65
N ARG D 451 -18.73 21.11 21.39
CA ARG D 451 -18.50 22.07 22.46
C ARG D 451 -18.05 23.41 21.91
N GLY D 452 -17.32 23.42 20.80
CA GLY D 452 -16.92 24.68 20.22
C GLY D 452 -18.04 25.31 19.42
N ARG D 453 -18.66 26.35 19.97
CA ARG D 453 -19.69 27.06 19.21
C ARG D 453 -19.07 27.93 18.13
N TYR D 454 -17.94 28.57 18.45
CA TYR D 454 -17.29 29.49 17.53
C TYR D 454 -16.15 28.81 16.77
N ASP D 455 -15.20 28.21 17.50
CA ASP D 455 -14.01 27.66 16.88
C ASP D 455 -13.57 26.38 17.57
N VAL D 456 -12.79 25.58 16.85
CA VAL D 456 -12.16 24.37 17.36
C VAL D 456 -10.81 24.25 16.67
N PHE D 457 -9.75 24.04 17.45
CA PHE D 457 -8.43 23.83 16.88
C PHE D 457 -7.81 22.55 17.41
N TYR D 458 -7.09 21.84 16.54
CA TYR D 458 -6.43 20.58 16.89
C TYR D 458 -4.96 20.62 16.50
N VAL D 459 -4.12 20.04 17.35
CA VAL D 459 -2.72 19.82 17.00
C VAL D 459 -2.55 18.37 16.59
ZN ZN G . -10.98 7.25 -19.74
ZN ZN H . -7.45 -9.56 2.38
#